data_4F69
# 
_entry.id   4F69 
# 
_audit_conform.dict_name       mmcif_pdbx.dic 
_audit_conform.dict_version    5.387 
_audit_conform.dict_location   http://mmcif.pdb.org/dictionaries/ascii/mmcif_pdbx.dic 
# 
loop_
_database_2.database_id 
_database_2.database_code 
_database_2.pdbx_database_accession 
_database_2.pdbx_DOI 
PDB   4F69         pdb_00004f69 10.2210/pdb4f69/pdb 
RCSB  RCSB072507   ?            ?                   
WWPDB D_1000072507 ?            ?                   
# 
loop_
_pdbx_audit_revision_history.ordinal 
_pdbx_audit_revision_history.data_content_type 
_pdbx_audit_revision_history.major_revision 
_pdbx_audit_revision_history.minor_revision 
_pdbx_audit_revision_history.revision_date 
1 'Structure model' 1 0 2012-05-30 
2 'Structure model' 1 1 2024-02-28 
# 
_pdbx_audit_revision_details.ordinal             1 
_pdbx_audit_revision_details.revision_ordinal    1 
_pdbx_audit_revision_details.data_content_type   'Structure model' 
_pdbx_audit_revision_details.provider            repository 
_pdbx_audit_revision_details.type                'Initial release' 
_pdbx_audit_revision_details.description         ? 
_pdbx_audit_revision_details.details             ? 
# 
loop_
_pdbx_audit_revision_group.ordinal 
_pdbx_audit_revision_group.revision_ordinal 
_pdbx_audit_revision_group.data_content_type 
_pdbx_audit_revision_group.group 
1 2 'Structure model' 'Data collection'      
2 2 'Structure model' 'Database references'  
3 2 'Structure model' 'Derived calculations' 
# 
loop_
_pdbx_audit_revision_category.ordinal 
_pdbx_audit_revision_category.revision_ordinal 
_pdbx_audit_revision_category.data_content_type 
_pdbx_audit_revision_category.category 
1 2 'Structure model' chem_comp_atom     
2 2 'Structure model' chem_comp_bond     
3 2 'Structure model' database_2         
4 2 'Structure model' struct_ref_seq_dif 
5 2 'Structure model' struct_site        
# 
loop_
_pdbx_audit_revision_item.ordinal 
_pdbx_audit_revision_item.revision_ordinal 
_pdbx_audit_revision_item.data_content_type 
_pdbx_audit_revision_item.item 
1 2 'Structure model' '_database_2.pdbx_DOI'                
2 2 'Structure model' '_database_2.pdbx_database_accession' 
3 2 'Structure model' '_struct_ref_seq_dif.details'         
4 2 'Structure model' '_struct_site.pdbx_auth_asym_id'      
5 2 'Structure model' '_struct_site.pdbx_auth_comp_id'      
6 2 'Structure model' '_struct_site.pdbx_auth_seq_id'       
# 
_pdbx_database_status.entry_id                        4F69 
_pdbx_database_status.status_code                     REL 
_pdbx_database_status.deposit_site                    RCSB 
_pdbx_database_status.process_site                    RCSB 
_pdbx_database_status.recvd_initial_deposition_date   2012-05-14 
_pdbx_database_status.status_code_sf                  REL 
_pdbx_database_status.status_code_mr                  ? 
_pdbx_database_status.SG_entry                        ? 
_pdbx_database_status.status_code_cs                  ? 
_pdbx_database_status.methods_development_category    ? 
_pdbx_database_status.pdb_format_compatible           Y 
_pdbx_database_status.status_code_nmr_data            ? 
# 
loop_
_pdbx_database_related.db_name 
_pdbx_database_related.db_id 
_pdbx_database_related.details 
_pdbx_database_related.content_type 
PDB 4F68 . unspecified 
PDB 4F6D . unspecified 
PDB 4F6F . unspecified 
PDB 4F6G . unspecified 
PDB 4F6I . unspecified 
PDB 4F6J . unspecified 
PDB 4F6B . unspecified 
# 
loop_
_audit_author.name 
_audit_author.pdbx_ordinal 
'Soman, J.'    1 
'Salter, M.D.' 2 
'Olson, J.S.'  3 
# 
_citation.id                        primary 
_citation.title                     
'Carbonmonoxy structure of Tyr11Phe/Gln44Leu/Thr48Val/Ala55Trp Cerebratulus lacteus mini-hemoglobin' 
_citation.journal_abbrev            'To be Published' 
_citation.journal_volume            ? 
_citation.page_first                ? 
_citation.page_last                 ? 
_citation.year                      ? 
_citation.journal_id_ASTM           ? 
_citation.country                   ? 
_citation.journal_id_ISSN           ? 
_citation.journal_id_CSD            0353 
_citation.book_publisher            ? 
_citation.pdbx_database_id_PubMed   ? 
_citation.pdbx_database_id_DOI      ? 
# 
loop_
_citation_author.citation_id 
_citation_author.name 
_citation_author.ordinal 
_citation_author.identifier_ORCID 
primary 'Soman, J.'    1 ? 
primary 'Salter, M.D.' 2 ? 
primary 'Olson, J.S.'  3 ? 
# 
loop_
_entity.id 
_entity.type 
_entity.src_method 
_entity.pdbx_description 
_entity.formula_weight 
_entity.pdbx_number_of_molecules 
_entity.pdbx_ec 
_entity.pdbx_mutation 
_entity.pdbx_fragment 
_entity.details 
1 polymer     man 'Neural hemoglobin'               11629.138 1   ? Tyr11Phe/Gln44Leu/Thr48Val/Ala55Trp ? ? 
2 non-polymer syn 'CARBON MONOXIDE'                 28.010    1   ? ?                                   ? ? 
3 non-polymer syn GLYCEROL                          92.094    1   ? ?                                   ? ? 
4 non-polymer syn 'PROTOPORPHYRIN IX CONTAINING FE' 616.487   1   ? ?                                   ? ? 
5 water       nat water                             18.015    125 ? ?                                   ? ? 
# 
_entity_name_com.entity_id   1 
_entity_name_com.name        NrHb 
# 
_entity_poly.entity_id                      1 
_entity_poly.type                           'polypeptide(L)' 
_entity_poly.nstd_linkage                   no 
_entity_poly.nstd_monomer                   no 
_entity_poly.pdbx_seq_one_letter_code       
;MVNWAAVVDDFFQELFKAHPEYQNKFGFKGVALGSLKGNAAYKTLAGKVVDYINAWIGGSADAAGLASRHKGRNVGSAEF
HNAKACLAKACSAHGAPDLGHAIDDILSHL
;
_entity_poly.pdbx_seq_one_letter_code_can   
;MVNWAAVVDDFFQELFKAHPEYQNKFGFKGVALGSLKGNAAYKTLAGKVVDYINAWIGGSADAAGLASRHKGRNVGSAEF
HNAKACLAKACSAHGAPDLGHAIDDILSHL
;
_entity_poly.pdbx_strand_id                 A 
_entity_poly.pdbx_target_identifier         ? 
# 
loop_
_pdbx_entity_nonpoly.entity_id 
_pdbx_entity_nonpoly.name 
_pdbx_entity_nonpoly.comp_id 
2 'CARBON MONOXIDE'                 CMO 
3 GLYCEROL                          GOL 
4 'PROTOPORPHYRIN IX CONTAINING FE' HEM 
5 water                             HOH 
# 
loop_
_entity_poly_seq.entity_id 
_entity_poly_seq.num 
_entity_poly_seq.mon_id 
_entity_poly_seq.hetero 
1 1   MET n 
1 2   VAL n 
1 3   ASN n 
1 4   TRP n 
1 5   ALA n 
1 6   ALA n 
1 7   VAL n 
1 8   VAL n 
1 9   ASP n 
1 10  ASP n 
1 11  PHE n 
1 12  PHE n 
1 13  GLN n 
1 14  GLU n 
1 15  LEU n 
1 16  PHE n 
1 17  LYS n 
1 18  ALA n 
1 19  HIS n 
1 20  PRO n 
1 21  GLU n 
1 22  TYR n 
1 23  GLN n 
1 24  ASN n 
1 25  LYS n 
1 26  PHE n 
1 27  GLY n 
1 28  PHE n 
1 29  LYS n 
1 30  GLY n 
1 31  VAL n 
1 32  ALA n 
1 33  LEU n 
1 34  GLY n 
1 35  SER n 
1 36  LEU n 
1 37  LYS n 
1 38  GLY n 
1 39  ASN n 
1 40  ALA n 
1 41  ALA n 
1 42  TYR n 
1 43  LYS n 
1 44  THR n 
1 45  LEU n 
1 46  ALA n 
1 47  GLY n 
1 48  LYS n 
1 49  VAL n 
1 50  VAL n 
1 51  ASP n 
1 52  TYR n 
1 53  ILE n 
1 54  ASN n 
1 55  ALA n 
1 56  TRP n 
1 57  ILE n 
1 58  GLY n 
1 59  GLY n 
1 60  SER n 
1 61  ALA n 
1 62  ASP n 
1 63  ALA n 
1 64  ALA n 
1 65  GLY n 
1 66  LEU n 
1 67  ALA n 
1 68  SER n 
1 69  ARG n 
1 70  HIS n 
1 71  LYS n 
1 72  GLY n 
1 73  ARG n 
1 74  ASN n 
1 75  VAL n 
1 76  GLY n 
1 77  SER n 
1 78  ALA n 
1 79  GLU n 
1 80  PHE n 
1 81  HIS n 
1 82  ASN n 
1 83  ALA n 
1 84  LYS n 
1 85  ALA n 
1 86  CYS n 
1 87  LEU n 
1 88  ALA n 
1 89  LYS n 
1 90  ALA n 
1 91  CYS n 
1 92  SER n 
1 93  ALA n 
1 94  HIS n 
1 95  GLY n 
1 96  ALA n 
1 97  PRO n 
1 98  ASP n 
1 99  LEU n 
1 100 GLY n 
1 101 HIS n 
1 102 ALA n 
1 103 ILE n 
1 104 ASP n 
1 105 ASP n 
1 106 ILE n 
1 107 LEU n 
1 108 SER n 
1 109 HIS n 
1 110 LEU n 
# 
_entity_src_gen.entity_id                          1 
_entity_src_gen.pdbx_src_id                        1 
_entity_src_gen.pdbx_alt_source_flag               sample 
_entity_src_gen.pdbx_seq_type                      ? 
_entity_src_gen.pdbx_beg_seq_num                   ? 
_entity_src_gen.pdbx_end_seq_num                   ? 
_entity_src_gen.gene_src_common_name               'milky ribbon worm' 
_entity_src_gen.gene_src_genus                     ? 
_entity_src_gen.pdbx_gene_src_gene                 ? 
_entity_src_gen.gene_src_species                   ? 
_entity_src_gen.gene_src_strain                    ? 
_entity_src_gen.gene_src_tissue                    ? 
_entity_src_gen.gene_src_tissue_fraction           ? 
_entity_src_gen.gene_src_details                   ? 
_entity_src_gen.pdbx_gene_src_fragment             ? 
_entity_src_gen.pdbx_gene_src_scientific_name      'Cerebratulus lacteus' 
_entity_src_gen.pdbx_gene_src_ncbi_taxonomy_id     6221 
_entity_src_gen.pdbx_gene_src_variant              ? 
_entity_src_gen.pdbx_gene_src_cell_line            ? 
_entity_src_gen.pdbx_gene_src_atcc                 ? 
_entity_src_gen.pdbx_gene_src_organ                ? 
_entity_src_gen.pdbx_gene_src_organelle            ? 
_entity_src_gen.pdbx_gene_src_cell                 ? 
_entity_src_gen.pdbx_gene_src_cellular_location    ? 
_entity_src_gen.host_org_common_name               ? 
_entity_src_gen.pdbx_host_org_scientific_name      'Escherichia coli' 
_entity_src_gen.pdbx_host_org_ncbi_taxonomy_id     562 
_entity_src_gen.host_org_genus                     ? 
_entity_src_gen.pdbx_host_org_gene                 ? 
_entity_src_gen.pdbx_host_org_organ                ? 
_entity_src_gen.host_org_species                   ? 
_entity_src_gen.pdbx_host_org_tissue               ? 
_entity_src_gen.pdbx_host_org_tissue_fraction      ? 
_entity_src_gen.pdbx_host_org_strain               ? 
_entity_src_gen.pdbx_host_org_variant              ? 
_entity_src_gen.pdbx_host_org_cell_line            ? 
_entity_src_gen.pdbx_host_org_atcc                 ? 
_entity_src_gen.pdbx_host_org_culture_collection   ? 
_entity_src_gen.pdbx_host_org_cell                 ? 
_entity_src_gen.pdbx_host_org_organelle            ? 
_entity_src_gen.pdbx_host_org_cellular_location    ? 
_entity_src_gen.pdbx_host_org_vector_type          ? 
_entity_src_gen.pdbx_host_org_vector               ? 
_entity_src_gen.host_org_details                   ? 
_entity_src_gen.expression_system_id               ? 
_entity_src_gen.plasmid_name                       ? 
_entity_src_gen.plasmid_details                    ? 
_entity_src_gen.pdbx_description                   ? 
# 
loop_
_chem_comp.id 
_chem_comp.type 
_chem_comp.mon_nstd_flag 
_chem_comp.name 
_chem_comp.pdbx_synonyms 
_chem_comp.formula 
_chem_comp.formula_weight 
ALA 'L-peptide linking' y ALANINE                           ?                               'C3 H7 N O2'       89.093  
ARG 'L-peptide linking' y ARGININE                          ?                               'C6 H15 N4 O2 1'   175.209 
ASN 'L-peptide linking' y ASPARAGINE                        ?                               'C4 H8 N2 O3'      132.118 
ASP 'L-peptide linking' y 'ASPARTIC ACID'                   ?                               'C4 H7 N O4'       133.103 
CMO non-polymer         . 'CARBON MONOXIDE'                 ?                               'C O'              28.010  
CYS 'L-peptide linking' y CYSTEINE                          ?                               'C3 H7 N O2 S'     121.158 
GLN 'L-peptide linking' y GLUTAMINE                         ?                               'C5 H10 N2 O3'     146.144 
GLU 'L-peptide linking' y 'GLUTAMIC ACID'                   ?                               'C5 H9 N O4'       147.129 
GLY 'peptide linking'   y GLYCINE                           ?                               'C2 H5 N O2'       75.067  
GOL non-polymer         . GLYCEROL                          'GLYCERIN; PROPANE-1,2,3-TRIOL' 'C3 H8 O3'         92.094  
HEM non-polymer         . 'PROTOPORPHYRIN IX CONTAINING FE' HEME                            'C34 H32 Fe N4 O4' 616.487 
HIS 'L-peptide linking' y HISTIDINE                         ?                               'C6 H10 N3 O2 1'   156.162 
HOH non-polymer         . WATER                             ?                               'H2 O'             18.015  
ILE 'L-peptide linking' y ISOLEUCINE                        ?                               'C6 H13 N O2'      131.173 
LEU 'L-peptide linking' y LEUCINE                           ?                               'C6 H13 N O2'      131.173 
LYS 'L-peptide linking' y LYSINE                            ?                               'C6 H15 N2 O2 1'   147.195 
MET 'L-peptide linking' y METHIONINE                        ?                               'C5 H11 N O2 S'    149.211 
PHE 'L-peptide linking' y PHENYLALANINE                     ?                               'C9 H11 N O2'      165.189 
PRO 'L-peptide linking' y PROLINE                           ?                               'C5 H9 N O2'       115.130 
SER 'L-peptide linking' y SERINE                            ?                               'C3 H7 N O3'       105.093 
THR 'L-peptide linking' y THREONINE                         ?                               'C4 H9 N O3'       119.119 
TRP 'L-peptide linking' y TRYPTOPHAN                        ?                               'C11 H12 N2 O2'    204.225 
TYR 'L-peptide linking' y TYROSINE                          ?                               'C9 H11 N O3'      181.189 
VAL 'L-peptide linking' y VALINE                            ?                               'C5 H11 N O2'      117.146 
# 
loop_
_pdbx_poly_seq_scheme.asym_id 
_pdbx_poly_seq_scheme.entity_id 
_pdbx_poly_seq_scheme.seq_id 
_pdbx_poly_seq_scheme.mon_id 
_pdbx_poly_seq_scheme.ndb_seq_num 
_pdbx_poly_seq_scheme.pdb_seq_num 
_pdbx_poly_seq_scheme.auth_seq_num 
_pdbx_poly_seq_scheme.pdb_mon_id 
_pdbx_poly_seq_scheme.auth_mon_id 
_pdbx_poly_seq_scheme.pdb_strand_id 
_pdbx_poly_seq_scheme.pdb_ins_code 
_pdbx_poly_seq_scheme.hetero 
A 1 1   MET 1   0   0   MET MET A . n 
A 1 2   VAL 2   1   1   VAL VAL A . n 
A 1 3   ASN 3   2   2   ASN ASN A . n 
A 1 4   TRP 4   3   3   TRP TRP A . n 
A 1 5   ALA 5   4   4   ALA ALA A . n 
A 1 6   ALA 6   5   5   ALA ALA A . n 
A 1 7   VAL 7   6   6   VAL VAL A . n 
A 1 8   VAL 8   7   7   VAL VAL A . n 
A 1 9   ASP 9   8   8   ASP ASP A . n 
A 1 10  ASP 10  9   9   ASP ASP A . n 
A 1 11  PHE 11  10  10  PHE PHE A . n 
A 1 12  PHE 12  11  11  PHE PHE A . n 
A 1 13  GLN 13  12  12  GLN GLN A . n 
A 1 14  GLU 14  13  13  GLU GLU A . n 
A 1 15  LEU 15  14  14  LEU LEU A . n 
A 1 16  PHE 16  15  15  PHE PHE A . n 
A 1 17  LYS 17  16  16  LYS LYS A . n 
A 1 18  ALA 18  17  17  ALA ALA A . n 
A 1 19  HIS 19  18  18  HIS HIS A . n 
A 1 20  PRO 20  19  19  PRO PRO A . n 
A 1 21  GLU 21  20  20  GLU GLU A . n 
A 1 22  TYR 22  21  21  TYR TYR A . n 
A 1 23  GLN 23  22  22  GLN GLN A . n 
A 1 24  ASN 24  23  23  ASN ASN A . n 
A 1 25  LYS 25  24  24  LYS LYS A . n 
A 1 26  PHE 26  25  25  PHE PHE A . n 
A 1 27  GLY 27  26  26  GLY GLY A . n 
A 1 28  PHE 28  27  27  PHE PHE A . n 
A 1 29  LYS 29  28  28  LYS LYS A . n 
A 1 30  GLY 30  29  29  GLY GLY A . n 
A 1 31  VAL 31  30  30  VAL VAL A . n 
A 1 32  ALA 32  31  31  ALA ALA A . n 
A 1 33  LEU 33  32  32  LEU LEU A . n 
A 1 34  GLY 34  33  33  GLY GLY A . n 
A 1 35  SER 35  34  34  SER SER A . n 
A 1 36  LEU 36  35  35  LEU LEU A . n 
A 1 37  LYS 37  36  36  LYS LYS A . n 
A 1 38  GLY 38  37  37  GLY GLY A . n 
A 1 39  ASN 39  38  38  ASN ASN A . n 
A 1 40  ALA 40  39  39  ALA ALA A . n 
A 1 41  ALA 41  40  40  ALA ALA A . n 
A 1 42  TYR 42  41  41  TYR TYR A . n 
A 1 43  LYS 43  42  42  LYS LYS A . n 
A 1 44  THR 44  43  43  THR THR A . n 
A 1 45  LEU 45  44  44  LEU LEU A . n 
A 1 46  ALA 46  45  45  ALA ALA A . n 
A 1 47  GLY 47  46  46  GLY GLY A . n 
A 1 48  LYS 48  47  47  LYS LYS A . n 
A 1 49  VAL 49  48  48  VAL VAL A . n 
A 1 50  VAL 50  49  49  VAL VAL A . n 
A 1 51  ASP 51  50  50  ASP ASP A . n 
A 1 52  TYR 52  51  51  TYR TYR A . n 
A 1 53  ILE 53  52  52  ILE ILE A . n 
A 1 54  ASN 54  53  53  ASN ASN A . n 
A 1 55  ALA 55  54  54  ALA ALA A . n 
A 1 56  TRP 56  55  55  TRP TRP A . n 
A 1 57  ILE 57  56  56  ILE ILE A . n 
A 1 58  GLY 58  57  57  GLY GLY A . n 
A 1 59  GLY 59  58  58  GLY GLY A . n 
A 1 60  SER 60  59  59  SER SER A . n 
A 1 61  ALA 61  60  60  ALA ALA A . n 
A 1 62  ASP 62  61  61  ASP ASP A . n 
A 1 63  ALA 63  62  62  ALA ALA A . n 
A 1 64  ALA 64  63  63  ALA ALA A . n 
A 1 65  GLY 65  64  64  GLY GLY A . n 
A 1 66  LEU 66  65  65  LEU LEU A . n 
A 1 67  ALA 67  66  66  ALA ALA A . n 
A 1 68  SER 68  67  67  SER SER A . n 
A 1 69  ARG 69  68  68  ARG ARG A . n 
A 1 70  HIS 70  69  69  HIS HIS A . n 
A 1 71  LYS 71  70  70  LYS LYS A . n 
A 1 72  GLY 72  71  71  GLY GLY A . n 
A 1 73  ARG 73  72  72  ARG ARG A . n 
A 1 74  ASN 74  73  73  ASN ASN A . n 
A 1 75  VAL 75  74  74  VAL VAL A . n 
A 1 76  GLY 76  75  75  GLY GLY A . n 
A 1 77  SER 77  76  76  SER SER A . n 
A 1 78  ALA 78  77  77  ALA ALA A . n 
A 1 79  GLU 79  78  78  GLU GLU A . n 
A 1 80  PHE 80  79  79  PHE PHE A . n 
A 1 81  HIS 81  80  80  HIS HIS A . n 
A 1 82  ASN 82  81  81  ASN ASN A . n 
A 1 83  ALA 83  82  82  ALA ALA A . n 
A 1 84  LYS 84  83  83  LYS LYS A . n 
A 1 85  ALA 85  84  84  ALA ALA A . n 
A 1 86  CYS 86  85  85  CYS CYS A . n 
A 1 87  LEU 87  86  86  LEU LEU A . n 
A 1 88  ALA 88  87  87  ALA ALA A . n 
A 1 89  LYS 89  88  88  LYS LYS A . n 
A 1 90  ALA 90  89  89  ALA ALA A . n 
A 1 91  CYS 91  90  90  CYS CYS A . n 
A 1 92  SER 92  91  91  SER SER A . n 
A 1 93  ALA 93  92  92  ALA ALA A . n 
A 1 94  HIS 94  93  93  HIS HIS A . n 
A 1 95  GLY 95  94  94  GLY GLY A . n 
A 1 96  ALA 96  95  95  ALA ALA A . n 
A 1 97  PRO 97  96  96  PRO PRO A . n 
A 1 98  ASP 98  97  97  ASP ASP A . n 
A 1 99  LEU 99  98  98  LEU LEU A . n 
A 1 100 GLY 100 99  99  GLY GLY A . n 
A 1 101 HIS 101 100 100 HIS HIS A . n 
A 1 102 ALA 102 101 101 ALA ALA A . n 
A 1 103 ILE 103 102 102 ILE ILE A . n 
A 1 104 ASP 104 103 103 ASP ASP A . n 
A 1 105 ASP 105 104 104 ASP ASP A . n 
A 1 106 ILE 106 105 105 ILE ILE A . n 
A 1 107 LEU 107 106 106 LEU LEU A . n 
A 1 108 SER 108 107 107 SER SER A . n 
A 1 109 HIS 109 108 108 HIS HIS A . n 
A 1 110 LEU 110 109 109 LEU LEU A . n 
# 
loop_
_pdbx_nonpoly_scheme.asym_id 
_pdbx_nonpoly_scheme.entity_id 
_pdbx_nonpoly_scheme.mon_id 
_pdbx_nonpoly_scheme.ndb_seq_num 
_pdbx_nonpoly_scheme.pdb_seq_num 
_pdbx_nonpoly_scheme.auth_seq_num 
_pdbx_nonpoly_scheme.pdb_mon_id 
_pdbx_nonpoly_scheme.auth_mon_id 
_pdbx_nonpoly_scheme.pdb_strand_id 
_pdbx_nonpoly_scheme.pdb_ins_code 
B 2 CMO 1   201 145  CMO CMO A . 
C 3 GOL 1   202 1112 GOL GOL A . 
D 4 HEM 1   203 144  HEM HEM A . 
E 5 HOH 1   301 1    HOH HOH A . 
E 5 HOH 2   302 2    HOH HOH A . 
E 5 HOH 3   303 3    HOH HOH A . 
E 5 HOH 4   304 4    HOH HOH A . 
E 5 HOH 5   305 5    HOH HOH A . 
E 5 HOH 6   306 6    HOH HOH A . 
E 5 HOH 7   307 7    HOH HOH A . 
E 5 HOH 8   308 8    HOH HOH A . 
E 5 HOH 9   309 9    HOH HOH A . 
E 5 HOH 10  310 10   HOH HOH A . 
E 5 HOH 11  311 11   HOH HOH A . 
E 5 HOH 12  312 12   HOH HOH A . 
E 5 HOH 13  313 13   HOH HOH A . 
E 5 HOH 14  314 14   HOH HOH A . 
E 5 HOH 15  315 15   HOH HOH A . 
E 5 HOH 16  316 16   HOH HOH A . 
E 5 HOH 17  317 17   HOH HOH A . 
E 5 HOH 18  318 18   HOH HOH A . 
E 5 HOH 19  319 19   HOH HOH A . 
E 5 HOH 20  320 20   HOH HOH A . 
E 5 HOH 21  321 21   HOH HOH A . 
E 5 HOH 22  322 22   HOH HOH A . 
E 5 HOH 23  323 23   HOH HOH A . 
E 5 HOH 24  324 24   HOH HOH A . 
E 5 HOH 25  325 25   HOH HOH A . 
E 5 HOH 26  326 26   HOH HOH A . 
E 5 HOH 27  327 27   HOH HOH A . 
E 5 HOH 28  328 28   HOH HOH A . 
E 5 HOH 29  329 29   HOH HOH A . 
E 5 HOH 30  330 30   HOH HOH A . 
E 5 HOH 31  331 31   HOH HOH A . 
E 5 HOH 32  332 32   HOH HOH A . 
E 5 HOH 33  333 33   HOH HOH A . 
E 5 HOH 34  334 34   HOH HOH A . 
E 5 HOH 35  335 35   HOH HOH A . 
E 5 HOH 36  336 36   HOH HOH A . 
E 5 HOH 37  337 37   HOH HOH A . 
E 5 HOH 38  338 38   HOH HOH A . 
E 5 HOH 39  339 39   HOH HOH A . 
E 5 HOH 40  340 40   HOH HOH A . 
E 5 HOH 41  341 41   HOH HOH A . 
E 5 HOH 42  342 42   HOH HOH A . 
E 5 HOH 43  343 43   HOH HOH A . 
E 5 HOH 44  344 44   HOH HOH A . 
E 5 HOH 45  345 45   HOH HOH A . 
E 5 HOH 46  346 46   HOH HOH A . 
E 5 HOH 47  347 47   HOH HOH A . 
E 5 HOH 48  348 48   HOH HOH A . 
E 5 HOH 49  349 49   HOH HOH A . 
E 5 HOH 50  350 50   HOH HOH A . 
E 5 HOH 51  351 51   HOH HOH A . 
E 5 HOH 52  352 52   HOH HOH A . 
E 5 HOH 53  353 53   HOH HOH A . 
E 5 HOH 54  354 54   HOH HOH A . 
E 5 HOH 55  355 55   HOH HOH A . 
E 5 HOH 56  356 56   HOH HOH A . 
E 5 HOH 57  357 57   HOH HOH A . 
E 5 HOH 58  358 58   HOH HOH A . 
E 5 HOH 59  359 59   HOH HOH A . 
E 5 HOH 60  360 60   HOH HOH A . 
E 5 HOH 61  361 61   HOH HOH A . 
E 5 HOH 62  362 62   HOH HOH A . 
E 5 HOH 63  363 63   HOH HOH A . 
E 5 HOH 64  364 64   HOH HOH A . 
E 5 HOH 65  365 65   HOH HOH A . 
E 5 HOH 66  366 66   HOH HOH A . 
E 5 HOH 67  367 67   HOH HOH A . 
E 5 HOH 68  368 68   HOH HOH A . 
E 5 HOH 69  369 69   HOH HOH A . 
E 5 HOH 70  370 70   HOH HOH A . 
E 5 HOH 71  371 71   HOH HOH A . 
E 5 HOH 72  372 72   HOH HOH A . 
E 5 HOH 73  373 73   HOH HOH A . 
E 5 HOH 74  374 74   HOH HOH A . 
E 5 HOH 75  375 75   HOH HOH A . 
E 5 HOH 76  376 76   HOH HOH A . 
E 5 HOH 77  377 77   HOH HOH A . 
E 5 HOH 78  378 78   HOH HOH A . 
E 5 HOH 79  379 79   HOH HOH A . 
E 5 HOH 80  380 80   HOH HOH A . 
E 5 HOH 81  381 81   HOH HOH A . 
E 5 HOH 82  382 82   HOH HOH A . 
E 5 HOH 83  383 83   HOH HOH A . 
E 5 HOH 84  384 84   HOH HOH A . 
E 5 HOH 85  385 85   HOH HOH A . 
E 5 HOH 86  386 86   HOH HOH A . 
E 5 HOH 87  387 87   HOH HOH A . 
E 5 HOH 88  388 88   HOH HOH A . 
E 5 HOH 89  389 89   HOH HOH A . 
E 5 HOH 90  390 90   HOH HOH A . 
E 5 HOH 91  391 91   HOH HOH A . 
E 5 HOH 92  392 92   HOH HOH A . 
E 5 HOH 93  393 93   HOH HOH A . 
E 5 HOH 94  394 94   HOH HOH A . 
E 5 HOH 95  395 95   HOH HOH A . 
E 5 HOH 96  396 96   HOH HOH A . 
E 5 HOH 97  397 97   HOH HOH A . 
E 5 HOH 98  398 98   HOH HOH A . 
E 5 HOH 99  399 99   HOH HOH A . 
E 5 HOH 100 400 100  HOH HOH A . 
E 5 HOH 101 401 101  HOH HOH A . 
E 5 HOH 102 402 102  HOH HOH A . 
E 5 HOH 103 403 103  HOH HOH A . 
E 5 HOH 104 404 104  HOH HOH A . 
E 5 HOH 105 405 105  HOH HOH A . 
E 5 HOH 106 406 106  HOH HOH A . 
E 5 HOH 107 407 107  HOH HOH A . 
E 5 HOH 108 408 108  HOH HOH A . 
E 5 HOH 109 409 109  HOH HOH A . 
E 5 HOH 110 410 110  HOH HOH A . 
E 5 HOH 111 411 111  HOH HOH A . 
E 5 HOH 112 412 112  HOH HOH A . 
E 5 HOH 113 413 113  HOH HOH A . 
E 5 HOH 114 414 114  HOH HOH A . 
E 5 HOH 115 415 115  HOH HOH A . 
E 5 HOH 116 416 116  HOH HOH A . 
E 5 HOH 117 417 117  HOH HOH A . 
E 5 HOH 118 418 118  HOH HOH A . 
E 5 HOH 119 419 119  HOH HOH A . 
E 5 HOH 120 420 120  HOH HOH A . 
E 5 HOH 121 421 121  HOH HOH A . 
E 5 HOH 122 422 122  HOH HOH A . 
E 5 HOH 123 423 123  HOH HOH A . 
E 5 HOH 124 424 124  HOH HOH A . 
E 5 HOH 125 425 125  HOH HOH A . 
# 
loop_
_pdbx_unobs_or_zero_occ_atoms.id 
_pdbx_unobs_or_zero_occ_atoms.PDB_model_num 
_pdbx_unobs_or_zero_occ_atoms.polymer_flag 
_pdbx_unobs_or_zero_occ_atoms.occupancy_flag 
_pdbx_unobs_or_zero_occ_atoms.auth_asym_id 
_pdbx_unobs_or_zero_occ_atoms.auth_comp_id 
_pdbx_unobs_or_zero_occ_atoms.auth_seq_id 
_pdbx_unobs_or_zero_occ_atoms.PDB_ins_code 
_pdbx_unobs_or_zero_occ_atoms.auth_atom_id 
_pdbx_unobs_or_zero_occ_atoms.label_alt_id 
_pdbx_unobs_or_zero_occ_atoms.label_asym_id 
_pdbx_unobs_or_zero_occ_atoms.label_comp_id 
_pdbx_unobs_or_zero_occ_atoms.label_seq_id 
_pdbx_unobs_or_zero_occ_atoms.label_atom_id 
1 1 Y 0 A LYS 16 ? NZ ? A LYS 17 NZ 
2 1 Y 0 A LYS 36 ? CD ? A LYS 37 CD 
3 1 Y 0 A LYS 36 ? CE ? A LYS 37 CE 
4 1 Y 0 A LYS 36 ? NZ ? A LYS 37 NZ 
# 
loop_
_software.pdbx_ordinal 
_software.name 
_software.version 
_software.date 
_software.type 
_software.contact_author 
_software.contact_author_email 
_software.classification 
_software.location 
_software.language 
_software.citation_id 
1 d*TREK      .                ?                package 'Jim W. Pflugrath' Jim.Pflugrath@Rigaku.com 'data scaling'    
http://www.rigaku.com/software/dtrek.html ?   ? 
2 d*TREK      '9.9.8.9 W9RSSI' 'Mar 4 2011'     package 'Jim W. Pflugrath' Jim.Pflugrath@Rigaku.com 'data reduction'  
http://www.rigaku.com/software/dtrek.html ?   ? 
3 PHENIX      1.7.2_869        ?                package 'Paul D. Adams'    PDAdams@lbl.gov          refinement        
http://www.phenix-online.org/             C++ ? 
4 PDB_EXTRACT 3.11             'April 22, 2011' package PDB                deposit@deposit.rcsb.org 'data extraction' 
http://sw-tools.pdb.org/apps/PDB_EXTRACT/ C++ ? 
# 
_cell.length_a           42.650 
_cell.length_b           43.360 
_cell.length_c           59.500 
_cell.angle_alpha        90.000 
_cell.angle_beta         90.000 
_cell.angle_gamma        90.000 
_cell.entry_id           4F69 
_cell.pdbx_unique_axis   ? 
_cell.Z_PDB              4 
_cell.length_a_esd       ? 
_cell.length_b_esd       ? 
_cell.length_c_esd       ? 
_cell.angle_alpha_esd    ? 
_cell.angle_beta_esd     ? 
_cell.angle_gamma_esd    ? 
# 
_symmetry.space_group_name_H-M             'P 21 21 21' 
_symmetry.entry_id                         4F69 
_symmetry.Int_Tables_number                19 
_symmetry.pdbx_full_space_group_name_H-M   ? 
_symmetry.cell_setting                     ? 
_symmetry.space_group_name_Hall            ? 
# 
_exptl.crystals_number   1 
_exptl.entry_id          4F69 
_exptl.method            'X-RAY DIFFRACTION' 
# 
_exptl_crystal.id                    1 
_exptl_crystal.density_Matthews      2.37 
_exptl_crystal.density_meas          ? 
_exptl_crystal.density_percent_sol   48.00 
_exptl_crystal.description           ? 
_exptl_crystal.F_000                 ? 
_exptl_crystal.preparation           ? 
# 
_exptl_crystal_grow.crystal_id      1 
_exptl_crystal_grow.method          'VAPOR DIFFUSION, SITTING DROP' 
_exptl_crystal_grow.pH              5.4 
_exptl_crystal_grow.temp            298 
_exptl_crystal_grow.pdbx_details    
'Protein crystallized from 2.5 mM Ammonium Sulfate and 0.1M sodium Citrate, pH 5.4, VAPOR DIFFUSION, SITTING DROP, temperature 298K' 
_exptl_crystal_grow.temp_details    ? 
_exptl_crystal_grow.pdbx_pH_range   ? 
# 
_diffrn.id                     1 
_diffrn.ambient_temp           100 
_diffrn.ambient_temp_details   ? 
_diffrn.crystal_id             1 
# 
_diffrn_detector.diffrn_id              1 
_diffrn_detector.detector               'IMAGE PLATE' 
_diffrn_detector.type                   'RIGAKU RAXIS IV++' 
_diffrn_detector.pdbx_collection_date   ? 
_diffrn_detector.details                ? 
# 
_diffrn_radiation.diffrn_id                        1 
_diffrn_radiation.pdbx_diffrn_protocol             'SINGLE WAVELENGTH' 
_diffrn_radiation.monochromator                    ? 
_diffrn_radiation.wavelength_id                    1 
_diffrn_radiation.pdbx_monochromatic_or_laue_m_l   M 
_diffrn_radiation.pdbx_scattering_type             x-ray 
# 
_diffrn_radiation_wavelength.id           1 
_diffrn_radiation_wavelength.wavelength   1.5412 
_diffrn_radiation_wavelength.wt           1.0 
# 
_diffrn_source.diffrn_id                   1 
_diffrn_source.source                      'ROTATING ANODE' 
_diffrn_source.type                        RIGAKU 
_diffrn_source.pdbx_wavelength_list        1.5412 
_diffrn_source.pdbx_wavelength             ? 
_diffrn_source.pdbx_synchrotron_site       ? 
_diffrn_source.pdbx_synchrotron_beamline   ? 
# 
_reflns.entry_id                     4F69 
_reflns.d_resolution_high            1.600 
_reflns.d_resolution_low             27.080 
_reflns.number_obs                   14641 
_reflns.pdbx_scaling_rejects         290 
_reflns.pdbx_Rmerge_I_obs            0.048 
_reflns.pdbx_netI_over_sigmaI        11.700 
_reflns.pdbx_chi_squared             0.990 
_reflns.pdbx_redundancy              2.620 
_reflns.percent_possible_obs         97.000 
_reflns.observed_criterion_sigma_F   ? 
_reflns.observed_criterion_sigma_I   ? 
_reflns.number_all                   ? 
_reflns.pdbx_Rsym_value              ? 
_reflns.B_iso_Wilson_estimate        ? 
_reflns.R_free_details               ? 
_reflns.limit_h_max                  ? 
_reflns.limit_h_min                  ? 
_reflns.limit_k_max                  ? 
_reflns.limit_k_min                  ? 
_reflns.limit_l_max                  ? 
_reflns.limit_l_min                  ? 
_reflns.observed_criterion_F_max     ? 
_reflns.observed_criterion_F_min     ? 
_reflns.pdbx_ordinal                 1 
_reflns.pdbx_diffrn_id               1 
# 
loop_
_reflns_shell.d_res_high 
_reflns_shell.d_res_low 
_reflns_shell.number_measured_obs 
_reflns_shell.number_measured_all 
_reflns_shell.number_unique_obs 
_reflns_shell.Rmerge_I_obs 
_reflns_shell.meanI_over_sigI_obs 
_reflns_shell.pdbx_Rsym_value 
_reflns_shell.pdbx_chi_squared 
_reflns_shell.pdbx_redundancy 
_reflns_shell.percent_possible_obs 
_reflns_shell.number_unique_all 
_reflns_shell.percent_possible_all 
_reflns_shell.pdbx_ordinal 
_reflns_shell.pdbx_diffrn_id 
1.600 1.660  ? 2822 ? 0.312 2.600  ? 0.780 2.140 ? 1319 89.700 1  1 
1.660 1.720  ? 3763 ? 0.266 3.200  ? 0.780 2.680 ? 1404 95.900 2  1 
1.720 1.800  ? 3896 ? 0.227 3.800  ? 0.850 2.680 ? 1453 96.400 3  1 
1.800 1.900  ? 3863 ? 0.178 4.900  ? 0.830 2.690 ? 1435 97.300 4  1 
1.900 2.020  ? 3943 ? 0.138 6.600  ? 0.900 2.690 ? 1466 98.100 5  1 
2.020 2.170  ? 3947 ? 0.097 9.600  ? 0.960 2.660 ? 1478 98.200 6  1 
2.170 2.390  ? 3985 ? 0.084 12.000 ? 0.940 2.670 ? 1486 99.200 7  1 
2.390 2.740  ? 4038 ? 0.063 15.400 ? 0.910 2.660 ? 1504 99.000 8  1 
2.740 3.450  ? 4120 ? 0.058 20.800 ? 1.100 2.660 ? 1526 99.700 9  1 
3.450 27.080 ? 4210 ? 0.042 33.500 ? 1.700 2.580 ? 1570 96.400 10 1 
# 
_refine.entry_id                                 4F69 
_refine.ls_d_res_high                            1.6000 
_refine.ls_d_res_low                             27.0760 
_refine.pdbx_ls_sigma_F                          1.420 
_refine.pdbx_data_cutoff_high_absF               ? 
_refine.pdbx_data_cutoff_low_absF                ? 
_refine.ls_percent_reflns_obs                    96.9700 
_refine.ls_number_reflns_obs                     14636 
_refine.ls_number_reflns_all                     ? 
_refine.pdbx_ls_cross_valid_method               ? 
_refine.pdbx_R_Free_selection_details            ? 
_refine.details                                  ? 
_refine.ls_R_factor_all                          ? 
_refine.ls_R_factor_obs                          0.2091 
_refine.ls_R_factor_R_work                       0.2065 
_refine.ls_wR_factor_R_work                      ? 
_refine.ls_R_factor_R_free                       0.2334 
_refine.ls_wR_factor_R_free                      ? 
_refine.ls_percent_reflns_R_free                 10.0000 
_refine.ls_number_reflns_R_free                  1464 
_refine.ls_R_factor_R_free_error                 ? 
_refine.B_iso_mean                               23.9547 
_refine.solvent_model_param_bsol                 36.3720 
_refine.solvent_model_param_ksol                 0.3940 
_refine.pdbx_isotropic_thermal_model             ? 
_refine.aniso_B[1][1]                            9.0960 
_refine.aniso_B[2][2]                            -2.8725 
_refine.aniso_B[3][3]                            -6.2235 
_refine.aniso_B[1][2]                            -0.0000 
_refine.aniso_B[1][3]                            -0.0000 
_refine.aniso_B[2][3]                            -0.0000 
_refine.correlation_coeff_Fo_to_Fc               ? 
_refine.correlation_coeff_Fo_to_Fc_free          ? 
_refine.overall_SU_R_Cruickshank_DPI             ? 
_refine.overall_SU_R_free                        ? 
_refine.pdbx_overall_ESU_R                       ? 
_refine.pdbx_overall_ESU_R_Free                  ? 
_refine.overall_SU_ML                            0.6300 
_refine.overall_SU_B                             ? 
_refine.solvent_model_details                    'FLAT BULK SOLVENT MODEL' 
_refine.pdbx_solvent_vdw_probe_radii             0.8000 
_refine.pdbx_solvent_ion_probe_radii             ? 
_refine.pdbx_solvent_shrinkage_radii             0.4700 
_refine.ls_number_parameters                     ? 
_refine.ls_number_restraints                     ? 
_refine.pdbx_starting_model                      ? 
_refine.pdbx_method_to_determine_struct          'FOURIER SYNTHESIS' 
_refine.pdbx_stereochemistry_target_values       ML 
_refine.pdbx_stereochem_target_val_spec_case     ? 
_refine.overall_FOM_work_R_set                   0.8450 
_refine.B_iso_max                                64.470 
_refine.B_iso_min                                13.100 
_refine.pdbx_overall_phase_error                 21.7400 
_refine.occupancy_max                            1.000 
_refine.occupancy_min                            0.000 
_refine.pdbx_ls_sigma_I                          ? 
_refine.ls_redundancy_reflns_obs                 ? 
_refine.ls_R_factor_R_free_error_details         ? 
_refine.pdbx_data_cutoff_high_rms_absF           ? 
_refine.overall_FOM_free_R_set                   ? 
_refine.pdbx_diffrn_id                           1 
_refine.pdbx_refine_id                           'X-RAY DIFFRACTION' 
_refine.pdbx_TLS_residual_ADP_flag               ? 
_refine.pdbx_overall_SU_R_free_Cruickshank_DPI   ? 
_refine.pdbx_overall_SU_R_Blow_DPI               ? 
_refine.pdbx_overall_SU_R_free_Blow_DPI          ? 
# 
_refine_hist.pdbx_refine_id                   'X-RAY DIFFRACTION' 
_refine_hist.cycle_id                         LAST 
_refine_hist.pdbx_number_atoms_protein        821 
_refine_hist.pdbx_number_atoms_nucleic_acid   0 
_refine_hist.pdbx_number_atoms_ligand         51 
_refine_hist.number_atoms_solvent             125 
_refine_hist.number_atoms_total               997 
_refine_hist.d_res_high                       1.6000 
_refine_hist.d_res_low                        27.0760 
# 
loop_
_refine_ls_restr.type 
_refine_ls_restr.number 
_refine_ls_restr.dev_ideal 
_refine_ls_restr.dev_ideal_target 
_refine_ls_restr.weight 
_refine_ls_restr.pdbx_restraint_function 
_refine_ls_restr.pdbx_refine_id 
f_bond_d           899  0.008  ? ? ? 'X-RAY DIFFRACTION' 
f_angle_d          1227 0.973  ? ? ? 'X-RAY DIFFRACTION' 
f_chiral_restr     119  0.060  ? ? ? 'X-RAY DIFFRACTION' 
f_plane_restr      155  0.004  ? ? ? 'X-RAY DIFFRACTION' 
f_dihedral_angle_d 295  14.584 ? ? ? 'X-RAY DIFFRACTION' 
# 
loop_
_refine_ls_shell.d_res_high 
_refine_ls_shell.d_res_low 
_refine_ls_shell.pdbx_total_number_of_bins_used 
_refine_ls_shell.percent_reflns_obs 
_refine_ls_shell.number_reflns_R_work 
_refine_ls_shell.R_factor_all 
_refine_ls_shell.R_factor_R_work 
_refine_ls_shell.R_factor_R_free 
_refine_ls_shell.percent_reflns_R_free 
_refine_ls_shell.number_reflns_R_free 
_refine_ls_shell.R_factor_R_free_error 
_refine_ls_shell.number_reflns_all 
_refine_ls_shell.number_reflns_obs 
_refine_ls_shell.redundancy_reflns_obs 
_refine_ls_shell.pdbx_refine_id 
1.6003 1.6575  10 90.0000  1187 . 0.4817 0.4777 . 132 . 1319 . . 'X-RAY DIFFRACTION' 
1.6575 1.7238  10 96.0000  1265 . 0.3746 0.4273 . 140 . 1405 . . 'X-RAY DIFFRACTION' 
1.7238 1.8022  10 96.0000  1306 . 0.3093 0.3661 . 145 . 1451 . . 'X-RAY DIFFRACTION' 
1.8022 1.8972  10 97.0000  1291 . 0.2340 0.3099 . 144 . 1435 . . 'X-RAY DIFFRACTION' 
1.8972 2.0161  10 98.0000  1318 . 0.2013 0.2342 . 147 . 1465 . . 'X-RAY DIFFRACTION' 
2.0161 2.1717  10 98.0000  1331 . 0.1898 0.2235 . 147 . 1478 . . 'X-RAY DIFFRACTION' 
2.1717 2.3901  10 99.0000  1337 . 0.1862 0.2507 . 149 . 1486 . . 'X-RAY DIFFRACTION' 
2.3901 2.7357  10 99.0000  1354 . 0.2004 0.1992 . 150 . 1504 . . 'X-RAY DIFFRACTION' 
2.7357 3.4455  10 100.0000 1372 . 0.1788 0.2205 . 153 . 1525 . . 'X-RAY DIFFRACTION' 
3.4455 27.0794 10 96.0000  1411 . 0.1984 0.2000 . 157 . 1568 . . 'X-RAY DIFFRACTION' 
# 
_struct.entry_id                  4F69 
_struct.title                     
'Carbonmonoxy structure of Tyr11Phe/Gln44Leu/Thr48Val/Ala55Trp Cerebratulus lacteus mini-hemoglobin' 
_struct.pdbx_model_details        ? 
_struct.pdbx_CASP_flag            ? 
_struct.pdbx_model_type_details   ? 
# 
_struct_keywords.entry_id        4F69 
_struct_keywords.text            'oxygen-storage, apolar tunnel, OXYGEN TRANSPORT' 
_struct_keywords.pdbx_keywords   'OXYGEN TRANSPORT' 
# 
loop_
_struct_asym.id 
_struct_asym.pdbx_blank_PDB_chainid_flag 
_struct_asym.pdbx_modified 
_struct_asym.entity_id 
_struct_asym.details 
A N N 1 ? 
B N N 2 ? 
C N N 3 ? 
D N N 4 ? 
E N N 5 ? 
# 
_struct_ref.id                         1 
_struct_ref.db_name                    UNP 
_struct_ref.db_code                    GLBN_CERLA 
_struct_ref.pdbx_db_accession          O76242 
_struct_ref.entity_id                  1 
_struct_ref.pdbx_seq_one_letter_code   
;MVNWAAVVDDFYQELFKAHPEYQNKFGFKGVALGSLKGNAAYKTQAGKTVDYINAAIGGSADAAGLASRHKGRNVGSAEF
HNAKACLAKACSAHGAPDLGHAIDDILSHL
;
_struct_ref.pdbx_align_begin           1 
_struct_ref.pdbx_db_isoform            ? 
# 
_struct_ref_seq.align_id                      1 
_struct_ref_seq.ref_id                        1 
_struct_ref_seq.pdbx_PDB_id_code              4F69 
_struct_ref_seq.pdbx_strand_id                A 
_struct_ref_seq.seq_align_beg                 1 
_struct_ref_seq.pdbx_seq_align_beg_ins_code   ? 
_struct_ref_seq.seq_align_end                 110 
_struct_ref_seq.pdbx_seq_align_end_ins_code   ? 
_struct_ref_seq.pdbx_db_accession             O76242 
_struct_ref_seq.db_align_beg                  1 
_struct_ref_seq.pdbx_db_align_beg_ins_code    ? 
_struct_ref_seq.db_align_end                  110 
_struct_ref_seq.pdbx_db_align_end_ins_code    ? 
_struct_ref_seq.pdbx_auth_seq_align_beg       0 
_struct_ref_seq.pdbx_auth_seq_align_end       109 
# 
loop_
_struct_ref_seq_dif.align_id 
_struct_ref_seq_dif.pdbx_pdb_id_code 
_struct_ref_seq_dif.mon_id 
_struct_ref_seq_dif.pdbx_pdb_strand_id 
_struct_ref_seq_dif.seq_num 
_struct_ref_seq_dif.pdbx_pdb_ins_code 
_struct_ref_seq_dif.pdbx_seq_db_name 
_struct_ref_seq_dif.pdbx_seq_db_accession_code 
_struct_ref_seq_dif.db_mon_id 
_struct_ref_seq_dif.pdbx_seq_db_seq_num 
_struct_ref_seq_dif.details 
_struct_ref_seq_dif.pdbx_auth_seq_num 
_struct_ref_seq_dif.pdbx_ordinal 
1 4F69 PHE A 12 ? UNP O76242 TYR 12 'engineered mutation' 11 1 
1 4F69 LEU A 45 ? UNP O76242 GLN 45 'engineered mutation' 44 2 
1 4F69 VAL A 49 ? UNP O76242 THR 49 'engineered mutation' 48 3 
1 4F69 TRP A 56 ? UNP O76242 ALA 56 'engineered mutation' 55 4 
# 
_pdbx_struct_assembly.id                   1 
_pdbx_struct_assembly.details              author_and_software_defined_assembly 
_pdbx_struct_assembly.method_details       PISA 
_pdbx_struct_assembly.oligomeric_details   monomeric 
_pdbx_struct_assembly.oligomeric_count     1 
# 
_pdbx_struct_assembly_gen.assembly_id       1 
_pdbx_struct_assembly_gen.oper_expression   1 
_pdbx_struct_assembly_gen.asym_id_list      A,B,C,D,E 
# 
_pdbx_struct_oper_list.id                   1 
_pdbx_struct_oper_list.type                 'identity operation' 
_pdbx_struct_oper_list.name                 1_555 
_pdbx_struct_oper_list.symmetry_operation   x,y,z 
_pdbx_struct_oper_list.matrix[1][1]         1.0000000000 
_pdbx_struct_oper_list.matrix[1][2]         0.0000000000 
_pdbx_struct_oper_list.matrix[1][3]         0.0000000000 
_pdbx_struct_oper_list.vector[1]            0.0000000000 
_pdbx_struct_oper_list.matrix[2][1]         0.0000000000 
_pdbx_struct_oper_list.matrix[2][2]         1.0000000000 
_pdbx_struct_oper_list.matrix[2][3]         0.0000000000 
_pdbx_struct_oper_list.vector[2]            0.0000000000 
_pdbx_struct_oper_list.matrix[3][1]         0.0000000000 
_pdbx_struct_oper_list.matrix[3][2]         0.0000000000 
_pdbx_struct_oper_list.matrix[3][3]         1.0000000000 
_pdbx_struct_oper_list.vector[3]            0.0000000000 
# 
_struct_biol.id        1 
_struct_biol.details   ? 
# 
loop_
_struct_conf.conf_type_id 
_struct_conf.id 
_struct_conf.pdbx_PDB_helix_id 
_struct_conf.beg_label_comp_id 
_struct_conf.beg_label_asym_id 
_struct_conf.beg_label_seq_id 
_struct_conf.pdbx_beg_PDB_ins_code 
_struct_conf.end_label_comp_id 
_struct_conf.end_label_asym_id 
_struct_conf.end_label_seq_id 
_struct_conf.pdbx_end_PDB_ins_code 
_struct_conf.beg_auth_comp_id 
_struct_conf.beg_auth_asym_id 
_struct_conf.beg_auth_seq_id 
_struct_conf.end_auth_comp_id 
_struct_conf.end_auth_asym_id 
_struct_conf.end_auth_seq_id 
_struct_conf.pdbx_PDB_helix_class 
_struct_conf.details 
_struct_conf.pdbx_PDB_helix_length 
HELX_P HELX_P1 1 ASN A 3  ? HIS A 19  ? ASN A 2  HIS A 18  1 ? 17 
HELX_P HELX_P2 2 PRO A 20 ? PHE A 26  ? PRO A 19 PHE A 25  5 ? 7  
HELX_P HELX_P3 3 ALA A 32 ? GLY A 38  ? ALA A 31 GLY A 37  5 ? 7  
HELX_P HELX_P4 4 ASN A 39 ? GLY A 58  ? ASN A 38 GLY A 57  1 ? 20 
HELX_P HELX_P5 5 ASP A 62 ? GLY A 72  ? ASP A 61 GLY A 71  1 ? 11 
HELX_P HELX_P6 6 GLY A 76 ? HIS A 94  ? GLY A 75 HIS A 93  1 ? 19 
HELX_P HELX_P7 7 LEU A 99 ? SER A 108 ? LEU A 98 SER A 107 1 ? 10 
# 
_struct_conf_type.id          HELX_P 
_struct_conf_type.criteria    ? 
_struct_conf_type.reference   ? 
# 
_struct_conn.id                            metalc1 
_struct_conn.conn_type_id                  metalc 
_struct_conn.pdbx_leaving_atom_flag        ? 
_struct_conn.pdbx_PDB_id                   ? 
_struct_conn.ptnr1_label_asym_id           A 
_struct_conn.ptnr1_label_comp_id           HIS 
_struct_conn.ptnr1_label_seq_id            70 
_struct_conn.ptnr1_label_atom_id           NE2 
_struct_conn.pdbx_ptnr1_label_alt_id       ? 
_struct_conn.pdbx_ptnr1_PDB_ins_code       ? 
_struct_conn.pdbx_ptnr1_standard_comp_id   ? 
_struct_conn.ptnr1_symmetry                1_555 
_struct_conn.ptnr2_label_asym_id           D 
_struct_conn.ptnr2_label_comp_id           HEM 
_struct_conn.ptnr2_label_seq_id            . 
_struct_conn.ptnr2_label_atom_id           FE 
_struct_conn.pdbx_ptnr2_label_alt_id       ? 
_struct_conn.pdbx_ptnr2_PDB_ins_code       ? 
_struct_conn.ptnr1_auth_asym_id            A 
_struct_conn.ptnr1_auth_comp_id            HIS 
_struct_conn.ptnr1_auth_seq_id             69 
_struct_conn.ptnr2_auth_asym_id            A 
_struct_conn.ptnr2_auth_comp_id            HEM 
_struct_conn.ptnr2_auth_seq_id             203 
_struct_conn.ptnr2_symmetry                1_555 
_struct_conn.pdbx_ptnr3_label_atom_id      ? 
_struct_conn.pdbx_ptnr3_label_seq_id       ? 
_struct_conn.pdbx_ptnr3_label_comp_id      ? 
_struct_conn.pdbx_ptnr3_label_asym_id      ? 
_struct_conn.pdbx_ptnr3_label_alt_id       ? 
_struct_conn.pdbx_ptnr3_PDB_ins_code       ? 
_struct_conn.details                       ? 
_struct_conn.pdbx_dist_value               2.109 
_struct_conn.pdbx_value_order              ? 
_struct_conn.pdbx_role                     ? 
# 
_struct_conn_type.id          metalc 
_struct_conn_type.criteria    ? 
_struct_conn_type.reference   ? 
# 
loop_
_pdbx_struct_conn_angle.id 
_pdbx_struct_conn_angle.ptnr1_label_atom_id 
_pdbx_struct_conn_angle.ptnr1_label_alt_id 
_pdbx_struct_conn_angle.ptnr1_label_asym_id 
_pdbx_struct_conn_angle.ptnr1_label_comp_id 
_pdbx_struct_conn_angle.ptnr1_label_seq_id 
_pdbx_struct_conn_angle.ptnr1_auth_atom_id 
_pdbx_struct_conn_angle.ptnr1_auth_asym_id 
_pdbx_struct_conn_angle.ptnr1_auth_comp_id 
_pdbx_struct_conn_angle.ptnr1_auth_seq_id 
_pdbx_struct_conn_angle.ptnr1_PDB_ins_code 
_pdbx_struct_conn_angle.ptnr1_symmetry 
_pdbx_struct_conn_angle.ptnr2_label_atom_id 
_pdbx_struct_conn_angle.ptnr2_label_alt_id 
_pdbx_struct_conn_angle.ptnr2_label_asym_id 
_pdbx_struct_conn_angle.ptnr2_label_comp_id 
_pdbx_struct_conn_angle.ptnr2_label_seq_id 
_pdbx_struct_conn_angle.ptnr2_auth_atom_id 
_pdbx_struct_conn_angle.ptnr2_auth_asym_id 
_pdbx_struct_conn_angle.ptnr2_auth_comp_id 
_pdbx_struct_conn_angle.ptnr2_auth_seq_id 
_pdbx_struct_conn_angle.ptnr2_PDB_ins_code 
_pdbx_struct_conn_angle.ptnr2_symmetry 
_pdbx_struct_conn_angle.ptnr3_label_atom_id 
_pdbx_struct_conn_angle.ptnr3_label_alt_id 
_pdbx_struct_conn_angle.ptnr3_label_asym_id 
_pdbx_struct_conn_angle.ptnr3_label_comp_id 
_pdbx_struct_conn_angle.ptnr3_label_seq_id 
_pdbx_struct_conn_angle.ptnr3_auth_atom_id 
_pdbx_struct_conn_angle.ptnr3_auth_asym_id 
_pdbx_struct_conn_angle.ptnr3_auth_comp_id 
_pdbx_struct_conn_angle.ptnr3_auth_seq_id 
_pdbx_struct_conn_angle.ptnr3_PDB_ins_code 
_pdbx_struct_conn_angle.ptnr3_symmetry 
_pdbx_struct_conn_angle.value 
_pdbx_struct_conn_angle.value_esd 
1  NE2 ? A HIS 70 ? A HIS 69  ? 1_555 FE ? D HEM . ? A HEM 203 ? 1_555 NA ? D HEM . ? A HEM 203 ? 1_555 87.4  ? 
2  NE2 ? A HIS 70 ? A HIS 69  ? 1_555 FE ? D HEM . ? A HEM 203 ? 1_555 NB ? D HEM . ? A HEM 203 ? 1_555 88.4  ? 
3  NA  ? D HEM .  ? A HEM 203 ? 1_555 FE ? D HEM . ? A HEM 203 ? 1_555 NB ? D HEM . ? A HEM 203 ? 1_555 90.8  ? 
4  NE2 ? A HIS 70 ? A HIS 69  ? 1_555 FE ? D HEM . ? A HEM 203 ? 1_555 NC ? D HEM . ? A HEM 203 ? 1_555 89.4  ? 
5  NA  ? D HEM .  ? A HEM 203 ? 1_555 FE ? D HEM . ? A HEM 203 ? 1_555 NC ? D HEM . ? A HEM 203 ? 1_555 176.7 ? 
6  NB  ? D HEM .  ? A HEM 203 ? 1_555 FE ? D HEM . ? A HEM 203 ? 1_555 NC ? D HEM . ? A HEM 203 ? 1_555 88.5  ? 
7  NE2 ? A HIS 70 ? A HIS 69  ? 1_555 FE ? D HEM . ? A HEM 203 ? 1_555 ND ? D HEM . ? A HEM 203 ? 1_555 87.5  ? 
8  NA  ? D HEM .  ? A HEM 203 ? 1_555 FE ? D HEM . ? A HEM 203 ? 1_555 ND ? D HEM . ? A HEM 203 ? 1_555 89.0  ? 
9  NB  ? D HEM .  ? A HEM 203 ? 1_555 FE ? D HEM . ? A HEM 203 ? 1_555 ND ? D HEM . ? A HEM 203 ? 1_555 175.9 ? 
10 NC  ? D HEM .  ? A HEM 203 ? 1_555 FE ? D HEM . ? A HEM 203 ? 1_555 ND ? D HEM . ? A HEM 203 ? 1_555 91.5  ? 
# 
loop_
_struct_site.id 
_struct_site.pdbx_evidence_code 
_struct_site.pdbx_auth_asym_id 
_struct_site.pdbx_auth_comp_id 
_struct_site.pdbx_auth_seq_id 
_struct_site.pdbx_auth_ins_code 
_struct_site.pdbx_num_residues 
_struct_site.details 
AC1 Software A CMO 201 ? 4  'BINDING SITE FOR RESIDUE CMO A 201' 
AC2 Software A GOL 202 ? 3  'BINDING SITE FOR RESIDUE GOL A 202' 
AC3 Software A HEM 203 ? 20 'BINDING SITE FOR RESIDUE HEM A 203' 
# 
loop_
_struct_site_gen.id 
_struct_site_gen.site_id 
_struct_site_gen.pdbx_num_res 
_struct_site_gen.label_comp_id 
_struct_site_gen.label_asym_id 
_struct_site_gen.label_seq_id 
_struct_site_gen.pdbx_auth_ins_code 
_struct_site_gen.auth_comp_id 
_struct_site_gen.auth_asym_id 
_struct_site_gen.auth_seq_id 
_struct_site_gen.label_atom_id 
_struct_site_gen.label_alt_id 
_struct_site_gen.symmetry 
_struct_site_gen.details 
1  AC1 4  PHE A 12  ? PHE A 11  . ? 1_555 ? 
2  AC1 4  PHE A 26  ? PHE A 25  . ? 1_555 ? 
3  AC1 4  LEU A 45  ? LEU A 44  . ? 1_555 ? 
4  AC1 4  HEM D .   ? HEM A 203 . ? 1_555 ? 
5  AC2 3  ASN A 3   ? ASN A 2   . ? 1_555 ? 
6  AC2 3  HIS A 94  ? HIS A 93  . ? 1_555 ? 
7  AC2 3  HOH E .   ? HOH A 420 . ? 1_555 ? 
8  AC3 20 PHE A 11  ? PHE A 10  . ? 1_555 ? 
9  AC3 20 LYS A 25  ? LYS A 24  . ? 1_555 ? 
10 AC3 20 PHE A 26  ? PHE A 25  . ? 1_555 ? 
11 AC3 20 LYS A 48  ? LYS A 47  . ? 1_555 ? 
12 AC3 20 LEU A 66  ? LEU A 65  . ? 1_555 ? 
13 AC3 20 ARG A 69  ? ARG A 68  . ? 1_555 ? 
14 AC3 20 HIS A 70  ? HIS A 69  . ? 1_555 ? 
15 AC3 20 ARG A 73  ? ARG A 72  . ? 1_555 ? 
16 AC3 20 VAL A 75  ? VAL A 74  . ? 1_555 ? 
17 AC3 20 GLU A 79  ? GLU A 78  . ? 1_555 ? 
18 AC3 20 PHE A 80  ? PHE A 79  . ? 1_555 ? 
19 AC3 20 ILE A 103 ? ILE A 102 . ? 1_555 ? 
20 AC3 20 CMO B .   ? CMO A 201 . ? 1_555 ? 
21 AC3 20 HOH E .   ? HOH A 317 . ? 1_555 ? 
22 AC3 20 HOH E .   ? HOH A 322 . ? 1_555 ? 
23 AC3 20 HOH E .   ? HOH A 323 . ? 1_555 ? 
24 AC3 20 HOH E .   ? HOH A 351 . ? 1_555 ? 
25 AC3 20 HOH E .   ? HOH A 363 . ? 1_555 ? 
26 AC3 20 HOH E .   ? HOH A 398 . ? 1_555 ? 
27 AC3 20 HOH E .   ? HOH A 425 . ? 1_555 ? 
# 
loop_
_pdbx_validate_close_contact.id 
_pdbx_validate_close_contact.PDB_model_num 
_pdbx_validate_close_contact.auth_atom_id_1 
_pdbx_validate_close_contact.auth_asym_id_1 
_pdbx_validate_close_contact.auth_comp_id_1 
_pdbx_validate_close_contact.auth_seq_id_1 
_pdbx_validate_close_contact.PDB_ins_code_1 
_pdbx_validate_close_contact.label_alt_id_1 
_pdbx_validate_close_contact.auth_atom_id_2 
_pdbx_validate_close_contact.auth_asym_id_2 
_pdbx_validate_close_contact.auth_comp_id_2 
_pdbx_validate_close_contact.auth_seq_id_2 
_pdbx_validate_close_contact.PDB_ins_code_2 
_pdbx_validate_close_contact.label_alt_id_2 
_pdbx_validate_close_contact.dist 
1 1 O A HOH 324 ? ? O  A HOH 334 ? ? 1.88 
2 1 C A CMO 201 ? ? FE A HEM 203 ? ? 2.00 
3 1 O A HOH 317 ? ? O  A HOH 351 ? ? 2.06 
4 1 O A HOH 364 ? ? O  A HOH 400 ? ? 2.16 
# 
loop_
_chem_comp_atom.comp_id 
_chem_comp_atom.atom_id 
_chem_comp_atom.type_symbol 
_chem_comp_atom.pdbx_aromatic_flag 
_chem_comp_atom.pdbx_stereo_config 
_chem_comp_atom.pdbx_ordinal 
ALA N    N  N N 1   
ALA CA   C  N S 2   
ALA C    C  N N 3   
ALA O    O  N N 4   
ALA CB   C  N N 5   
ALA OXT  O  N N 6   
ALA H    H  N N 7   
ALA H2   H  N N 8   
ALA HA   H  N N 9   
ALA HB1  H  N N 10  
ALA HB2  H  N N 11  
ALA HB3  H  N N 12  
ALA HXT  H  N N 13  
ARG N    N  N N 14  
ARG CA   C  N S 15  
ARG C    C  N N 16  
ARG O    O  N N 17  
ARG CB   C  N N 18  
ARG CG   C  N N 19  
ARG CD   C  N N 20  
ARG NE   N  N N 21  
ARG CZ   C  N N 22  
ARG NH1  N  N N 23  
ARG NH2  N  N N 24  
ARG OXT  O  N N 25  
ARG H    H  N N 26  
ARG H2   H  N N 27  
ARG HA   H  N N 28  
ARG HB2  H  N N 29  
ARG HB3  H  N N 30  
ARG HG2  H  N N 31  
ARG HG3  H  N N 32  
ARG HD2  H  N N 33  
ARG HD3  H  N N 34  
ARG HE   H  N N 35  
ARG HH11 H  N N 36  
ARG HH12 H  N N 37  
ARG HH21 H  N N 38  
ARG HH22 H  N N 39  
ARG HXT  H  N N 40  
ASN N    N  N N 41  
ASN CA   C  N S 42  
ASN C    C  N N 43  
ASN O    O  N N 44  
ASN CB   C  N N 45  
ASN CG   C  N N 46  
ASN OD1  O  N N 47  
ASN ND2  N  N N 48  
ASN OXT  O  N N 49  
ASN H    H  N N 50  
ASN H2   H  N N 51  
ASN HA   H  N N 52  
ASN HB2  H  N N 53  
ASN HB3  H  N N 54  
ASN HD21 H  N N 55  
ASN HD22 H  N N 56  
ASN HXT  H  N N 57  
ASP N    N  N N 58  
ASP CA   C  N S 59  
ASP C    C  N N 60  
ASP O    O  N N 61  
ASP CB   C  N N 62  
ASP CG   C  N N 63  
ASP OD1  O  N N 64  
ASP OD2  O  N N 65  
ASP OXT  O  N N 66  
ASP H    H  N N 67  
ASP H2   H  N N 68  
ASP HA   H  N N 69  
ASP HB2  H  N N 70  
ASP HB3  H  N N 71  
ASP HD2  H  N N 72  
ASP HXT  H  N N 73  
CMO C    C  N N 74  
CMO O    O  N N 75  
CYS N    N  N N 76  
CYS CA   C  N R 77  
CYS C    C  N N 78  
CYS O    O  N N 79  
CYS CB   C  N N 80  
CYS SG   S  N N 81  
CYS OXT  O  N N 82  
CYS H    H  N N 83  
CYS H2   H  N N 84  
CYS HA   H  N N 85  
CYS HB2  H  N N 86  
CYS HB3  H  N N 87  
CYS HG   H  N N 88  
CYS HXT  H  N N 89  
GLN N    N  N N 90  
GLN CA   C  N S 91  
GLN C    C  N N 92  
GLN O    O  N N 93  
GLN CB   C  N N 94  
GLN CG   C  N N 95  
GLN CD   C  N N 96  
GLN OE1  O  N N 97  
GLN NE2  N  N N 98  
GLN OXT  O  N N 99  
GLN H    H  N N 100 
GLN H2   H  N N 101 
GLN HA   H  N N 102 
GLN HB2  H  N N 103 
GLN HB3  H  N N 104 
GLN HG2  H  N N 105 
GLN HG3  H  N N 106 
GLN HE21 H  N N 107 
GLN HE22 H  N N 108 
GLN HXT  H  N N 109 
GLU N    N  N N 110 
GLU CA   C  N S 111 
GLU C    C  N N 112 
GLU O    O  N N 113 
GLU CB   C  N N 114 
GLU CG   C  N N 115 
GLU CD   C  N N 116 
GLU OE1  O  N N 117 
GLU OE2  O  N N 118 
GLU OXT  O  N N 119 
GLU H    H  N N 120 
GLU H2   H  N N 121 
GLU HA   H  N N 122 
GLU HB2  H  N N 123 
GLU HB3  H  N N 124 
GLU HG2  H  N N 125 
GLU HG3  H  N N 126 
GLU HE2  H  N N 127 
GLU HXT  H  N N 128 
GLY N    N  N N 129 
GLY CA   C  N N 130 
GLY C    C  N N 131 
GLY O    O  N N 132 
GLY OXT  O  N N 133 
GLY H    H  N N 134 
GLY H2   H  N N 135 
GLY HA2  H  N N 136 
GLY HA3  H  N N 137 
GLY HXT  H  N N 138 
GOL C1   C  N N 139 
GOL O1   O  N N 140 
GOL C2   C  N N 141 
GOL O2   O  N N 142 
GOL C3   C  N N 143 
GOL O3   O  N N 144 
GOL H11  H  N N 145 
GOL H12  H  N N 146 
GOL HO1  H  N N 147 
GOL H2   H  N N 148 
GOL HO2  H  N N 149 
GOL H31  H  N N 150 
GOL H32  H  N N 151 
GOL HO3  H  N N 152 
HEM CHA  C  N N 153 
HEM CHB  C  N N 154 
HEM CHC  C  N N 155 
HEM CHD  C  N N 156 
HEM C1A  C  Y N 157 
HEM C2A  C  Y N 158 
HEM C3A  C  Y N 159 
HEM C4A  C  Y N 160 
HEM CMA  C  N N 161 
HEM CAA  C  N N 162 
HEM CBA  C  N N 163 
HEM CGA  C  N N 164 
HEM O1A  O  N N 165 
HEM O2A  O  N N 166 
HEM C1B  C  N N 167 
HEM C2B  C  N N 168 
HEM C3B  C  N N 169 
HEM C4B  C  N N 170 
HEM CMB  C  N N 171 
HEM CAB  C  N N 172 
HEM CBB  C  N N 173 
HEM C1C  C  Y N 174 
HEM C2C  C  Y N 175 
HEM C3C  C  Y N 176 
HEM C4C  C  Y N 177 
HEM CMC  C  N N 178 
HEM CAC  C  N N 179 
HEM CBC  C  N N 180 
HEM C1D  C  N N 181 
HEM C2D  C  N N 182 
HEM C3D  C  N N 183 
HEM C4D  C  N N 184 
HEM CMD  C  N N 185 
HEM CAD  C  N N 186 
HEM CBD  C  N N 187 
HEM CGD  C  N N 188 
HEM O1D  O  N N 189 
HEM O2D  O  N N 190 
HEM NA   N  Y N 191 
HEM NB   N  N N 192 
HEM NC   N  Y N 193 
HEM ND   N  N N 194 
HEM FE   FE N N 195 
HEM HHB  H  N N 196 
HEM HHC  H  N N 197 
HEM HHD  H  N N 198 
HEM HMA  H  N N 199 
HEM HMAA H  N N 200 
HEM HMAB H  N N 201 
HEM HAA  H  N N 202 
HEM HAAA H  N N 203 
HEM HBA  H  N N 204 
HEM HBAA H  N N 205 
HEM HMB  H  N N 206 
HEM HMBA H  N N 207 
HEM HMBB H  N N 208 
HEM HAB  H  N N 209 
HEM HBB  H  N N 210 
HEM HBBA H  N N 211 
HEM HMC  H  N N 212 
HEM HMCA H  N N 213 
HEM HMCB H  N N 214 
HEM HAC  H  N N 215 
HEM HBC  H  N N 216 
HEM HBCA H  N N 217 
HEM HMD  H  N N 218 
HEM HMDA H  N N 219 
HEM HMDB H  N N 220 
HEM HAD  H  N N 221 
HEM HADA H  N N 222 
HEM HBD  H  N N 223 
HEM HBDA H  N N 224 
HEM H2A  H  N N 225 
HEM H2D  H  N N 226 
HEM HHA  H  N N 227 
HIS N    N  N N 228 
HIS CA   C  N S 229 
HIS C    C  N N 230 
HIS O    O  N N 231 
HIS CB   C  N N 232 
HIS CG   C  Y N 233 
HIS ND1  N  Y N 234 
HIS CD2  C  Y N 235 
HIS CE1  C  Y N 236 
HIS NE2  N  Y N 237 
HIS OXT  O  N N 238 
HIS H    H  N N 239 
HIS H2   H  N N 240 
HIS HA   H  N N 241 
HIS HB2  H  N N 242 
HIS HB3  H  N N 243 
HIS HD1  H  N N 244 
HIS HD2  H  N N 245 
HIS HE1  H  N N 246 
HIS HE2  H  N N 247 
HIS HXT  H  N N 248 
HOH O    O  N N 249 
HOH H1   H  N N 250 
HOH H2   H  N N 251 
ILE N    N  N N 252 
ILE CA   C  N S 253 
ILE C    C  N N 254 
ILE O    O  N N 255 
ILE CB   C  N S 256 
ILE CG1  C  N N 257 
ILE CG2  C  N N 258 
ILE CD1  C  N N 259 
ILE OXT  O  N N 260 
ILE H    H  N N 261 
ILE H2   H  N N 262 
ILE HA   H  N N 263 
ILE HB   H  N N 264 
ILE HG12 H  N N 265 
ILE HG13 H  N N 266 
ILE HG21 H  N N 267 
ILE HG22 H  N N 268 
ILE HG23 H  N N 269 
ILE HD11 H  N N 270 
ILE HD12 H  N N 271 
ILE HD13 H  N N 272 
ILE HXT  H  N N 273 
LEU N    N  N N 274 
LEU CA   C  N S 275 
LEU C    C  N N 276 
LEU O    O  N N 277 
LEU CB   C  N N 278 
LEU CG   C  N N 279 
LEU CD1  C  N N 280 
LEU CD2  C  N N 281 
LEU OXT  O  N N 282 
LEU H    H  N N 283 
LEU H2   H  N N 284 
LEU HA   H  N N 285 
LEU HB2  H  N N 286 
LEU HB3  H  N N 287 
LEU HG   H  N N 288 
LEU HD11 H  N N 289 
LEU HD12 H  N N 290 
LEU HD13 H  N N 291 
LEU HD21 H  N N 292 
LEU HD22 H  N N 293 
LEU HD23 H  N N 294 
LEU HXT  H  N N 295 
LYS N    N  N N 296 
LYS CA   C  N S 297 
LYS C    C  N N 298 
LYS O    O  N N 299 
LYS CB   C  N N 300 
LYS CG   C  N N 301 
LYS CD   C  N N 302 
LYS CE   C  N N 303 
LYS NZ   N  N N 304 
LYS OXT  O  N N 305 
LYS H    H  N N 306 
LYS H2   H  N N 307 
LYS HA   H  N N 308 
LYS HB2  H  N N 309 
LYS HB3  H  N N 310 
LYS HG2  H  N N 311 
LYS HG3  H  N N 312 
LYS HD2  H  N N 313 
LYS HD3  H  N N 314 
LYS HE2  H  N N 315 
LYS HE3  H  N N 316 
LYS HZ1  H  N N 317 
LYS HZ2  H  N N 318 
LYS HZ3  H  N N 319 
LYS HXT  H  N N 320 
MET N    N  N N 321 
MET CA   C  N S 322 
MET C    C  N N 323 
MET O    O  N N 324 
MET CB   C  N N 325 
MET CG   C  N N 326 
MET SD   S  N N 327 
MET CE   C  N N 328 
MET OXT  O  N N 329 
MET H    H  N N 330 
MET H2   H  N N 331 
MET HA   H  N N 332 
MET HB2  H  N N 333 
MET HB3  H  N N 334 
MET HG2  H  N N 335 
MET HG3  H  N N 336 
MET HE1  H  N N 337 
MET HE2  H  N N 338 
MET HE3  H  N N 339 
MET HXT  H  N N 340 
PHE N    N  N N 341 
PHE CA   C  N S 342 
PHE C    C  N N 343 
PHE O    O  N N 344 
PHE CB   C  N N 345 
PHE CG   C  Y N 346 
PHE CD1  C  Y N 347 
PHE CD2  C  Y N 348 
PHE CE1  C  Y N 349 
PHE CE2  C  Y N 350 
PHE CZ   C  Y N 351 
PHE OXT  O  N N 352 
PHE H    H  N N 353 
PHE H2   H  N N 354 
PHE HA   H  N N 355 
PHE HB2  H  N N 356 
PHE HB3  H  N N 357 
PHE HD1  H  N N 358 
PHE HD2  H  N N 359 
PHE HE1  H  N N 360 
PHE HE2  H  N N 361 
PHE HZ   H  N N 362 
PHE HXT  H  N N 363 
PRO N    N  N N 364 
PRO CA   C  N S 365 
PRO C    C  N N 366 
PRO O    O  N N 367 
PRO CB   C  N N 368 
PRO CG   C  N N 369 
PRO CD   C  N N 370 
PRO OXT  O  N N 371 
PRO H    H  N N 372 
PRO HA   H  N N 373 
PRO HB2  H  N N 374 
PRO HB3  H  N N 375 
PRO HG2  H  N N 376 
PRO HG3  H  N N 377 
PRO HD2  H  N N 378 
PRO HD3  H  N N 379 
PRO HXT  H  N N 380 
SER N    N  N N 381 
SER CA   C  N S 382 
SER C    C  N N 383 
SER O    O  N N 384 
SER CB   C  N N 385 
SER OG   O  N N 386 
SER OXT  O  N N 387 
SER H    H  N N 388 
SER H2   H  N N 389 
SER HA   H  N N 390 
SER HB2  H  N N 391 
SER HB3  H  N N 392 
SER HG   H  N N 393 
SER HXT  H  N N 394 
THR N    N  N N 395 
THR CA   C  N S 396 
THR C    C  N N 397 
THR O    O  N N 398 
THR CB   C  N R 399 
THR OG1  O  N N 400 
THR CG2  C  N N 401 
THR OXT  O  N N 402 
THR H    H  N N 403 
THR H2   H  N N 404 
THR HA   H  N N 405 
THR HB   H  N N 406 
THR HG1  H  N N 407 
THR HG21 H  N N 408 
THR HG22 H  N N 409 
THR HG23 H  N N 410 
THR HXT  H  N N 411 
TRP N    N  N N 412 
TRP CA   C  N S 413 
TRP C    C  N N 414 
TRP O    O  N N 415 
TRP CB   C  N N 416 
TRP CG   C  Y N 417 
TRP CD1  C  Y N 418 
TRP CD2  C  Y N 419 
TRP NE1  N  Y N 420 
TRP CE2  C  Y N 421 
TRP CE3  C  Y N 422 
TRP CZ2  C  Y N 423 
TRP CZ3  C  Y N 424 
TRP CH2  C  Y N 425 
TRP OXT  O  N N 426 
TRP H    H  N N 427 
TRP H2   H  N N 428 
TRP HA   H  N N 429 
TRP HB2  H  N N 430 
TRP HB3  H  N N 431 
TRP HD1  H  N N 432 
TRP HE1  H  N N 433 
TRP HE3  H  N N 434 
TRP HZ2  H  N N 435 
TRP HZ3  H  N N 436 
TRP HH2  H  N N 437 
TRP HXT  H  N N 438 
TYR N    N  N N 439 
TYR CA   C  N S 440 
TYR C    C  N N 441 
TYR O    O  N N 442 
TYR CB   C  N N 443 
TYR CG   C  Y N 444 
TYR CD1  C  Y N 445 
TYR CD2  C  Y N 446 
TYR CE1  C  Y N 447 
TYR CE2  C  Y N 448 
TYR CZ   C  Y N 449 
TYR OH   O  N N 450 
TYR OXT  O  N N 451 
TYR H    H  N N 452 
TYR H2   H  N N 453 
TYR HA   H  N N 454 
TYR HB2  H  N N 455 
TYR HB3  H  N N 456 
TYR HD1  H  N N 457 
TYR HD2  H  N N 458 
TYR HE1  H  N N 459 
TYR HE2  H  N N 460 
TYR HH   H  N N 461 
TYR HXT  H  N N 462 
VAL N    N  N N 463 
VAL CA   C  N S 464 
VAL C    C  N N 465 
VAL O    O  N N 466 
VAL CB   C  N N 467 
VAL CG1  C  N N 468 
VAL CG2  C  N N 469 
VAL OXT  O  N N 470 
VAL H    H  N N 471 
VAL H2   H  N N 472 
VAL HA   H  N N 473 
VAL HB   H  N N 474 
VAL HG11 H  N N 475 
VAL HG12 H  N N 476 
VAL HG13 H  N N 477 
VAL HG21 H  N N 478 
VAL HG22 H  N N 479 
VAL HG23 H  N N 480 
VAL HXT  H  N N 481 
# 
loop_
_chem_comp_bond.comp_id 
_chem_comp_bond.atom_id_1 
_chem_comp_bond.atom_id_2 
_chem_comp_bond.value_order 
_chem_comp_bond.pdbx_aromatic_flag 
_chem_comp_bond.pdbx_stereo_config 
_chem_comp_bond.pdbx_ordinal 
ALA N   CA   sing N N 1   
ALA N   H    sing N N 2   
ALA N   H2   sing N N 3   
ALA CA  C    sing N N 4   
ALA CA  CB   sing N N 5   
ALA CA  HA   sing N N 6   
ALA C   O    doub N N 7   
ALA C   OXT  sing N N 8   
ALA CB  HB1  sing N N 9   
ALA CB  HB2  sing N N 10  
ALA CB  HB3  sing N N 11  
ALA OXT HXT  sing N N 12  
ARG N   CA   sing N N 13  
ARG N   H    sing N N 14  
ARG N   H2   sing N N 15  
ARG CA  C    sing N N 16  
ARG CA  CB   sing N N 17  
ARG CA  HA   sing N N 18  
ARG C   O    doub N N 19  
ARG C   OXT  sing N N 20  
ARG CB  CG   sing N N 21  
ARG CB  HB2  sing N N 22  
ARG CB  HB3  sing N N 23  
ARG CG  CD   sing N N 24  
ARG CG  HG2  sing N N 25  
ARG CG  HG3  sing N N 26  
ARG CD  NE   sing N N 27  
ARG CD  HD2  sing N N 28  
ARG CD  HD3  sing N N 29  
ARG NE  CZ   sing N N 30  
ARG NE  HE   sing N N 31  
ARG CZ  NH1  sing N N 32  
ARG CZ  NH2  doub N N 33  
ARG NH1 HH11 sing N N 34  
ARG NH1 HH12 sing N N 35  
ARG NH2 HH21 sing N N 36  
ARG NH2 HH22 sing N N 37  
ARG OXT HXT  sing N N 38  
ASN N   CA   sing N N 39  
ASN N   H    sing N N 40  
ASN N   H2   sing N N 41  
ASN CA  C    sing N N 42  
ASN CA  CB   sing N N 43  
ASN CA  HA   sing N N 44  
ASN C   O    doub N N 45  
ASN C   OXT  sing N N 46  
ASN CB  CG   sing N N 47  
ASN CB  HB2  sing N N 48  
ASN CB  HB3  sing N N 49  
ASN CG  OD1  doub N N 50  
ASN CG  ND2  sing N N 51  
ASN ND2 HD21 sing N N 52  
ASN ND2 HD22 sing N N 53  
ASN OXT HXT  sing N N 54  
ASP N   CA   sing N N 55  
ASP N   H    sing N N 56  
ASP N   H2   sing N N 57  
ASP CA  C    sing N N 58  
ASP CA  CB   sing N N 59  
ASP CA  HA   sing N N 60  
ASP C   O    doub N N 61  
ASP C   OXT  sing N N 62  
ASP CB  CG   sing N N 63  
ASP CB  HB2  sing N N 64  
ASP CB  HB3  sing N N 65  
ASP CG  OD1  doub N N 66  
ASP CG  OD2  sing N N 67  
ASP OD2 HD2  sing N N 68  
ASP OXT HXT  sing N N 69  
CMO C   O    trip N N 70  
CYS N   CA   sing N N 71  
CYS N   H    sing N N 72  
CYS N   H2   sing N N 73  
CYS CA  C    sing N N 74  
CYS CA  CB   sing N N 75  
CYS CA  HA   sing N N 76  
CYS C   O    doub N N 77  
CYS C   OXT  sing N N 78  
CYS CB  SG   sing N N 79  
CYS CB  HB2  sing N N 80  
CYS CB  HB3  sing N N 81  
CYS SG  HG   sing N N 82  
CYS OXT HXT  sing N N 83  
GLN N   CA   sing N N 84  
GLN N   H    sing N N 85  
GLN N   H2   sing N N 86  
GLN CA  C    sing N N 87  
GLN CA  CB   sing N N 88  
GLN CA  HA   sing N N 89  
GLN C   O    doub N N 90  
GLN C   OXT  sing N N 91  
GLN CB  CG   sing N N 92  
GLN CB  HB2  sing N N 93  
GLN CB  HB3  sing N N 94  
GLN CG  CD   sing N N 95  
GLN CG  HG2  sing N N 96  
GLN CG  HG3  sing N N 97  
GLN CD  OE1  doub N N 98  
GLN CD  NE2  sing N N 99  
GLN NE2 HE21 sing N N 100 
GLN NE2 HE22 sing N N 101 
GLN OXT HXT  sing N N 102 
GLU N   CA   sing N N 103 
GLU N   H    sing N N 104 
GLU N   H2   sing N N 105 
GLU CA  C    sing N N 106 
GLU CA  CB   sing N N 107 
GLU CA  HA   sing N N 108 
GLU C   O    doub N N 109 
GLU C   OXT  sing N N 110 
GLU CB  CG   sing N N 111 
GLU CB  HB2  sing N N 112 
GLU CB  HB3  sing N N 113 
GLU CG  CD   sing N N 114 
GLU CG  HG2  sing N N 115 
GLU CG  HG3  sing N N 116 
GLU CD  OE1  doub N N 117 
GLU CD  OE2  sing N N 118 
GLU OE2 HE2  sing N N 119 
GLU OXT HXT  sing N N 120 
GLY N   CA   sing N N 121 
GLY N   H    sing N N 122 
GLY N   H2   sing N N 123 
GLY CA  C    sing N N 124 
GLY CA  HA2  sing N N 125 
GLY CA  HA3  sing N N 126 
GLY C   O    doub N N 127 
GLY C   OXT  sing N N 128 
GLY OXT HXT  sing N N 129 
GOL C1  O1   sing N N 130 
GOL C1  C2   sing N N 131 
GOL C1  H11  sing N N 132 
GOL C1  H12  sing N N 133 
GOL O1  HO1  sing N N 134 
GOL C2  O2   sing N N 135 
GOL C2  C3   sing N N 136 
GOL C2  H2   sing N N 137 
GOL O2  HO2  sing N N 138 
GOL C3  O3   sing N N 139 
GOL C3  H31  sing N N 140 
GOL C3  H32  sing N N 141 
GOL O3  HO3  sing N N 142 
HEM CHA C1A  sing N N 143 
HEM CHA C4D  doub N N 144 
HEM CHA HHA  sing N N 145 
HEM CHB C4A  sing N N 146 
HEM CHB C1B  doub N N 147 
HEM CHB HHB  sing N N 148 
HEM CHC C4B  sing N N 149 
HEM CHC C1C  doub N N 150 
HEM CHC HHC  sing N N 151 
HEM CHD C4C  doub N N 152 
HEM CHD C1D  sing N N 153 
HEM CHD HHD  sing N N 154 
HEM C1A C2A  doub Y N 155 
HEM C1A NA   sing Y N 156 
HEM C2A C3A  sing Y N 157 
HEM C2A CAA  sing N N 158 
HEM C3A C4A  doub Y N 159 
HEM C3A CMA  sing N N 160 
HEM C4A NA   sing Y N 161 
HEM CMA HMA  sing N N 162 
HEM CMA HMAA sing N N 163 
HEM CMA HMAB sing N N 164 
HEM CAA CBA  sing N N 165 
HEM CAA HAA  sing N N 166 
HEM CAA HAAA sing N N 167 
HEM CBA CGA  sing N N 168 
HEM CBA HBA  sing N N 169 
HEM CBA HBAA sing N N 170 
HEM CGA O1A  doub N N 171 
HEM CGA O2A  sing N N 172 
HEM C1B C2B  sing N N 173 
HEM C1B NB   sing N N 174 
HEM C2B C3B  doub N N 175 
HEM C2B CMB  sing N N 176 
HEM C3B C4B  sing N N 177 
HEM C3B CAB  sing N N 178 
HEM C4B NB   doub N N 179 
HEM CMB HMB  sing N N 180 
HEM CMB HMBA sing N N 181 
HEM CMB HMBB sing N N 182 
HEM CAB CBB  doub N N 183 
HEM CAB HAB  sing N N 184 
HEM CBB HBB  sing N N 185 
HEM CBB HBBA sing N N 186 
HEM C1C C2C  sing Y N 187 
HEM C1C NC   sing Y N 188 
HEM C2C C3C  doub Y N 189 
HEM C2C CMC  sing N N 190 
HEM C3C C4C  sing Y N 191 
HEM C3C CAC  sing N N 192 
HEM C4C NC   sing Y N 193 
HEM CMC HMC  sing N N 194 
HEM CMC HMCA sing N N 195 
HEM CMC HMCB sing N N 196 
HEM CAC CBC  doub N N 197 
HEM CAC HAC  sing N N 198 
HEM CBC HBC  sing N N 199 
HEM CBC HBCA sing N N 200 
HEM C1D C2D  sing N N 201 
HEM C1D ND   doub N N 202 
HEM C2D C3D  doub N N 203 
HEM C2D CMD  sing N N 204 
HEM C3D C4D  sing N N 205 
HEM C3D CAD  sing N N 206 
HEM C4D ND   sing N N 207 
HEM CMD HMD  sing N N 208 
HEM CMD HMDA sing N N 209 
HEM CMD HMDB sing N N 210 
HEM CAD CBD  sing N N 211 
HEM CAD HAD  sing N N 212 
HEM CAD HADA sing N N 213 
HEM CBD CGD  sing N N 214 
HEM CBD HBD  sing N N 215 
HEM CBD HBDA sing N N 216 
HEM CGD O1D  doub N N 217 
HEM CGD O2D  sing N N 218 
HEM O2A H2A  sing N N 219 
HEM O2D H2D  sing N N 220 
HEM FE  NA   sing N N 221 
HEM FE  NB   sing N N 222 
HEM FE  NC   sing N N 223 
HEM FE  ND   sing N N 224 
HIS N   CA   sing N N 225 
HIS N   H    sing N N 226 
HIS N   H2   sing N N 227 
HIS CA  C    sing N N 228 
HIS CA  CB   sing N N 229 
HIS CA  HA   sing N N 230 
HIS C   O    doub N N 231 
HIS C   OXT  sing N N 232 
HIS CB  CG   sing N N 233 
HIS CB  HB2  sing N N 234 
HIS CB  HB3  sing N N 235 
HIS CG  ND1  sing Y N 236 
HIS CG  CD2  doub Y N 237 
HIS ND1 CE1  doub Y N 238 
HIS ND1 HD1  sing N N 239 
HIS CD2 NE2  sing Y N 240 
HIS CD2 HD2  sing N N 241 
HIS CE1 NE2  sing Y N 242 
HIS CE1 HE1  sing N N 243 
HIS NE2 HE2  sing N N 244 
HIS OXT HXT  sing N N 245 
HOH O   H1   sing N N 246 
HOH O   H2   sing N N 247 
ILE N   CA   sing N N 248 
ILE N   H    sing N N 249 
ILE N   H2   sing N N 250 
ILE CA  C    sing N N 251 
ILE CA  CB   sing N N 252 
ILE CA  HA   sing N N 253 
ILE C   O    doub N N 254 
ILE C   OXT  sing N N 255 
ILE CB  CG1  sing N N 256 
ILE CB  CG2  sing N N 257 
ILE CB  HB   sing N N 258 
ILE CG1 CD1  sing N N 259 
ILE CG1 HG12 sing N N 260 
ILE CG1 HG13 sing N N 261 
ILE CG2 HG21 sing N N 262 
ILE CG2 HG22 sing N N 263 
ILE CG2 HG23 sing N N 264 
ILE CD1 HD11 sing N N 265 
ILE CD1 HD12 sing N N 266 
ILE CD1 HD13 sing N N 267 
ILE OXT HXT  sing N N 268 
LEU N   CA   sing N N 269 
LEU N   H    sing N N 270 
LEU N   H2   sing N N 271 
LEU CA  C    sing N N 272 
LEU CA  CB   sing N N 273 
LEU CA  HA   sing N N 274 
LEU C   O    doub N N 275 
LEU C   OXT  sing N N 276 
LEU CB  CG   sing N N 277 
LEU CB  HB2  sing N N 278 
LEU CB  HB3  sing N N 279 
LEU CG  CD1  sing N N 280 
LEU CG  CD2  sing N N 281 
LEU CG  HG   sing N N 282 
LEU CD1 HD11 sing N N 283 
LEU CD1 HD12 sing N N 284 
LEU CD1 HD13 sing N N 285 
LEU CD2 HD21 sing N N 286 
LEU CD2 HD22 sing N N 287 
LEU CD2 HD23 sing N N 288 
LEU OXT HXT  sing N N 289 
LYS N   CA   sing N N 290 
LYS N   H    sing N N 291 
LYS N   H2   sing N N 292 
LYS CA  C    sing N N 293 
LYS CA  CB   sing N N 294 
LYS CA  HA   sing N N 295 
LYS C   O    doub N N 296 
LYS C   OXT  sing N N 297 
LYS CB  CG   sing N N 298 
LYS CB  HB2  sing N N 299 
LYS CB  HB3  sing N N 300 
LYS CG  CD   sing N N 301 
LYS CG  HG2  sing N N 302 
LYS CG  HG3  sing N N 303 
LYS CD  CE   sing N N 304 
LYS CD  HD2  sing N N 305 
LYS CD  HD3  sing N N 306 
LYS CE  NZ   sing N N 307 
LYS CE  HE2  sing N N 308 
LYS CE  HE3  sing N N 309 
LYS NZ  HZ1  sing N N 310 
LYS NZ  HZ2  sing N N 311 
LYS NZ  HZ3  sing N N 312 
LYS OXT HXT  sing N N 313 
MET N   CA   sing N N 314 
MET N   H    sing N N 315 
MET N   H2   sing N N 316 
MET CA  C    sing N N 317 
MET CA  CB   sing N N 318 
MET CA  HA   sing N N 319 
MET C   O    doub N N 320 
MET C   OXT  sing N N 321 
MET CB  CG   sing N N 322 
MET CB  HB2  sing N N 323 
MET CB  HB3  sing N N 324 
MET CG  SD   sing N N 325 
MET CG  HG2  sing N N 326 
MET CG  HG3  sing N N 327 
MET SD  CE   sing N N 328 
MET CE  HE1  sing N N 329 
MET CE  HE2  sing N N 330 
MET CE  HE3  sing N N 331 
MET OXT HXT  sing N N 332 
PHE N   CA   sing N N 333 
PHE N   H    sing N N 334 
PHE N   H2   sing N N 335 
PHE CA  C    sing N N 336 
PHE CA  CB   sing N N 337 
PHE CA  HA   sing N N 338 
PHE C   O    doub N N 339 
PHE C   OXT  sing N N 340 
PHE CB  CG   sing N N 341 
PHE CB  HB2  sing N N 342 
PHE CB  HB3  sing N N 343 
PHE CG  CD1  doub Y N 344 
PHE CG  CD2  sing Y N 345 
PHE CD1 CE1  sing Y N 346 
PHE CD1 HD1  sing N N 347 
PHE CD2 CE2  doub Y N 348 
PHE CD2 HD2  sing N N 349 
PHE CE1 CZ   doub Y N 350 
PHE CE1 HE1  sing N N 351 
PHE CE2 CZ   sing Y N 352 
PHE CE2 HE2  sing N N 353 
PHE CZ  HZ   sing N N 354 
PHE OXT HXT  sing N N 355 
PRO N   CA   sing N N 356 
PRO N   CD   sing N N 357 
PRO N   H    sing N N 358 
PRO CA  C    sing N N 359 
PRO CA  CB   sing N N 360 
PRO CA  HA   sing N N 361 
PRO C   O    doub N N 362 
PRO C   OXT  sing N N 363 
PRO CB  CG   sing N N 364 
PRO CB  HB2  sing N N 365 
PRO CB  HB3  sing N N 366 
PRO CG  CD   sing N N 367 
PRO CG  HG2  sing N N 368 
PRO CG  HG3  sing N N 369 
PRO CD  HD2  sing N N 370 
PRO CD  HD3  sing N N 371 
PRO OXT HXT  sing N N 372 
SER N   CA   sing N N 373 
SER N   H    sing N N 374 
SER N   H2   sing N N 375 
SER CA  C    sing N N 376 
SER CA  CB   sing N N 377 
SER CA  HA   sing N N 378 
SER C   O    doub N N 379 
SER C   OXT  sing N N 380 
SER CB  OG   sing N N 381 
SER CB  HB2  sing N N 382 
SER CB  HB3  sing N N 383 
SER OG  HG   sing N N 384 
SER OXT HXT  sing N N 385 
THR N   CA   sing N N 386 
THR N   H    sing N N 387 
THR N   H2   sing N N 388 
THR CA  C    sing N N 389 
THR CA  CB   sing N N 390 
THR CA  HA   sing N N 391 
THR C   O    doub N N 392 
THR C   OXT  sing N N 393 
THR CB  OG1  sing N N 394 
THR CB  CG2  sing N N 395 
THR CB  HB   sing N N 396 
THR OG1 HG1  sing N N 397 
THR CG2 HG21 sing N N 398 
THR CG2 HG22 sing N N 399 
THR CG2 HG23 sing N N 400 
THR OXT HXT  sing N N 401 
TRP N   CA   sing N N 402 
TRP N   H    sing N N 403 
TRP N   H2   sing N N 404 
TRP CA  C    sing N N 405 
TRP CA  CB   sing N N 406 
TRP CA  HA   sing N N 407 
TRP C   O    doub N N 408 
TRP C   OXT  sing N N 409 
TRP CB  CG   sing N N 410 
TRP CB  HB2  sing N N 411 
TRP CB  HB3  sing N N 412 
TRP CG  CD1  doub Y N 413 
TRP CG  CD2  sing Y N 414 
TRP CD1 NE1  sing Y N 415 
TRP CD1 HD1  sing N N 416 
TRP CD2 CE2  doub Y N 417 
TRP CD2 CE3  sing Y N 418 
TRP NE1 CE2  sing Y N 419 
TRP NE1 HE1  sing N N 420 
TRP CE2 CZ2  sing Y N 421 
TRP CE3 CZ3  doub Y N 422 
TRP CE3 HE3  sing N N 423 
TRP CZ2 CH2  doub Y N 424 
TRP CZ2 HZ2  sing N N 425 
TRP CZ3 CH2  sing Y N 426 
TRP CZ3 HZ3  sing N N 427 
TRP CH2 HH2  sing N N 428 
TRP OXT HXT  sing N N 429 
TYR N   CA   sing N N 430 
TYR N   H    sing N N 431 
TYR N   H2   sing N N 432 
TYR CA  C    sing N N 433 
TYR CA  CB   sing N N 434 
TYR CA  HA   sing N N 435 
TYR C   O    doub N N 436 
TYR C   OXT  sing N N 437 
TYR CB  CG   sing N N 438 
TYR CB  HB2  sing N N 439 
TYR CB  HB3  sing N N 440 
TYR CG  CD1  doub Y N 441 
TYR CG  CD2  sing Y N 442 
TYR CD1 CE1  sing Y N 443 
TYR CD1 HD1  sing N N 444 
TYR CD2 CE2  doub Y N 445 
TYR CD2 HD2  sing N N 446 
TYR CE1 CZ   doub Y N 447 
TYR CE1 HE1  sing N N 448 
TYR CE2 CZ   sing Y N 449 
TYR CE2 HE2  sing N N 450 
TYR CZ  OH   sing N N 451 
TYR OH  HH   sing N N 452 
TYR OXT HXT  sing N N 453 
VAL N   CA   sing N N 454 
VAL N   H    sing N N 455 
VAL N   H2   sing N N 456 
VAL CA  C    sing N N 457 
VAL CA  CB   sing N N 458 
VAL CA  HA   sing N N 459 
VAL C   O    doub N N 460 
VAL C   OXT  sing N N 461 
VAL CB  CG1  sing N N 462 
VAL CB  CG2  sing N N 463 
VAL CB  HB   sing N N 464 
VAL CG1 HG11 sing N N 465 
VAL CG1 HG12 sing N N 466 
VAL CG1 HG13 sing N N 467 
VAL CG2 HG21 sing N N 468 
VAL CG2 HG22 sing N N 469 
VAL CG2 HG23 sing N N 470 
VAL OXT HXT  sing N N 471 
# 
_atom_sites.entry_id                    4F69 
_atom_sites.fract_transf_matrix[1][1]   0.01634689 
_atom_sites.fract_transf_matrix[1][2]   -0.00693388 
_atom_sites.fract_transf_matrix[1][3]   -0.01531217 
_atom_sites.fract_transf_matrix[2][1]   -0.01479797 
_atom_sites.fract_transf_matrix[2][2]   -0.01530721 
_atom_sites.fract_transf_matrix[2][3]   -0.00886631 
_atom_sites.fract_transf_matrix[3][1]   -0.00537408 
_atom_sites.fract_transf_matrix[3][2]   0.01154717 
_atom_sites.fract_transf_matrix[3][3]   -0.01096619 
_atom_sites.fract_transf_vector[1]      0.731045 
_atom_sites.fract_transf_vector[2]      0.824465 
_atom_sites.fract_transf_vector[3]      0.184119 
# 
loop_
_atom_type.symbol 
C  
FE 
N  
O  
S  
# 
loop_
_atom_site.group_PDB 
_atom_site.id 
_atom_site.type_symbol 
_atom_site.label_atom_id 
_atom_site.label_alt_id 
_atom_site.label_comp_id 
_atom_site.label_asym_id 
_atom_site.label_entity_id 
_atom_site.label_seq_id 
_atom_site.pdbx_PDB_ins_code 
_atom_site.Cartn_x 
_atom_site.Cartn_y 
_atom_site.Cartn_z 
_atom_site.occupancy 
_atom_site.B_iso_or_equiv 
_atom_site.pdbx_formal_charge 
_atom_site.auth_seq_id 
_atom_site.auth_comp_id 
_atom_site.auth_asym_id 
_atom_site.auth_atom_id 
_atom_site.pdbx_PDB_model_num 
ATOM   1   N  N   . MET A 1 1   ? -16.067 -8.768  -9.160  1.00 46.77 ? 0   MET A N   1 
ATOM   2   C  CA  . MET A 1 1   ? -15.264 -7.735  -8.516  1.00 43.04 ? 0   MET A CA  1 
ATOM   3   C  C   . MET A 1 1   ? -13.789 -7.905  -8.843  1.00 38.79 ? 0   MET A C   1 
ATOM   4   O  O   . MET A 1 1   ? -13.356 -8.962  -9.306  1.00 41.06 ? 0   MET A O   1 
ATOM   5   C  CB  . MET A 1 1   ? -15.421 -7.803  -6.992  1.00 42.56 ? 0   MET A CB  1 
ATOM   6   C  CG  . MET A 1 1   ? -16.784 -7.401  -6.456  1.00 40.90 ? 0   MET A CG  1 
ATOM   7   S  SD  . MET A 1 1   ? -17.424 -8.613  -5.276  1.00 64.47 ? 0   MET A SD  1 
ATOM   8   C  CE  . MET A 1 1   ? -16.112 -8.659  -4.044  1.00 40.21 ? 0   MET A CE  1 
ATOM   9   N  N   . VAL A 1 2   ? -13.016 -6.854  -8.601  1.00 34.75 ? 1   VAL A N   1 
ATOM   10  C  CA  . VAL A 1 2   ? -11.586 -7.024  -8.456  1.00 29.21 ? 1   VAL A CA  1 
ATOM   11  C  C   . VAL A 1 2   ? -11.367 -7.527  -7.041  1.00 25.81 ? 1   VAL A C   1 
ATOM   12  O  O   . VAL A 1 2   ? -12.032 -7.089  -6.103  1.00 27.93 ? 1   VAL A O   1 
ATOM   13  C  CB  . VAL A 1 2   ? -10.820 -5.711  -8.699  1.00 24.98 ? 1   VAL A CB  1 
ATOM   14  C  CG1 . VAL A 1 2   ? -9.351  -5.859  -8.320  1.00 22.57 ? 1   VAL A CG1 1 
ATOM   15  C  CG2 . VAL A 1 2   ? -10.947 -5.302  -10.156 1.00 29.39 ? 1   VAL A CG2 1 
ATOM   16  N  N   . ASN A 1 3   ? -10.449 -8.467  -6.888  1.00 24.97 ? 2   ASN A N   1 
ATOM   17  C  CA  . ASN A 1 3   ? -10.066 -8.914  -5.561  1.00 24.22 ? 2   ASN A CA  1 
ATOM   18  C  C   . ASN A 1 3   ? -8.985  -7.976  -5.022  1.00 22.44 ? 2   ASN A C   1 
ATOM   19  O  O   . ASN A 1 3   ? -7.789  -8.278  -5.110  1.00 21.01 ? 2   ASN A O   1 
ATOM   20  C  CB  . ASN A 1 3   ? -9.536  -10.339 -5.636  1.00 23.57 ? 2   ASN A CB  1 
ATOM   21  C  CG  . ASN A 1 3   ? -9.370  -10.977 -4.274  1.00 28.47 ? 2   ASN A CG  1 
ATOM   22  O  OD1 . ASN A 1 3   ? -9.376  -10.298 -3.249  1.00 24.57 ? 2   ASN A OD1 1 
ATOM   23  N  ND2 . ASN A 1 3   ? -9.216  -12.292 -4.256  1.00 29.68 ? 2   ASN A ND2 1 
ATOM   24  N  N   . TRP A 1 4   ? -9.399  -6.840  -4.469  1.00 21.33 ? 3   TRP A N   1 
ATOM   25  C  CA  . TRP A 1 4   ? -8.427  -5.844  -4.003  1.00 17.70 ? 3   TRP A CA  1 
ATOM   26  C  C   . TRP A 1 4   ? -7.602  -6.351  -2.834  1.00 18.84 ? 3   TRP A C   1 
ATOM   27  O  O   . TRP A 1 4   ? -6.461  -5.925  -2.657  1.00 19.31 ? 3   TRP A O   1 
ATOM   28  C  CB  . TRP A 1 4   ? -9.096  -4.516  -3.647  1.00 18.10 ? 3   TRP A CB  1 
ATOM   29  C  CG  . TRP A 1 4   ? -9.542  -3.765  -4.860  1.00 18.86 ? 3   TRP A CG  1 
ATOM   30  C  CD1 . TRP A 1 4   ? -10.830 -3.450  -5.207  1.00 22.15 ? 3   TRP A CD1 1 
ATOM   31  C  CD2 . TRP A 1 4   ? -8.709  -3.260  -5.912  1.00 18.75 ? 3   TRP A CD2 1 
ATOM   32  N  NE1 . TRP A 1 4   ? -10.840 -2.767  -6.400  1.00 20.20 ? 3   TRP A NE1 1 
ATOM   33  C  CE2 . TRP A 1 4   ? -9.551  -2.639  -6.853  1.00 19.58 ? 3   TRP A CE2 1 
ATOM   34  C  CE3 . TRP A 1 4   ? -7.328  -3.267  -6.148  1.00 16.68 ? 3   TRP A CE3 1 
ATOM   35  C  CZ2 . TRP A 1 4   ? -9.061  -2.035  -8.013  1.00 20.59 ? 3   TRP A CZ2 1 
ATOM   36  C  CZ3 . TRP A 1 4   ? -6.843  -2.661  -7.297  1.00 20.37 ? 3   TRP A CZ3 1 
ATOM   37  C  CH2 . TRP A 1 4   ? -7.707  -2.050  -8.212  1.00 20.66 ? 3   TRP A CH2 1 
ATOM   38  N  N   . ALA A 1 5   ? -8.181  -7.240  -2.029  1.00 19.66 ? 4   ALA A N   1 
ATOM   39  C  CA  . ALA A 1 5   ? -7.442  -7.844  -0.922  1.00 22.71 ? 4   ALA A CA  1 
ATOM   40  C  C   . ALA A 1 5   ? -6.227  -8.591  -1.452  1.00 20.13 ? 4   ALA A C   1 
ATOM   41  O  O   . ALA A 1 5   ? -5.135  -8.497  -0.894  1.00 18.47 ? 4   ALA A O   1 
ATOM   42  C  CB  . ALA A 1 5   ? -8.339  -8.776  -0.123  1.00 23.08 ? 4   ALA A CB  1 
ATOM   43  N  N   . ALA A 1 6   ? -6.417  -9.325  -2.542  1.00 22.31 ? 5   ALA A N   1 
ATOM   44  C  CA  . ALA A 1 6   ? -5.332  -10.075 -3.159  1.00 22.87 ? 5   ALA A CA  1 
ATOM   45  C  C   . ALA A 1 6   ? -4.306  -9.142  -3.806  1.00 21.65 ? 5   ALA A C   1 
ATOM   46  O  O   . ALA A 1 6   ? -3.096  -9.389  -3.739  1.00 20.47 ? 5   ALA A O   1 
ATOM   47  C  CB  . ALA A 1 6   ? -5.894  -11.063 -4.191  1.00 24.75 ? 5   ALA A CB  1 
ATOM   48  N  N   . VAL A 1 7   ? -4.785  -8.073  -4.440  1.00 18.66 ? 6   VAL A N   1 
ATOM   49  C  CA  . VAL A 1 7   ? -3.886  -7.078  -5.017  1.00 17.54 ? 6   VAL A CA  1 
ATOM   50  C  C   . VAL A 1 7   ? -3.012  -6.492  -3.911  1.00 19.74 ? 6   VAL A C   1 
ATOM   51  O  O   . VAL A 1 7   ? -1.791  -6.406  -4.049  1.00 20.17 ? 6   VAL A O   1 
ATOM   52  C  CB  . VAL A 1 7   ? -4.655  -5.953  -5.733  1.00 17.52 ? 6   VAL A CB  1 
ATOM   53  C  CG1 . VAL A 1 7   ? -3.714  -4.835  -6.134  1.00 19.19 ? 6   VAL A CG1 1 
ATOM   54  C  CG2 . VAL A 1 7   ? -5.370  -6.499  -6.969  1.00 19.05 ? 6   VAL A CG2 1 
ATOM   55  N  N   . VAL A 1 8   ? -3.642  -6.122  -2.800  1.00 18.12 ? 7   VAL A N   1 
ATOM   56  C  CA  . VAL A 1 8   ? -2.914  -5.524  -1.685  1.00 15.12 ? 7   VAL A CA  1 
ATOM   57  C  C   . VAL A 1 8   ? -1.883  -6.488  -1.080  1.00 17.51 ? 7   VAL A C   1 
ATOM   58  O  O   . VAL A 1 8   ? -0.770  -6.078  -0.740  1.00 17.30 ? 7   VAL A O   1 
ATOM   59  C  CB  . VAL A 1 8   ? -3.883  -4.963  -0.620  1.00 14.48 ? 7   VAL A CB  1 
ATOM   60  C  CG1 . VAL A 1 8   ? -3.122  -4.597  0.660   1.00 17.51 ? 7   VAL A CG1 1 
ATOM   61  C  CG2 . VAL A 1 8   ? -4.620  -3.740  -1.186  1.00 19.98 ? 7   VAL A CG2 1 
ATOM   62  N  N   . ASP A 1 9   ? -2.241  -7.765  -0.976  1.00 17.43 ? 8   ASP A N   1 
ATOM   63  C  CA  . ASP A 1 9   ? -1.288  -8.759  -0.486  1.00 19.08 ? 8   ASP A CA  1 
ATOM   64  C  C   . ASP A 1 9   ? -0.061  -8.821  -1.399  1.00 19.60 ? 8   ASP A C   1 
ATOM   65  O  O   . ASP A 1 9   ? 1.072   -8.874  -0.915  1.00 18.80 ? 8   ASP A O   1 
ATOM   66  C  CB  . ASP A 1 9   ? -1.928  -10.147 -0.349  1.00 19.42 ? 8   ASP A CB  1 
ATOM   67  C  CG  . ASP A 1 9   ? -2.935  -10.226 0.792   1.00 22.80 ? 8   ASP A CG  1 
ATOM   68  O  OD1 . ASP A 1 9   ? -2.816  -9.455  1.774   1.00 21.64 ? 8   ASP A OD1 1 
ATOM   69  O  OD2 . ASP A 1 9   ? -3.850  -11.076 0.705   1.00 22.95 ? 8   ASP A OD2 1 
ATOM   70  N  N   . ASP A 1 10  ? -0.278  -8.783  -2.713  1.00 20.28 ? 9   ASP A N   1 
ATOM   71  C  CA  . ASP A 1 10  ? 0.850   -8.843  -3.642  1.00 20.68 ? 9   ASP A CA  1 
ATOM   72  C  C   . ASP A 1 10  ? 1.645   -7.546  -3.636  1.00 21.34 ? 9   ASP A C   1 
ATOM   73  O  O   . ASP A 1 10  ? 2.861   -7.555  -3.794  1.00 20.29 ? 9   ASP A O   1 
ATOM   74  C  CB  . ASP A 1 10  ? 0.399   -9.236  -5.055  1.00 21.37 ? 9   ASP A CB  1 
ATOM   75  C  CG  . ASP A 1 10  ? 0.187   -10.733 -5.198  1.00 30.28 ? 9   ASP A CG  1 
ATOM   76  O  OD1 . ASP A 1 10  ? 0.738   -11.498 -4.375  1.00 31.30 ? 9   ASP A OD1 1 
ATOM   77  O  OD2 . ASP A 1 10  ? -0.527  -11.144 -6.136  1.00 31.52 ? 9   ASP A OD2 1 
ATOM   78  N  N   . PHE A 1 11  ? 0.952   -6.435  -3.417  1.00 17.24 ? 10  PHE A N   1 
ATOM   79  C  CA  . PHE A 1 11  ? 1.604   -5.149  -3.255  1.00 17.91 ? 10  PHE A CA  1 
ATOM   80  C  C   . PHE A 1 11  ? 2.648   -5.202  -2.133  1.00 17.57 ? 10  PHE A C   1 
ATOM   81  O  O   . PHE A 1 11  ? 3.799   -4.811  -2.323  1.00 19.92 ? 10  PHE A O   1 
ATOM   82  C  CB  . PHE A 1 11  ? 0.559   -4.064  -2.976  1.00 19.26 ? 10  PHE A CB  1 
ATOM   83  C  CG  . PHE A 1 11  ? 1.135   -2.796  -2.407  1.00 17.68 ? 10  PHE A CG  1 
ATOM   84  C  CD1 . PHE A 1 11  ? 1.954   -1.981  -3.175  1.00 18.62 ? 10  PHE A CD1 1 
ATOM   85  C  CD2 . PHE A 1 11  ? 0.863   -2.418  -1.097  1.00 18.10 ? 10  PHE A CD2 1 
ATOM   86  C  CE1 . PHE A 1 11  ? 2.497   -0.811  -2.642  1.00 17.96 ? 10  PHE A CE1 1 
ATOM   87  C  CE2 . PHE A 1 11  ? 1.394   -1.245  -0.563  1.00 18.57 ? 10  PHE A CE2 1 
ATOM   88  C  CZ  . PHE A 1 11  ? 2.212   -0.437  -1.337  1.00 17.06 ? 10  PHE A CZ  1 
ATOM   89  N  N   . PHE A 1 12  ? 2.249   -5.712  -0.973  1.00 17.65 ? 11  PHE A N   1 
ATOM   90  C  CA  . PHE A 1 12  ? 3.162   -5.786  0.161   1.00 17.36 ? 11  PHE A CA  1 
ATOM   91  C  C   . PHE A 1 12  ? 4.292   -6.780  -0.050  1.00 18.55 ? 11  PHE A C   1 
ATOM   92  O  O   . PHE A 1 12  ? 5.401   -6.547  0.430   1.00 18.19 ? 11  PHE A O   1 
ATOM   93  C  CB  . PHE A 1 12  ? 2.413   -6.076  1.465   1.00 16.13 ? 11  PHE A CB  1 
ATOM   94  C  CG  . PHE A 1 12  ? 1.714   -4.874  2.015   1.00 17.20 ? 11  PHE A CG  1 
ATOM   95  C  CD1 . PHE A 1 12  ? 2.444   -3.754  2.388   1.00 16.07 ? 11  PHE A CD1 1 
ATOM   96  C  CD2 . PHE A 1 12  ? 0.340   -4.855  2.147   1.00 17.28 ? 11  PHE A CD2 1 
ATOM   97  C  CE1 . PHE A 1 12  ? 1.807   -2.646  2.886   1.00 16.49 ? 11  PHE A CE1 1 
ATOM   98  C  CE2 . PHE A 1 12  ? -0.311  -3.742  2.634   1.00 16.24 ? 11  PHE A CE2 1 
ATOM   99  C  CZ  . PHE A 1 12  ? 0.416   -2.642  2.999   1.00 18.59 ? 11  PHE A CZ  1 
ATOM   100 N  N   . GLN A 1 13  ? 4.017   -7.874  -0.768  1.00 18.87 ? 12  GLN A N   1 
ATOM   101 C  CA  . GLN A 1 13  ? 5.082   -8.822  -1.114  1.00 20.27 ? 12  GLN A CA  1 
ATOM   102 C  C   . GLN A 1 13  ? 6.127   -8.127  -1.969  1.00 20.64 ? 12  GLN A C   1 
ATOM   103 O  O   . GLN A 1 13  ? 7.318   -8.232  -1.701  1.00 22.55 ? 12  GLN A O   1 
ATOM   104 C  CB  . GLN A 1 13  ? 4.549   -10.074 -1.825  1.00 21.19 ? 12  GLN A CB  1 
ATOM   105 C  CG  . GLN A 1 13  ? 3.656   -10.950 -0.964  1.00 19.27 ? 12  GLN A CG  1 
ATOM   106 C  CD  . GLN A 1 13  ? 4.399   -11.591 0.195   1.00 23.90 ? 12  GLN A CD  1 
ATOM   107 O  OE1 . GLN A 1 13  ? 5.423   -12.254 0.002   1.00 25.77 ? 12  GLN A OE1 1 
ATOM   108 N  NE2 . GLN A 1 13  ? 3.889   -11.398 1.411   1.00 24.30 ? 12  GLN A NE2 1 
ATOM   109 N  N   . GLU A 1 14  ? 5.671   -7.388  -2.980  1.00 19.53 ? 13  GLU A N   1 
ATOM   110 C  CA  . GLU A 1 14  ? 6.561   -6.625  -3.847  1.00 20.14 ? 13  GLU A CA  1 
ATOM   111 C  C   . GLU A 1 14  ? 7.301   -5.552  -3.068  1.00 22.27 ? 13  GLU A C   1 
ATOM   112 O  O   . GLU A 1 14  ? 8.514   -5.395  -3.216  1.00 21.05 ? 13  GLU A O   1 
ATOM   113 C  CB  . GLU A 1 14  ? 5.776   -5.974  -4.991  1.00 19.87 ? 13  GLU A CB  1 
ATOM   114 C  CG  . GLU A 1 14  ? 5.203   -6.965  -5.992  1.00 23.48 ? 13  GLU A CG  1 
ATOM   115 C  CD  . GLU A 1 14  ? 6.279   -7.714  -6.758  1.00 33.51 ? 13  GLU A CD  1 
ATOM   116 O  OE1 . GLU A 1 14  ? 7.404   -7.177  -6.905  1.00 30.90 ? 13  GLU A OE1 1 
ATOM   117 O  OE2 . GLU A 1 14  ? 5.998   -8.843  -7.215  1.00 39.12 ? 13  GLU A OE2 1 
ATOM   118 N  N   . LEU A 1 15  ? 6.566   -4.810  -2.242  1.00 18.18 ? 14  LEU A N   1 
ATOM   119 C  CA  . LEU A 1 15  ? 7.140   -3.683  -1.501  1.00 19.28 ? 14  LEU A CA  1 
ATOM   120 C  C   . LEU A 1 15  ? 8.254   -4.121  -0.567  1.00 18.97 ? 14  LEU A C   1 
ATOM   121 O  O   . LEU A 1 15  ? 9.343   -3.542  -0.564  1.00 18.19 ? 14  LEU A O   1 
ATOM   122 C  CB  . LEU A 1 15  ? 6.055   -2.955  -0.693  1.00 19.19 ? 14  LEU A CB  1 
ATOM   123 C  CG  . LEU A 1 15  ? 6.489   -1.634  -0.046  1.00 17.81 ? 14  LEU A CG  1 
ATOM   124 C  CD1 . LEU A 1 15  ? 6.789   -0.620  -1.128  1.00 17.70 ? 14  LEU A CD1 1 
ATOM   125 C  CD2 . LEU A 1 15  ? 5.440   -1.116  0.941   1.00 19.58 ? 14  LEU A CD2 1 
ATOM   126 N  N   . PHE A 1 16  ? 7.978   -5.140  0.234   1.00 18.49 ? 15  PHE A N   1 
ATOM   127 C  CA  . PHE A 1 16  ? 8.925   -5.582  1.246   1.00 17.53 ? 15  PHE A CA  1 
ATOM   128 C  C   . PHE A 1 16  ? 10.017  -6.476  0.672   1.00 21.44 ? 15  PHE A C   1 
ATOM   129 O  O   . PHE A 1 16  ? 11.068  -6.631  1.289   1.00 23.19 ? 15  PHE A O   1 
ATOM   130 C  CB  . PHE A 1 16  ? 8.201   -6.269  2.398   1.00 17.91 ? 15  PHE A CB  1 
ATOM   131 C  CG  . PHE A 1 16  ? 7.254   -5.369  3.138   1.00 17.81 ? 15  PHE A CG  1 
ATOM   132 C  CD1 . PHE A 1 16  ? 7.595   -4.055  3.419   1.00 19.02 ? 15  PHE A CD1 1 
ATOM   133 C  CD2 . PHE A 1 16  ? 6.011   -5.836  3.539   1.00 17.53 ? 15  PHE A CD2 1 
ATOM   134 C  CE1 . PHE A 1 16  ? 6.711   -3.216  4.091   1.00 17.40 ? 15  PHE A CE1 1 
ATOM   135 C  CE2 . PHE A 1 16  ? 5.119   -5.005  4.223   1.00 18.44 ? 15  PHE A CE2 1 
ATOM   136 C  CZ  . PHE A 1 16  ? 5.473   -3.698  4.505   1.00 18.08 ? 15  PHE A CZ  1 
ATOM   137 N  N   . LYS A 1 17  ? 9.782   -7.063  -0.497  1.00 20.73 ? 16  LYS A N   1 
ATOM   138 C  CA  . LYS A 1 17  ? 10.860  -7.762  -1.191  1.00 22.98 ? 16  LYS A CA  1 
ATOM   139 C  C   . LYS A 1 17  ? 11.930  -6.757  -1.634  1.00 21.41 ? 16  LYS A C   1 
ATOM   140 O  O   . LYS A 1 17  ? 13.126  -6.972  -1.423  1.00 23.46 ? 16  LYS A O   1 
ATOM   141 C  CB  . LYS A 1 17  ? 10.323  -8.536  -2.395  1.00 26.79 ? 16  LYS A CB  1 
ATOM   142 C  CG  . LYS A 1 17  ? 11.230  -9.665  -2.845  1.00 31.83 ? 16  LYS A CG  1 
ATOM   143 C  CD  . LYS A 1 17  ? 10.430  -10.852 -3.374  1.00 37.23 ? 16  LYS A CD  1 
ATOM   144 C  CE  . LYS A 1 17  ? 10.272  -10.784 -4.882  1.00 43.61 ? 16  LYS A CE  1 
ATOM   145 N  NZ  . LYS A 1 17  ? 10.151  -12.149 -5.467  0.00 37.03 ? 16  LYS A NZ  1 
ATOM   146 N  N   . ALA A 1 18  ? 11.488  -5.658  -2.240  1.00 21.08 ? 17  ALA A N   1 
ATOM   147 C  CA  . ALA A 1 18  ? 12.408  -4.660  -2.780  1.00 21.09 ? 17  ALA A CA  1 
ATOM   148 C  C   . ALA A 1 18  ? 12.991  -3.791  -1.686  1.00 22.10 ? 17  ALA A C   1 
ATOM   149 O  O   . ALA A 1 18  ? 14.143  -3.341  -1.771  1.00 21.59 ? 17  ALA A O   1 
ATOM   150 C  CB  . ALA A 1 18  ? 11.700  -3.794  -3.815  1.00 23.78 ? 17  ALA A CB  1 
ATOM   151 N  N   . HIS A 1 19  ? 12.188  -3.530  -0.660  1.00 19.02 ? 18  HIS A N   1 
ATOM   152 C  CA  . HIS A 1 19  ? 12.626  -2.674  0.436   1.00 20.46 ? 18  HIS A CA  1 
ATOM   153 C  C   . HIS A 1 19  ? 12.239  -3.256  1.778   1.00 19.51 ? 18  HIS A C   1 
ATOM   154 O  O   . HIS A 1 19  ? 11.300  -2.785  2.415   1.00 21.33 ? 18  HIS A O   1 
ATOM   155 C  CB  . HIS A 1 19  ? 12.045  -1.271  0.279   1.00 21.96 ? 18  HIS A CB  1 
ATOM   156 C  CG  . HIS A 1 19  ? 12.662  -0.501  -0.846  1.00 24.79 ? 18  HIS A CG  1 
ATOM   157 N  ND1 . HIS A 1 19  ? 13.848  0.188   -0.708  1.00 29.92 ? 18  HIS A ND1 1 
ATOM   158 C  CD2 . HIS A 1 19  ? 12.282  -0.349  -2.133  1.00 29.14 ? 18  HIS A CD2 1 
ATOM   159 C  CE1 . HIS A 1 19  ? 14.161  0.749   -1.863  1.00 29.16 ? 18  HIS A CE1 1 
ATOM   160 N  NE2 . HIS A 1 19  ? 13.229  0.437   -2.745  1.00 30.55 ? 18  HIS A NE2 1 
ATOM   161 N  N   . PRO A 1 20  ? 12.978  -4.279  2.220   1.00 19.07 ? 19  PRO A N   1 
ATOM   162 C  CA  . PRO A 1 20  ? 12.625  -4.986  3.455   1.00 19.23 ? 19  PRO A CA  1 
ATOM   163 C  C   . PRO A 1 20  ? 12.590  -4.052  4.653   1.00 19.14 ? 19  PRO A C   1 
ATOM   164 O  O   . PRO A 1 20  ? 11.828  -4.295  5.595   1.00 20.81 ? 19  PRO A O   1 
ATOM   165 C  CB  . PRO A 1 20  ? 13.756  -6.009  3.613   1.00 24.08 ? 19  PRO A CB  1 
ATOM   166 C  CG  . PRO A 1 20  ? 14.329  -6.170  2.248   1.00 21.08 ? 19  PRO A CG  1 
ATOM   167 C  CD  . PRO A 1 20  ? 14.147  -4.868  1.543   1.00 21.44 ? 19  PRO A CD  1 
ATOM   168 N  N   . GLU A 1 21  ? 13.408  -3.004  4.620   1.00 21.05 ? 20  GLU A N   1 
ATOM   169 C  CA  . GLU A 1 21  ? 13.527  -2.098  5.751   1.00 21.80 ? 20  GLU A CA  1 
ATOM   170 C  C   . GLU A 1 21  ? 12.231  -1.313  6.004   1.00 21.57 ? 20  GLU A C   1 
ATOM   171 O  O   . GLU A 1 21  ? 11.998  -0.830  7.111   1.00 22.08 ? 20  GLU A O   1 
ATOM   172 C  CB  . GLU A 1 21  ? 14.730  -1.163  5.562   1.00 27.10 ? 20  GLU A CB  1 
ATOM   173 C  CG  . GLU A 1 21  ? 14.527  -0.041  4.540   1.00 25.45 ? 20  GLU A CG  1 
ATOM   174 C  CD  . GLU A 1 21  ? 14.802  -0.439  3.086   1.00 25.87 ? 20  GLU A CD  1 
ATOM   175 O  OE1 . GLU A 1 21  ? 15.000  -1.640  2.787   1.00 25.04 ? 20  GLU A OE1 1 
ATOM   176 O  OE2 . GLU A 1 21  ? 14.823  0.474   2.228   1.00 28.33 ? 20  GLU A OE2 1 
ATOM   177 N  N   . TYR A 1 22  ? 11.376  -1.194  4.987   1.00 18.89 ? 21  TYR A N   1 
ATOM   178 C  CA  . TYR A 1 22  ? 10.101  -0.495  5.174   1.00 19.54 ? 21  TYR A CA  1 
ATOM   179 C  C   . TYR A 1 22  ? 9.220   -1.239  6.179   1.00 20.19 ? 21  TYR A C   1 
ATOM   180 O  O   . TYR A 1 22  ? 8.421   -0.633  6.889   1.00 20.21 ? 21  TYR A O   1 
ATOM   181 C  CB  . TYR A 1 22  ? 9.330   -0.347  3.858   1.00 20.38 ? 21  TYR A CB  1 
ATOM   182 C  CG  . TYR A 1 22  ? 9.905   0.576   2.799   1.00 20.44 ? 21  TYR A CG  1 
ATOM   183 C  CD1 . TYR A 1 22  ? 11.069  1.306   3.007   1.00 21.71 ? 21  TYR A CD1 1 
ATOM   184 C  CD2 . TYR A 1 22  ? 9.253   0.724   1.584   1.00 20.46 ? 21  TYR A CD2 1 
ATOM   185 C  CE1 . TYR A 1 22  ? 11.568  2.148   2.014   1.00 20.00 ? 21  TYR A CE1 1 
ATOM   186 C  CE2 . TYR A 1 22  ? 9.739   1.562   0.596   1.00 22.94 ? 21  TYR A CE2 1 
ATOM   187 C  CZ  . TYR A 1 22  ? 10.895  2.266   0.818   1.00 21.58 ? 21  TYR A CZ  1 
ATOM   188 O  OH  . TYR A 1 22  ? 11.374  3.092   -0.166  1.00 21.14 ? 21  TYR A OH  1 
ATOM   189 N  N   . GLN A 1 23  ? 9.368   -2.560  6.239   1.00 19.72 ? 22  GLN A N   1 
ATOM   190 C  CA  . GLN A 1 23  ? 8.570   -3.374  7.152   1.00 18.41 ? 22  GLN A CA  1 
ATOM   191 C  C   . GLN A 1 23  ? 8.831   -3.025  8.612   1.00 20.13 ? 22  GLN A C   1 
ATOM   192 O  O   . GLN A 1 23  ? 7.984   -3.251  9.480   1.00 20.54 ? 22  GLN A O   1 
ATOM   193 C  CB  . GLN A 1 23  ? 8.837   -4.865  6.901   1.00 21.12 ? 22  GLN A CB  1 
ATOM   194 C  CG  . GLN A 1 23  ? 7.808   -5.789  7.531   1.00 21.02 ? 22  GLN A CG  1 
ATOM   195 C  CD  . GLN A 1 23  ? 8.072   -7.246  7.217   1.00 22.23 ? 22  GLN A CD  1 
ATOM   196 O  OE1 . GLN A 1 23  ? 8.599   -7.580  6.153   1.00 23.93 ? 22  GLN A OE1 1 
ATOM   197 N  NE2 . GLN A 1 23  ? 7.706   -8.124  8.141   1.00 20.28 ? 22  GLN A NE2 1 
ATOM   198 N  N   . ASN A 1 24  ? 9.999   -2.448  8.879   1.00 19.43 ? 23  ASN A N   1 
ATOM   199 C  CA  . ASN A 1 24  ? 10.373  -2.103  10.246  1.00 22.34 ? 23  ASN A CA  1 
ATOM   200 C  C   . ASN A 1 24  ? 9.494   -1.013  10.862  1.00 20.86 ? 23  ASN A C   1 
ATOM   201 O  O   . ASN A 1 24  ? 9.469   -0.854  12.090  1.00 23.21 ? 23  ASN A O   1 
ATOM   202 C  CB  . ASN A 1 24  ? 11.856  -1.719  10.323  1.00 21.69 ? 23  ASN A CB  1 
ATOM   203 C  CG  . ASN A 1 24  ? 12.775  -2.892  10.018  1.00 23.81 ? 23  ASN A CG  1 
ATOM   204 O  OD1 . ASN A 1 24  ? 12.431  -4.041  10.273  1.00 25.04 ? 23  ASN A OD1 1 
ATOM   205 N  ND2 . ASN A 1 24  ? 13.945  -2.600  9.462   1.00 28.09 ? 23  ASN A ND2 1 
ATOM   206 N  N   . LYS A 1 25  ? 8.756   -0.293  10.016  1.00 19.42 ? 24  LYS A N   1 
ATOM   207 C  CA  . LYS A 1 25  ? 7.863   0.766   10.488  1.00 19.46 ? 24  LYS A CA  1 
ATOM   208 C  C   . LYS A 1 25  ? 6.482   0.274   10.907  1.00 19.00 ? 24  LYS A C   1 
ATOM   209 O  O   . LYS A 1 25  ? 5.654   1.059   11.377  1.00 22.06 ? 24  LYS A O   1 
ATOM   210 C  CB  . LYS A 1 25  ? 7.741   1.880   9.443   1.00 19.87 ? 24  LYS A CB  1 
ATOM   211 C  CG  . LYS A 1 25  ? 9.045   2.660   9.282   1.00 21.95 ? 24  LYS A CG  1 
ATOM   212 C  CD  . LYS A 1 25  ? 8.887   3.949   8.480   1.00 24.58 ? 24  LYS A CD  1 
ATOM   213 C  CE  . LYS A 1 25  ? 10.080  4.867   8.754   1.00 22.50 ? 24  LYS A CE  1 
ATOM   214 N  NZ  . LYS A 1 25  ? 10.096  6.117   7.933   1.00 23.38 ? 24  LYS A NZ  1 
ATOM   215 N  N   . PHE A 1 26  ? 6.236   -1.023  10.737  1.00 18.52 ? 25  PHE A N   1 
ATOM   216 C  CA  . PHE A 1 26  ? 4.921   -1.602  10.996  1.00 20.69 ? 25  PHE A CA  1 
ATOM   217 C  C   . PHE A 1 26  ? 4.884   -2.514  12.218  1.00 19.95 ? 25  PHE A C   1 
ATOM   218 O  O   . PHE A 1 26  ? 5.919   -2.930  12.727  1.00 20.26 ? 25  PHE A O   1 
ATOM   219 C  CB  . PHE A 1 26  ? 4.461   -2.392  9.777   1.00 18.66 ? 25  PHE A CB  1 
ATOM   220 C  CG  . PHE A 1 26  ? 4.308   -1.563  8.551   1.00 19.22 ? 25  PHE A CG  1 
ATOM   221 C  CD1 . PHE A 1 26  ? 3.126   -0.914  8.298   1.00 20.60 ? 25  PHE A CD1 1 
ATOM   222 C  CD2 . PHE A 1 26  ? 5.351   -1.443  7.645   1.00 18.57 ? 25  PHE A CD2 1 
ATOM   223 C  CE1 . PHE A 1 26  ? 3.004   -0.183  7.195   1.00 20.57 ? 25  PHE A CE1 1 
ATOM   224 C  CE2 . PHE A 1 26  ? 5.221   -0.708  6.527   1.00 18.12 ? 25  PHE A CE2 1 
ATOM   225 C  CZ  . PHE A 1 26  ? 4.063   -0.071  6.296   1.00 17.28 ? 25  PHE A CZ  1 
ATOM   226 N  N   . GLY A 1 27  ? 3.668   -2.834  12.662  1.00 21.25 ? 26  GLY A N   1 
ATOM   227 C  CA  . GLY A 1 27  ? 3.471   -3.660  13.837  1.00 23.83 ? 26  GLY A CA  1 
ATOM   228 C  C   . GLY A 1 27  ? 3.853   -5.097  13.563  1.00 23.22 ? 26  GLY A C   1 
ATOM   229 O  O   . GLY A 1 27  ? 3.981   -5.895  14.490  1.00 23.97 ? 26  GLY A O   1 
ATOM   230 N  N   . PHE A 1 28  ? 4.048   -5.420  12.286  1.00 22.17 ? 27  PHE A N   1 
ATOM   231 C  CA  . PHE A 1 28  ? 4.504   -6.756  11.878  1.00 18.30 ? 27  PHE A CA  1 
ATOM   232 C  C   . PHE A 1 28  ? 5.976   -6.767  11.461  1.00 20.64 ? 27  PHE A C   1 
ATOM   233 O  O   . PHE A 1 28  ? 6.411   -7.618  10.682  1.00 20.68 ? 27  PHE A O   1 
ATOM   234 C  CB  . PHE A 1 28  ? 3.621   -7.316  10.753  1.00 19.04 ? 27  PHE A CB  1 
ATOM   235 C  CG  . PHE A 1 28  ? 3.346   -6.328  9.646   1.00 19.62 ? 27  PHE A CG  1 
ATOM   236 C  CD1 . PHE A 1 28  ? 4.221   -6.193  8.571   1.00 17.36 ? 27  PHE A CD1 1 
ATOM   237 C  CD2 . PHE A 1 28  ? 2.210   -5.530  9.684   1.00 17.51 ? 27  PHE A CD2 1 
ATOM   238 C  CE1 . PHE A 1 28  ? 3.967   -5.277  7.558   1.00 18.23 ? 27  PHE A CE1 1 
ATOM   239 C  CE2 . PHE A 1 28  ? 1.945   -4.604  8.672   1.00 17.54 ? 27  PHE A CE2 1 
ATOM   240 C  CZ  . PHE A 1 28  ? 2.825   -4.484  7.598   1.00 21.77 ? 27  PHE A CZ  1 
ATOM   241 N  N   . LYS A 1 29  ? 6.749   -5.823  11.990  1.00 22.25 ? 28  LYS A N   1 
ATOM   242 C  CA  . LYS A 1 29  ? 8.197   -5.842  11.840  1.00 20.37 ? 28  LYS A CA  1 
ATOM   243 C  C   . LYS A 1 29  ? 8.788   -7.217  12.186  1.00 20.09 ? 28  LYS A C   1 
ATOM   244 O  O   . LYS A 1 29  ? 8.400   -7.839  13.175  1.00 25.84 ? 28  LYS A O   1 
ATOM   245 C  CB  . LYS A 1 29  ? 8.803   -4.777  12.768  1.00 24.57 ? 28  LYS A CB  1 
ATOM   246 C  CG  . LYS A 1 29  ? 10.306  -4.872  13.000  1.00 23.48 ? 28  LYS A CG  1 
ATOM   247 C  CD  . LYS A 1 29  ? 10.762  -3.739  13.928  1.00 29.16 ? 28  LYS A CD  1 
ATOM   248 C  CE  . LYS A 1 29  ? 12.223  -3.856  14.314  1.00 34.89 ? 28  LYS A CE  1 
ATOM   249 N  NZ  . LYS A 1 29  ? 12.534  -2.947  15.454  1.00 45.45 ? 28  LYS A NZ  1 
ATOM   250 N  N   . GLY A 1 30  ? 9.698   -7.696  11.340  1.00 21.16 ? 29  GLY A N   1 
ATOM   251 C  CA  . GLY A 1 30  ? 10.416  -8.932  11.608  1.00 24.55 ? 29  GLY A CA  1 
ATOM   252 C  C   . GLY A 1 30  ? 9.701   -10.213 11.222  1.00 26.49 ? 29  GLY A C   1 
ATOM   253 O  O   . GLY A 1 30  ? 10.286  -11.296 11.303  1.00 28.63 ? 29  GLY A O   1 
ATOM   254 N  N   . VAL A 1 31  ? 8.445   -10.105 10.805  1.00 23.41 ? 30  VAL A N   1 
ATOM   255 C  CA  . VAL A 1 31  ? 7.674   -11.280 10.404  1.00 23.92 ? 30  VAL A CA  1 
ATOM   256 C  C   . VAL A 1 31  ? 8.074   -11.730 9.000   1.00 21.31 ? 30  VAL A C   1 
ATOM   257 O  O   . VAL A 1 31  ? 8.149   -10.923 8.079   1.00 21.00 ? 30  VAL A O   1 
ATOM   258 C  CB  . VAL A 1 31  ? 6.159   -11.002 10.451  1.00 21.50 ? 30  VAL A CB  1 
ATOM   259 C  CG1 . VAL A 1 31  ? 5.365   -12.221 9.955   1.00 22.10 ? 30  VAL A CG1 1 
ATOM   260 C  CG2 . VAL A 1 31  ? 5.735   -10.618 11.867  1.00 22.63 ? 30  VAL A CG2 1 
ATOM   261 N  N   . ALA A 1 32  ? 8.329   -13.026 8.838   1.00 21.07 ? 31  ALA A N   1 
ATOM   262 C  CA  . ALA A 1 32  ? 8.643   -13.583 7.523   1.00 19.75 ? 31  ALA A CA  1 
ATOM   263 C  C   . ALA A 1 32  ? 7.579   -13.230 6.489   1.00 23.97 ? 31  ALA A C   1 
ATOM   264 O  O   . ALA A 1 32  ? 6.378   -13.374 6.738   1.00 21.96 ? 31  ALA A O   1 
ATOM   265 C  CB  . ALA A 1 32  ? 8.819   -15.118 7.621   1.00 21.88 ? 31  ALA A CB  1 
ATOM   266 N  N   . LEU A 1 33  ? 8.019   -12.756 5.331   1.00 22.67 ? 32  LEU A N   1 
ATOM   267 C  CA  . LEU A 1 33  ? 7.090   -12.348 4.274   1.00 24.08 ? 32  LEU A CA  1 
ATOM   268 C  C   . LEU A 1 33  ? 6.063   -13.419 3.926   1.00 22.86 ? 32  LEU A C   1 
ATOM   269 O  O   . LEU A 1 33  ? 4.889   -13.132 3.705   1.00 22.48 ? 32  LEU A O   1 
ATOM   270 C  CB  . LEU A 1 33  ? 7.860   -11.975 3.009   1.00 27.99 ? 32  LEU A CB  1 
ATOM   271 C  CG  . LEU A 1 33  ? 8.412   -10.564 2.966   1.00 29.52 ? 32  LEU A CG  1 
ATOM   272 C  CD1 . LEU A 1 33  ? 8.882   -10.259 1.556   1.00 25.85 ? 32  LEU A CD1 1 
ATOM   273 C  CD2 . LEU A 1 33  ? 7.339   -9.582  3.413   1.00 27.30 ? 32  LEU A CD2 1 
ATOM   274 N  N   . GLY A 1 34  ? 6.512   -14.665 3.885   1.00 21.73 ? 33  GLY A N   1 
ATOM   275 C  CA  . GLY A 1 34  ? 5.630   -15.761 3.532   1.00 25.68 ? 33  GLY A CA  1 
ATOM   276 C  C   . GLY A 1 34  ? 4.538   -16.034 4.550   1.00 22.81 ? 33  GLY A C   1 
ATOM   277 O  O   . GLY A 1 34  ? 3.603   -16.781 4.268   1.00 24.78 ? 33  GLY A O   1 
ATOM   278 N  N   . SER A 1 35  ? 4.648   -15.433 5.733   1.00 22.58 ? 34  SER A N   1 
ATOM   279 C  CA  . SER A 1 35  ? 3.684   -15.695 6.796   1.00 23.59 ? 34  SER A CA  1 
ATOM   280 C  C   . SER A 1 35  ? 2.833   -14.473 7.168   1.00 21.62 ? 34  SER A C   1 
ATOM   281 O  O   . SER A 1 35  ? 2.025   -14.544 8.093   1.00 22.36 ? 34  SER A O   1 
ATOM   282 C  CB  . SER A 1 35  ? 4.386   -16.264 8.041   1.00 22.91 ? 34  SER A CB  1 
ATOM   283 O  OG  . SER A 1 35  ? 5.200   -15.280 8.651   1.00 27.76 ? 34  SER A OG  1 
ATOM   284 N  N   . LEU A 1 36  ? 3.011   -13.362 6.448   1.00 22.29 ? 35  LEU A N   1 
ATOM   285 C  CA  . LEU A 1 36  ? 2.318   -12.108 6.768   1.00 20.25 ? 35  LEU A CA  1 
ATOM   286 C  C   . LEU A 1 36  ? 0.807   -12.243 6.866   1.00 22.03 ? 35  LEU A C   1 
ATOM   287 O  O   . LEU A 1 36  ? 0.164   -11.629 7.726   1.00 20.82 ? 35  LEU A O   1 
ATOM   288 C  CB  . LEU A 1 36  ? 2.668   -11.025 5.746   1.00 21.71 ? 35  LEU A CB  1 
ATOM   289 C  CG  . LEU A 1 36  ? 3.897   -10.164 6.023   1.00 22.55 ? 35  LEU A CG  1 
ATOM   290 C  CD1 . LEU A 1 36  ? 4.019   -9.109  4.933   1.00 20.72 ? 35  LEU A CD1 1 
ATOM   291 C  CD2 . LEU A 1 36  ? 3.806   -9.523  7.398   1.00 20.82 ? 35  LEU A CD2 1 
ATOM   292 N  N   . LYS A 1 37  ? 0.232   -13.053 5.986   1.00 21.63 ? 36  LYS A N   1 
ATOM   293 C  CA  . LYS A 1 37  ? -1.216  -13.188 5.941   1.00 25.28 ? 36  LYS A CA  1 
ATOM   294 C  C   . LYS A 1 37  ? -1.798  -13.770 7.225   1.00 24.36 ? 36  LYS A C   1 
ATOM   295 O  O   . LYS A 1 37  ? -2.987  -13.614 7.485   1.00 27.78 ? 36  LYS A O   1 
ATOM   296 C  CB  . LYS A 1 37  ? -1.640  -14.004 4.720   1.00 28.09 ? 36  LYS A CB  1 
ATOM   297 C  CG  . LYS A 1 37  ? -1.425  -13.256 3.409   1.00 30.16 ? 36  LYS A CG  1 
ATOM   298 C  CD  . LYS A 1 37  ? -2.370  -13.733 2.327   0.00 29.40 ? 36  LYS A CD  1 
ATOM   299 C  CE  . LYS A 1 37  ? -2.342  -15.242 2.201   0.00 31.93 ? 36  LYS A CE  1 
ATOM   300 N  NZ  . LYS A 1 37  ? -3.452  -15.729 1.342   0.00 32.38 ? 36  LYS A NZ  1 
ATOM   301 N  N   . GLY A 1 38  ? -0.961  -14.428 8.030   1.00 20.83 ? 37  GLY A N   1 
ATOM   302 C  CA  . GLY A 1 38  ? -1.399  -14.992 9.297   1.00 21.42 ? 37  GLY A CA  1 
ATOM   303 C  C   . GLY A 1 38  ? -1.147  -14.080 10.489  1.00 19.27 ? 37  GLY A C   1 
ATOM   304 O  O   . GLY A 1 38  ? -1.417  -14.446 11.628  1.00 20.52 ? 37  GLY A O   1 
ATOM   305 N  N   . ASN A 1 39  ? -0.641  -12.882 10.215  1.00 17.65 ? 38  ASN A N   1 
ATOM   306 C  CA  . ASN A 1 39  ? -0.275  -11.940 11.275  1.00 18.73 ? 38  ASN A CA  1 
ATOM   307 C  C   . ASN A 1 39  ? -1.386  -10.918 11.513  1.00 18.81 ? 38  ASN A C   1 
ATOM   308 O  O   . ASN A 1 39  ? -1.869  -10.285 10.571  1.00 18.23 ? 38  ASN A O   1 
ATOM   309 C  CB  . ASN A 1 39  ? 1.035   -11.244 10.914  1.00 17.22 ? 38  ASN A CB  1 
ATOM   310 C  CG  . ASN A 1 39  ? 1.416   -10.163 11.909  1.00 18.02 ? 38  ASN A CG  1 
ATOM   311 O  OD1 . ASN A 1 39  ? 0.956   -9.025  11.809  1.00 18.55 ? 38  ASN A OD1 1 
ATOM   312 N  ND2 . ASN A 1 39  ? 2.256   -10.520 12.886  1.00 19.80 ? 38  ASN A ND2 1 
ATOM   313 N  N   . ALA A 1 40  ? -1.790  -10.757 12.769  1.00 18.71 ? 39  ALA A N   1 
ATOM   314 C  CA  . ALA A 1 40  ? -2.937  -9.918  13.095  1.00 18.88 ? 39  ALA A CA  1 
ATOM   315 C  C   . ALA A 1 40  ? -2.713  -8.446  12.777  1.00 18.71 ? 39  ALA A C   1 
ATOM   316 O  O   . ALA A 1 40  ? -3.613  -7.792  12.278  1.00 18.98 ? 39  ALA A O   1 
ATOM   317 C  CB  . ALA A 1 40  ? -3.330  -10.080 14.545  1.00 20.63 ? 39  ALA A CB  1 
ATOM   318 N  N   . ALA A 1 41  ? -1.522  -7.927  13.067  1.00 18.45 ? 40  ALA A N   1 
ATOM   319 C  CA  . ALA A 1 41  ? -1.224  -6.531  12.754  1.00 18.01 ? 40  ALA A CA  1 
ATOM   320 C  C   . ALA A 1 41  ? -1.323  -6.283  11.249  1.00 18.89 ? 40  ALA A C   1 
ATOM   321 O  O   . ALA A 1 41  ? -1.869  -5.267  10.805  1.00 20.14 ? 40  ALA A O   1 
ATOM   322 C  CB  . ALA A 1 41  ? 0.155   -6.152  13.259  1.00 19.36 ? 40  ALA A CB  1 
ATOM   323 N  N   . TYR A 1 42  ? -0.780  -7.212  10.473  1.00 17.75 ? 41  TYR A N   1 
ATOM   324 C  CA  . TYR A 1 42  ? -0.852  -7.139  9.019   1.00 17.76 ? 41  TYR A CA  1 
ATOM   325 C  C   . TYR A 1 42  ? -2.290  -7.184  8.495   1.00 18.35 ? 41  TYR A C   1 
ATOM   326 O  O   . TYR A 1 42  ? -2.668  -6.409  7.618   1.00 18.34 ? 41  TYR A O   1 
ATOM   327 C  CB  . TYR A 1 42  ? -0.014  -8.251  8.367   1.00 17.09 ? 41  TYR A CB  1 
ATOM   328 C  CG  . TYR A 1 42  ? -0.177  -8.273  6.869   1.00 17.33 ? 41  TYR A CG  1 
ATOM   329 C  CD1 . TYR A 1 42  ? 0.581   -7.435  6.068   1.00 16.57 ? 41  TYR A CD1 1 
ATOM   330 C  CD2 . TYR A 1 42  ? -1.111  -9.109  6.256   1.00 17.05 ? 41  TYR A CD2 1 
ATOM   331 C  CE1 . TYR A 1 42  ? 0.426   -7.426  4.687   1.00 16.81 ? 41  TYR A CE1 1 
ATOM   332 C  CE2 . TYR A 1 42  ? -1.277  -9.108  4.881   1.00 17.90 ? 41  TYR A CE2 1 
ATOM   333 C  CZ  . TYR A 1 42  ? -0.500  -8.255  4.109   1.00 17.01 ? 41  TYR A CZ  1 
ATOM   334 O  OH  . TYR A 1 42  ? -0.634  -8.230  2.742   1.00 17.94 ? 41  TYR A OH  1 
ATOM   335 N  N   . LYS A 1 43  ? -3.100  -8.098  9.019   1.00 16.32 ? 42  LYS A N   1 
ATOM   336 C  CA  . LYS A 1 43  ? -4.480  -8.199  8.555   1.00 16.30 ? 42  LYS A CA  1 
ATOM   337 C  C   . LYS A 1 43  ? -5.242  -6.883  8.706   1.00 19.86 ? 42  LYS A C   1 
ATOM   338 O  O   . LYS A 1 43  ? -5.958  -6.473  7.802   1.00 19.38 ? 42  LYS A O   1 
ATOM   339 C  CB  . LYS A 1 43  ? -5.206  -9.325  9.299   1.00 20.27 ? 42  LYS A CB  1 
ATOM   340 C  CG  . LYS A 1 43  ? -4.734  -10.715 8.935   1.00 26.97 ? 42  LYS A CG  1 
ATOM   341 C  CD  . LYS A 1 43  ? -5.651  -11.774 9.538   1.00 32.24 ? 42  LYS A CD  1 
ATOM   342 C  CE  . LYS A 1 43  ? -4.879  -13.057 9.822   1.00 31.96 ? 42  LYS A CE  1 
ATOM   343 N  NZ  . LYS A 1 43  ? -5.709  -14.109 10.463  1.00 34.76 ? 42  LYS A NZ  1 
ATOM   344 N  N   . THR A 1 44  ? -5.070  -6.224  9.851   1.00 18.65 ? 43  THR A N   1 
ATOM   345 C  CA  . THR A 1 44  ? -5.731  -4.950  10.082  1.00 18.77 ? 43  THR A CA  1 
ATOM   346 C  C   . THR A 1 44  ? -5.190  -3.895  9.125   1.00 17.95 ? 43  THR A C   1 
ATOM   347 O  O   . THR A 1 44  ? -5.956  -3.159  8.503   1.00 17.91 ? 43  THR A O   1 
ATOM   348 C  CB  . THR A 1 44  ? -5.570  -4.487  11.544  1.00 20.76 ? 43  THR A CB  1 
ATOM   349 O  OG1 . THR A 1 44  ? -6.260  -5.413  12.399  1.00 23.32 ? 43  THR A OG1 1 
ATOM   350 C  CG2 . THR A 1 44  ? -6.171  -3.106  11.732  1.00 21.32 ? 43  THR A CG2 1 
ATOM   351 N  N   . LEU A 1 45  ? -3.867  -3.819  8.998   1.00 16.82 ? 44  LEU A N   1 
ATOM   352 C  CA  . LEU A 1 45  ? -3.265  -2.813  8.124   1.00 16.23 ? 44  LEU A CA  1 
ATOM   353 C  C   . LEU A 1 45  ? -3.670  -3.005  6.654   1.00 17.08 ? 44  LEU A C   1 
ATOM   354 O  O   . LEU A 1 45  ? -4.085  -2.053  5.993   1.00 15.31 ? 44  LEU A O   1 
ATOM   355 C  CB  . LEU A 1 45  ? -1.741  -2.824  8.293   1.00 19.36 ? 44  LEU A CB  1 
ATOM   356 C  CG  . LEU A 1 45  ? -0.899  -1.748  7.608   1.00 19.47 ? 44  LEU A CG  1 
ATOM   357 C  CD1 . LEU A 1 45  ? -0.560  -2.207  6.217   1.00 22.17 ? 44  LEU A CD1 1 
ATOM   358 C  CD2 . LEU A 1 45  ? -1.627  -0.415  7.587   1.00 20.74 ? 44  LEU A CD2 1 
ATOM   359 N  N   . ALA A 1 46  ? -3.535  -4.228  6.149   1.00 17.31 ? 45  ALA A N   1 
ATOM   360 C  CA  . ALA A 1 46  ? -3.930  -4.536  4.769   1.00 16.14 ? 45  ALA A CA  1 
ATOM   361 C  C   . ALA A 1 46  ? -5.385  -4.170  4.507   1.00 16.31 ? 45  ALA A C   1 
ATOM   362 O  O   . ALA A 1 46  ? -5.720  -3.637  3.443   1.00 16.44 ? 45  ALA A O   1 
ATOM   363 C  CB  . ALA A 1 46  ? -3.693  -6.019  4.477   1.00 18.26 ? 45  ALA A CB  1 
ATOM   364 N  N   . GLY A 1 47  ? -6.251  -4.441  5.479   1.00 16.44 ? 46  GLY A N   1 
ATOM   365 C  CA  . GLY A 1 47  ? -7.654  -4.066  5.371   1.00 17.90 ? 46  GLY A CA  1 
ATOM   366 C  C   . GLY A 1 47  ? -7.854  -2.570  5.173   1.00 16.06 ? 46  GLY A C   1 
ATOM   367 O  O   . GLY A 1 47  ? -8.754  -2.147  4.447   1.00 20.16 ? 46  GLY A O   1 
ATOM   368 N  N   . LYS A 1 48  ? -7.013  -1.758  5.813   1.00 16.83 ? 47  LYS A N   1 
ATOM   369 C  CA  . LYS A 1 48  ? -7.164  -0.307  5.694   1.00 16.79 ? 47  LYS A CA  1 
ATOM   370 C  C   . LYS A 1 48  ? -6.681  0.194   4.353   1.00 15.93 ? 47  LYS A C   1 
ATOM   371 O  O   . LYS A 1 48  ? -7.162  1.200   3.847   1.00 16.49 ? 47  LYS A O   1 
ATOM   372 C  CB  . LYS A 1 48  ? -6.412  0.418   6.820   1.00 18.87 ? 47  LYS A CB  1 
ATOM   373 C  CG  . LYS A 1 48  ? -7.085  0.305   8.184   1.00 20.21 ? 47  LYS A CG  1 
ATOM   374 C  CD  . LYS A 1 48  ? -6.252  0.975   9.266   1.00 24.28 ? 47  LYS A CD  1 
ATOM   375 C  CE  . LYS A 1 48  ? -6.946  0.867   10.616  1.00 28.44 ? 47  LYS A CE  1 
ATOM   376 N  NZ  . LYS A 1 48  ? -5.975  0.911   11.746  1.00 36.44 ? 47  LYS A NZ  1 
ATOM   377 N  N   . VAL A 1 49  ? -5.695  -0.492  3.784   1.00 17.81 ? 48  VAL A N   1 
ATOM   378 C  CA  . VAL A 1 49  ? -5.190  -0.122  2.472   1.00 16.56 ? 48  VAL A CA  1 
ATOM   379 C  C   . VAL A 1 49  ? -6.239  -0.472  1.430   1.00 13.10 ? 48  VAL A C   1 
ATOM   380 O  O   . VAL A 1 49  ? -6.485  0.290   0.512   1.00 15.27 ? 48  VAL A O   1 
ATOM   381 C  CB  . VAL A 1 49  ? -3.883  -0.849  2.183   1.00 16.45 ? 48  VAL A CB  1 
ATOM   382 C  CG1 . VAL A 1 49  ? -3.378  -0.522  0.799   1.00 17.33 ? 48  VAL A CG1 1 
ATOM   383 C  CG2 . VAL A 1 49  ? -2.885  -0.432  3.203   1.00 17.06 ? 48  VAL A CG2 1 
ATOM   384 N  N   . VAL A 1 50  ? -6.861  -1.634  1.599   1.00 17.31 ? 49  VAL A N   1 
ATOM   385 C  CA  . VAL A 1 50  ? -7.978  -2.004  0.748   1.00 15.74 ? 49  VAL A CA  1 
ATOM   386 C  C   . VAL A 1 50  ? -9.076  -0.955  0.850   1.00 15.46 ? 49  VAL A C   1 
ATOM   387 O  O   . VAL A 1 50  ? -9.606  -0.502  -0.170  1.00 17.01 ? 49  VAL A O   1 
ATOM   388 C  CB  . VAL A 1 50  ? -8.562  -3.372  1.139   1.00 16.51 ? 49  VAL A CB  1 
ATOM   389 C  CG1 . VAL A 1 50  ? -9.889  -3.591  0.424   1.00 17.66 ? 49  VAL A CG1 1 
ATOM   390 C  CG2 . VAL A 1 50  ? -7.573  -4.481  0.819   1.00 18.09 ? 49  VAL A CG2 1 
ATOM   391 N  N   . ASP A 1 51  ? -9.410  -0.558  2.075   1.00 15.64 ? 50  ASP A N   1 
ATOM   392 C  CA  . ASP A 1 51  ? -10.402 0.503   2.268   1.00 17.79 ? 50  ASP A CA  1 
ATOM   393 C  C   . ASP A 1 51  ? -10.037 1.787   1.522   1.00 17.01 ? 50  ASP A C   1 
ATOM   394 O  O   . ASP A 1 51  ? -10.893 2.450   0.933   1.00 17.72 ? 50  ASP A O   1 
ATOM   395 C  CB  . ASP A 1 51  ? -10.583 0.833   3.753   1.00 19.33 ? 50  ASP A CB  1 
ATOM   396 C  CG  . ASP A 1 51  ? -11.266 -0.276  4.536   1.00 22.63 ? 50  ASP A CG  1 
ATOM   397 O  OD1 . ASP A 1 51  ? -11.831 -1.218  3.935   1.00 19.96 ? 50  ASP A OD1 1 
ATOM   398 O  OD2 . ASP A 1 51  ? -11.233 -0.208  5.784   1.00 24.13 ? 50  ASP A OD2 1 
ATOM   399 N  N   . TYR A 1 52  ? -8.760  2.155   1.553   1.00 15.94 ? 51  TYR A N   1 
ATOM   400 C  CA  . TYR A 1 52  ? -8.339  3.378   0.889   1.00 16.37 ? 51  TYR A CA  1 
ATOM   401 C  C   . TYR A 1 52  ? -8.520  3.279   -0.617  1.00 17.33 ? 51  TYR A C   1 
ATOM   402 O  O   . TYR A 1 52  ? -8.982  4.228   -1.254  1.00 16.66 ? 51  TYR A O   1 
ATOM   403 C  CB  . TYR A 1 52  ? -6.890  3.745   1.224   1.00 16.92 ? 51  TYR A CB  1 
ATOM   404 C  CG  . TYR A 1 52  ? -6.542  5.101   0.669   1.00 18.83 ? 51  TYR A CG  1 
ATOM   405 C  CD1 . TYR A 1 52  ? -6.853  6.254   1.374   1.00 18.33 ? 51  TYR A CD1 1 
ATOM   406 C  CD2 . TYR A 1 52  ? -5.945  5.236   -0.575  1.00 17.05 ? 51  TYR A CD2 1 
ATOM   407 C  CE1 . TYR A 1 52  ? -6.569  7.503   0.857   1.00 17.88 ? 51  TYR A CE1 1 
ATOM   408 C  CE2 . TYR A 1 52  ? -5.655  6.479   -1.099  1.00 18.60 ? 51  TYR A CE2 1 
ATOM   409 C  CZ  . TYR A 1 52  ? -5.963  7.607   -0.377  1.00 19.18 ? 51  TYR A CZ  1 
ATOM   410 O  OH  . TYR A 1 52  ? -5.678  8.847   -0.898  1.00 20.47 ? 51  TYR A OH  1 
ATOM   411 N  N   . ILE A 1 53  ? -8.164  2.128   -1.183  1.00 16.78 ? 52  ILE A N   1 
ATOM   412 C  CA  . ILE A 1 53  ? -8.355  1.912   -2.613  1.00 16.16 ? 52  ILE A CA  1 
ATOM   413 C  C   . ILE A 1 53  ? -9.842  2.016   -2.950  1.00 16.10 ? 52  ILE A C   1 
ATOM   414 O  O   . ILE A 1 53  ? -10.216 2.712   -3.893  1.00 18.29 ? 52  ILE A O   1 
ATOM   415 C  CB  . ILE A 1 53  ? -7.797  0.555   -3.049  1.00 16.83 ? 52  ILE A CB  1 
ATOM   416 C  CG1 . ILE A 1 53  ? -6.267  0.573   -2.996  1.00 17.54 ? 52  ILE A CG1 1 
ATOM   417 C  CG2 . ILE A 1 53  ? -8.267  0.204   -4.463  1.00 17.09 ? 52  ILE A CG2 1 
ATOM   418 C  CD1 . ILE A 1 53  ? -5.647  -0.817  -3.090  1.00 18.89 ? 52  ILE A CD1 1 
ATOM   419 N  N   . ASN A 1 54  ? -10.689 1.354   -2.161  1.00 16.52 ? 53  ASN A N   1 
ATOM   420 C  CA  . ASN A 1 54  ? -12.134 1.452   -2.392  1.00 16.84 ? 53  ASN A CA  1 
ATOM   421 C  C   . ASN A 1 54  ? -12.678 2.868   -2.179  1.00 18.05 ? 53  ASN A C   1 
ATOM   422 O  O   . ASN A 1 54  ? -13.652 3.264   -2.826  1.00 16.94 ? 53  ASN A O   1 
ATOM   423 C  CB  . ASN A 1 54  ? -12.920 0.436   -1.571  1.00 15.28 ? 53  ASN A CB  1 
ATOM   424 C  CG  . ASN A 1 54  ? -12.833 -0.954  -2.146  1.00 17.49 ? 53  ASN A CG  1 
ATOM   425 O  OD1 . ASN A 1 54  ? -12.915 -1.132  -3.365  1.00 21.29 ? 53  ASN A OD1 1 
ATOM   426 N  ND2 . ASN A 1 54  ? -12.657 -1.948  -1.284  1.00 18.67 ? 53  ASN A ND2 1 
ATOM   427 N  N   . ALA A 1 55  ? -12.044 3.636   -1.289  1.00 16.93 ? 54  ALA A N   1 
ATOM   428 C  CA  . ALA A 1 55  ? -12.426 5.032   -1.108  1.00 19.77 ? 54  ALA A CA  1 
ATOM   429 C  C   . ALA A 1 55  ? -12.020 5.866   -2.314  1.00 19.27 ? 54  ALA A C   1 
ATOM   430 O  O   . ALA A 1 55  ? -12.754 6.751   -2.733  1.00 18.45 ? 54  ALA A O   1 
ATOM   431 C  CB  . ALA A 1 55  ? -11.826 5.613   0.190   1.00 17.17 ? 54  ALA A CB  1 
ATOM   432 N  N   . TRP A 1 56  ? -10.855 5.578   -2.886  1.00 17.92 ? 55  TRP A N   1 
ATOM   433 C  CA  . TRP A 1 56  ? -10.440 6.278   -4.096  1.00 18.99 ? 55  TRP A CA  1 
ATOM   434 C  C   . TRP A 1 56  ? -11.412 6.001   -5.233  1.00 18.97 ? 55  TRP A C   1 
ATOM   435 O  O   . TRP A 1 56  ? -11.860 6.918   -5.921  1.00 20.70 ? 55  TRP A O   1 
ATOM   436 C  CB  . TRP A 1 56  ? -9.019  5.885   -4.520  1.00 22.37 ? 55  TRP A CB  1 
ATOM   437 C  CG  . TRP A 1 56  ? -8.583  6.580   -5.804  1.00 22.62 ? 55  TRP A CG  1 
ATOM   438 C  CD1 . TRP A 1 56  ? -8.155  7.880   -5.933  1.00 26.99 ? 55  TRP A CD1 1 
ATOM   439 C  CD2 . TRP A 1 56  ? -8.537  6.014   -7.124  1.00 25.51 ? 55  TRP A CD2 1 
ATOM   440 N  NE1 . TRP A 1 56  ? -7.845  8.147   -7.245  1.00 29.08 ? 55  TRP A NE1 1 
ATOM   441 C  CE2 . TRP A 1 56  ? -8.079  7.026   -7.999  1.00 26.72 ? 55  TRP A CE2 1 
ATOM   442 C  CE3 . TRP A 1 56  ? -8.844  4.756   -7.652  1.00 25.18 ? 55  TRP A CE3 1 
ATOM   443 C  CZ2 . TRP A 1 56  ? -7.911  6.810   -9.368  1.00 29.34 ? 55  TRP A CZ2 1 
ATOM   444 C  CZ3 . TRP A 1 56  ? -8.685  4.546   -9.016  1.00 28.56 ? 55  TRP A CZ3 1 
ATOM   445 C  CH2 . TRP A 1 56  ? -8.225  5.569   -9.857  1.00 27.37 ? 55  TRP A CH2 1 
ATOM   446 N  N   . ILE A 1 57  ? -11.742 4.730   -5.418  1.00 18.19 ? 56  ILE A N   1 
ATOM   447 C  CA  . ILE A 1 57  ? -12.661 4.321   -6.471  1.00 18.99 ? 56  ILE A CA  1 
ATOM   448 C  C   . ILE A 1 57  ? -14.042 4.945   -6.253  1.00 21.67 ? 56  ILE A C   1 
ATOM   449 O  O   . ILE A 1 57  ? -14.691 5.384   -7.207  1.00 20.39 ? 56  ILE A O   1 
ATOM   450 C  CB  . ILE A 1 57  ? -12.779 2.792   -6.536  1.00 17.09 ? 56  ILE A CB  1 
ATOM   451 C  CG1 . ILE A 1 57  ? -11.442 2.171   -6.943  1.00 19.52 ? 56  ILE A CG1 1 
ATOM   452 C  CG2 . ILE A 1 57  ? -13.875 2.385   -7.546  1.00 21.02 ? 56  ILE A CG2 1 
ATOM   453 C  CD1 . ILE A 1 57  ? -11.411 0.623   -6.830  1.00 20.68 ? 56  ILE A CD1 1 
ATOM   454 N  N   . GLY A 1 58  ? -14.481 4.992   -4.998  1.00 20.12 ? 57  GLY A N   1 
ATOM   455 C  CA  . GLY A 1 58  ? -15.791 5.528   -4.665  1.00 22.46 ? 57  GLY A CA  1 
ATOM   456 C  C   . GLY A 1 58  ? -15.873 7.042   -4.608  1.00 23.98 ? 57  GLY A C   1 
ATOM   457 O  O   . GLY A 1 58  ? -16.968 7.606   -4.504  1.00 25.03 ? 57  GLY A O   1 
ATOM   458 N  N   . GLY A 1 59  ? -14.719 7.706   -4.659  1.00 19.74 ? 58  GLY A N   1 
ATOM   459 C  CA  . GLY A 1 59  ? -14.676 9.160   -4.738  1.00 20.94 ? 58  GLY A CA  1 
ATOM   460 C  C   . GLY A 1 59  ? -14.496 9.890   -3.420  1.00 23.89 ? 58  GLY A C   1 
ATOM   461 O  O   . GLY A 1 59  ? -14.641 11.119  -3.355  1.00 25.54 ? 58  GLY A O   1 
ATOM   462 N  N   . SER A 1 60  ? -14.158 9.153   -2.372  1.00 21.81 ? 59  SER A N   1 
ATOM   463 C  CA  . SER A 1 60  ? -14.059 9.744   -1.042  1.00 22.30 ? 59  SER A CA  1 
ATOM   464 C  C   . SER A 1 60  ? -12.640 9.739   -0.450  1.00 19.71 ? 59  SER A C   1 
ATOM   465 O  O   . SER A 1 60  ? -12.457 10.103  0.707   1.00 22.11 ? 59  SER A O   1 
ATOM   466 C  CB  . SER A 1 60  ? -15.012 9.043   -0.079  1.00 22.84 ? 59  SER A CB  1 
ATOM   467 O  OG  . SER A 1 60  ? -14.617 7.699   0.112   1.00 23.37 ? 59  SER A OG  1 
ATOM   468 N  N   . ALA A 1 61  ? -11.650 9.325   -1.233  1.00 20.23 ? 60  ALA A N   1 
ATOM   469 C  CA  . ALA A 1 61  ? -10.285 9.262   -0.725  1.00 18.40 ? 60  ALA A CA  1 
ATOM   470 C  C   . ALA A 1 61  ? -9.807  10.641  -0.314  1.00 21.23 ? 60  ALA A C   1 
ATOM   471 O  O   . ALA A 1 61  ? -10.085 11.634  -0.983  1.00 23.86 ? 60  ALA A O   1 
ATOM   472 C  CB  . ALA A 1 61  ? -9.348  8.669   -1.758  1.00 19.94 ? 60  ALA A CB  1 
ATOM   473 N  N   . ASP A 1 62  ? -9.096  10.683  0.804   1.00 22.01 ? 61  ASP A N   1 
ATOM   474 C  CA  . ASP A 1 62  ? -8.504  11.915  1.292   1.00 22.61 ? 61  ASP A CA  1 
ATOM   475 C  C   . ASP A 1 62  ? -7.001  11.786  1.154   1.00 17.70 ? 61  ASP A C   1 
ATOM   476 O  O   . ASP A 1 62  ? -6.324  11.354  2.093   1.00 21.06 ? 61  ASP A O   1 
ATOM   477 C  CB  . ASP A 1 62  ? -8.902  12.135  2.750   1.00 21.24 ? 61  ASP A CB  1 
ATOM   478 C  CG  . ASP A 1 62  ? -8.247  13.368  3.359   1.00 23.89 ? 61  ASP A CG  1 
ATOM   479 O  OD1 . ASP A 1 62  ? -7.698  14.184  2.608   1.00 24.48 ? 61  ASP A OD1 1 
ATOM   480 O  OD2 . ASP A 1 62  ? -8.286  13.510  4.599   1.00 33.38 ? 61  ASP A OD2 1 
ATOM   481 N  N   . ALA A 1 63  ? -6.479  12.153  -0.016  1.00 20.12 ? 62  ALA A N   1 
ATOM   482 C  CA  . ALA A 1 63  ? -5.057  11.988  -0.308  1.00 20.06 ? 62  ALA A CA  1 
ATOM   483 C  C   . ALA A 1 63  ? -4.216  12.924  0.538   1.00 19.38 ? 62  ALA A C   1 
ATOM   484 O  O   . ALA A 1 63  ? -3.128  12.562  0.979   1.00 20.37 ? 62  ALA A O   1 
ATOM   485 C  CB  . ALA A 1 63  ? -4.772  12.219  -1.779  1.00 21.55 ? 62  ALA A CB  1 
ATOM   486 N  N   . ALA A 1 64  ? -4.709  14.138  0.757   1.00 19.35 ? 63  ALA A N   1 
ATOM   487 C  CA  . ALA A 1 64  ? -3.992  15.081  1.615   1.00 22.05 ? 63  ALA A CA  1 
ATOM   488 C  C   . ALA A 1 64  ? -3.824  14.550  3.038   1.00 22.39 ? 63  ALA A C   1 
ATOM   489 O  O   . ALA A 1 64  ? -2.746  14.660  3.624   1.00 20.34 ? 63  ALA A O   1 
ATOM   490 C  CB  . ALA A 1 64  ? -4.689  16.437  1.624   1.00 21.24 ? 63  ALA A CB  1 
ATOM   491 N  N   . GLY A 1 65  ? -4.880  13.953  3.581   1.00 18.78 ? 64  GLY A N   1 
ATOM   492 C  CA  . GLY A 1 65  ? -4.836  13.392  4.919   1.00 18.39 ? 64  GLY A CA  1 
ATOM   493 C  C   . GLY A 1 65  ? -3.920  12.188  4.983   1.00 18.46 ? 64  GLY A C   1 
ATOM   494 O  O   . GLY A 1 65  ? -3.157  12.040  5.927   1.00 19.12 ? 64  GLY A O   1 
ATOM   495 N  N   . LEU A 1 66  ? -3.985  11.330  3.968   1.00 20.05 ? 65  LEU A N   1 
ATOM   496 C  CA  . LEU A 1 66  ? -3.131  10.148  3.932   1.00 17.32 ? 65  LEU A CA  1 
ATOM   497 C  C   . LEU A 1 66  ? -1.669  10.558  3.829   1.00 15.60 ? 65  LEU A C   1 
ATOM   498 O  O   . LEU A 1 66  ? -0.813  9.980   4.493   1.00 17.09 ? 65  LEU A O   1 
ATOM   499 C  CB  . LEU A 1 66  ? -3.510  9.234   2.756   1.00 14.92 ? 65  LEU A CB  1 
ATOM   500 C  CG  . LEU A 1 66  ? -2.916  7.822   2.886   1.00 17.48 ? 65  LEU A CG  1 
ATOM   501 C  CD1 . LEU A 1 66  ? -3.528  7.069   4.066   1.00 21.30 ? 65  LEU A CD1 1 
ATOM   502 C  CD2 . LEU A 1 66  ? -3.078  7.052   1.608   1.00 21.85 ? 65  LEU A CD2 1 
ATOM   503 N  N   . ALA A 1 67  ? -1.392  11.562  3.004   1.00 17.34 ? 66  ALA A N   1 
ATOM   504 C  CA  . ALA A 1 67  ? -0.032  12.058  2.866   1.00 17.40 ? 66  ALA A CA  1 
ATOM   505 C  C   . ALA A 1 67  ? 0.484   12.610  4.196   1.00 18.95 ? 66  ALA A C   1 
ATOM   506 O  O   . ALA A 1 67  ? 1.586   12.286  4.629   1.00 18.18 ? 66  ALA A O   1 
ATOM   507 C  CB  . ALA A 1 67  ? 0.044   13.126  1.787   1.00 19.85 ? 66  ALA A CB  1 
ATOM   508 N  N   . SER A 1 68  ? -0.321  13.450  4.834   1.00 19.22 ? 67  SER A N   1 
ATOM   509 C  CA  . SER A 1 68  ? 0.049   14.028  6.130   1.00 18.70 ? 67  SER A CA  1 
ATOM   510 C  C   . SER A 1 68  ? 0.362   12.952  7.169   1.00 18.82 ? 67  SER A C   1 
ATOM   511 O  O   . SER A 1 68  ? 1.363   13.034  7.885   1.00 17.10 ? 67  SER A O   1 
ATOM   512 C  CB  . SER A 1 68  ? -1.070  14.939  6.640   1.00 19.35 ? 67  SER A CB  1 
ATOM   513 O  OG  . SER A 1 68  ? -0.673  15.578  7.838   1.00 19.32 ? 67  SER A OG  1 
ATOM   514 N  N   . ARG A 1 69  ? -0.488  11.934  7.245   1.00 19.51 ? 68  ARG A N   1 
ATOM   515 C  CA  . ARG A 1 69  ? -0.246  10.858  8.187   1.00 16.79 ? 68  ARG A CA  1 
ATOM   516 C  C   . ARG A 1 69  ? 1.035   10.106  7.875   1.00 15.46 ? 68  ARG A C   1 
ATOM   517 O  O   . ARG A 1 69  ? 1.743   9.683   8.788   1.00 16.92 ? 68  ARG A O   1 
ATOM   518 C  CB  . ARG A 1 69  ? -1.451  9.912   8.244   1.00 16.61 ? 68  ARG A CB  1 
ATOM   519 C  CG  . ARG A 1 69  ? -2.681  10.588  8.838   1.00 22.69 ? 68  ARG A CG  1 
ATOM   520 C  CD  . ARG A 1 69  ? -3.796  9.599   9.156   1.00 21.74 ? 68  ARG A CD  1 
ATOM   521 N  NE  . ARG A 1 69  ? -4.275  8.855   8.001   1.00 26.69 ? 68  ARG A NE  1 
ATOM   522 C  CZ  . ARG A 1 69  ? -5.201  9.308   7.162   1.00 28.07 ? 68  ARG A CZ  1 
ATOM   523 N  NH1 . ARG A 1 69  ? -5.717  10.517  7.338   1.00 28.97 ? 68  ARG A NH1 1 
ATOM   524 N  NH2 . ARG A 1 69  ? -5.610  8.555   6.138   1.00 27.38 ? 68  ARG A NH2 1 
ATOM   525 N  N   . HIS A 1 70  ? 1.351   9.931   6.597   1.00 15.93 ? 69  HIS A N   1 
ATOM   526 C  CA  . HIS A 1 70  ? 2.592   9.240   6.239   1.00 17.19 ? 69  HIS A CA  1 
ATOM   527 C  C   . HIS A 1 70  ? 3.828   10.093  6.514   1.00 15.70 ? 69  HIS A C   1 
ATOM   528 O  O   . HIS A 1 70  ? 4.829   9.572   7.005   1.00 17.50 ? 69  HIS A O   1 
ATOM   529 C  CB  . HIS A 1 70  ? 2.587   8.742   4.795   1.00 17.35 ? 69  HIS A CB  1 
ATOM   530 C  CG  . HIS A 1 70  ? 1.808   7.475   4.607   1.00 17.24 ? 69  HIS A CG  1 
ATOM   531 N  ND1 . HIS A 1 70  ? 0.445   7.464   4.411   1.00 18.28 ? 69  HIS A ND1 1 
ATOM   532 C  CD2 . HIS A 1 70  ? 2.205   6.182   4.609   1.00 17.63 ? 69  HIS A CD2 1 
ATOM   533 C  CE1 . HIS A 1 70  ? 0.033   6.212   4.296   1.00 18.53 ? 69  HIS A CE1 1 
ATOM   534 N  NE2 . HIS A 1 70  ? 1.079   5.415   4.408   1.00 18.93 ? 69  HIS A NE2 1 
ATOM   535 N  N   . LYS A 1 71  ? 3.762   11.390  6.220   1.00 19.33 ? 70  LYS A N   1 
ATOM   536 C  CA  . LYS A 1 71  ? 4.834   12.297  6.628   1.00 19.15 ? 70  LYS A CA  1 
ATOM   537 C  C   . LYS A 1 71  ? 5.057   12.197  8.132   1.00 20.87 ? 70  LYS A C   1 
ATOM   538 O  O   . LYS A 1 71  ? 6.191   12.295  8.616   1.00 18.61 ? 70  LYS A O   1 
ATOM   539 C  CB  . LYS A 1 71  ? 4.476   13.745  6.297   1.00 18.97 ? 70  LYS A CB  1 
ATOM   540 C  CG  . LYS A 1 71  ? 4.490   14.103  4.839   1.00 26.31 ? 70  LYS A CG  1 
ATOM   541 C  CD  . LYS A 1 71  ? 4.120   15.574  4.698   1.00 23.02 ? 70  LYS A CD  1 
ATOM   542 C  CE  . LYS A 1 71  ? 4.229   16.069  3.271   1.00 37.61 ? 70  LYS A CE  1 
ATOM   543 N  NZ  . LYS A 1 71  ? 3.653   17.440  3.133   1.00 36.55 ? 70  LYS A NZ  1 
ATOM   544 N  N   . GLY A 1 72  ? 3.970   12.009  8.876   1.00 17.95 ? 71  GLY A N   1 
ATOM   545 C  CA  . GLY A 1 72  ? 4.057   11.839  10.321  1.00 20.24 ? 71  GLY A CA  1 
ATOM   546 C  C   . GLY A 1 72  ? 4.783   10.584  10.778  1.00 20.21 ? 71  GLY A C   1 
ATOM   547 O  O   . GLY A 1 72  ? 5.136   10.456  11.956  1.00 21.34 ? 71  GLY A O   1 
ATOM   548 N  N   . ARG A 1 73  ? 4.986   9.653   9.852   1.00 17.41 ? 72  ARG A N   1 
ATOM   549 C  CA  . ARG A 1 73  ? 5.773   8.451   10.102  1.00 19.20 ? 72  ARG A CA  1 
ATOM   550 C  C   . ARG A 1 73  ? 7.110   8.504   9.375   1.00 20.28 ? 72  ARG A C   1 
ATOM   551 O  O   . ARG A 1 73  ? 7.763   7.467   9.213   1.00 19.86 ? 72  ARG A O   1 
ATOM   552 C  CB  . ARG A 1 73  ? 5.024   7.215   9.594   1.00 20.91 ? 72  ARG A CB  1 
ATOM   553 C  CG  . ARG A 1 73  ? 3.625   7.057   10.131  1.00 24.16 ? 72  ARG A CG  1 
ATOM   554 C  CD  . ARG A 1 73  ? 3.647   6.837   11.620  1.00 28.35 ? 72  ARG A CD  1 
ATOM   555 N  NE  . ARG A 1 73  ? 2.331   6.465   12.127  1.00 33.81 ? 72  ARG A NE  1 
ATOM   556 C  CZ  . ARG A 1 73  ? 2.071   5.346   12.792  1.00 31.36 ? 72  ARG A CZ  1 
ATOM   557 N  NH1 . ARG A 1 73  ? 3.045   4.470   13.044  1.00 30.25 ? 72  ARG A NH1 1 
ATOM   558 N  NH2 . ARG A 1 73  ? 0.835   5.102   13.208  1.00 36.06 ? 72  ARG A NH2 1 
ATOM   559 N  N   . ASN A 1 74  ? 7.508   9.698   8.926   1.00 20.63 ? 73  ASN A N   1 
ATOM   560 C  CA  . ASN A 1 74  ? 8.756   9.872   8.182   1.00 20.99 ? 73  ASN A CA  1 
ATOM   561 C  C   . ASN A 1 74  ? 8.799   9.065   6.888   1.00 21.14 ? 73  ASN A C   1 
ATOM   562 O  O   . ASN A 1 74  ? 9.851   8.555   6.489   1.00 21.85 ? 73  ASN A O   1 
ATOM   563 C  CB  . ASN A 1 74  ? 9.977   9.566   9.061   1.00 22.97 ? 73  ASN A CB  1 
ATOM   564 C  CG  . ASN A 1 74  ? 10.163  10.584  10.174  1.00 28.56 ? 73  ASN A CG  1 
ATOM   565 O  OD1 . ASN A 1 74  ? 9.868   11.770  10.001  1.00 29.61 ? 73  ASN A OD1 1 
ATOM   566 N  ND2 . ASN A 1 74  ? 10.646  10.122  11.326  1.00 30.35 ? 73  ASN A ND2 1 
ATOM   567 N  N   . VAL A 1 75  ? 7.638   8.956   6.245   1.00 19.57 ? 74  VAL A N   1 
ATOM   568 C  CA  . VAL A 1 75  ? 7.499   8.306   4.948   1.00 20.38 ? 74  VAL A CA  1 
ATOM   569 C  C   . VAL A 1 75  ? 7.186   9.381   3.915   1.00 23.06 ? 74  VAL A C   1 
ATOM   570 O  O   . VAL A 1 75  ? 6.221   10.130  4.067   1.00 22.85 ? 74  VAL A O   1 
ATOM   571 C  CB  . VAL A 1 75  ? 6.369   7.245   4.982   1.00 19.71 ? 74  VAL A CB  1 
ATOM   572 C  CG1 . VAL A 1 75  ? 6.169   6.634   3.605   1.00 19.81 ? 74  VAL A CG1 1 
ATOM   573 C  CG2 . VAL A 1 75  ? 6.678   6.161   6.018   1.00 18.26 ? 74  VAL A CG2 1 
ATOM   574 N  N   . GLY A 1 76  ? 8.006   9.468   2.873   1.00 23.08 ? 75  GLY A N   1 
ATOM   575 C  CA  . GLY A 1 76  ? 7.903   10.573  1.938   1.00 25.49 ? 75  GLY A CA  1 
ATOM   576 C  C   . GLY A 1 76  ? 7.826   10.182  0.479   1.00 27.25 ? 75  GLY A C   1 
ATOM   577 O  O   . GLY A 1 76  ? 7.400   9.079   0.131   1.00 25.50 ? 75  GLY A O   1 
ATOM   578 N  N   . SER A 1 77  ? 8.233   11.106  -0.390  1.00 26.25 ? 76  SER A N   1 
ATOM   579 C  CA  . SER A 1 77  ? 8.046   10.938  -1.828  1.00 23.34 ? 76  SER A CA  1 
ATOM   580 C  C   . SER A 1 77  ? 8.773   9.726   -2.411  1.00 24.29 ? 76  SER A C   1 
ATOM   581 O  O   . SER A 1 77  ? 8.215   9.005   -3.246  1.00 24.38 ? 76  SER A O   1 
ATOM   582 C  CB  . SER A 1 77  ? 8.491   12.204  -2.563  1.00 27.22 ? 76  SER A CB  1 
ATOM   583 O  OG  . SER A 1 77  ? 7.710   13.318  -2.171  1.00 38.37 ? 76  SER A OG  1 
ATOM   584 N  N   . ALA A 1 78  ? 10.017  9.508   -1.986  1.00 25.24 ? 77  ALA A N   1 
ATOM   585 C  CA  . ALA A 1 78  ? 10.817  8.417   -2.528  1.00 23.21 ? 77  ALA A CA  1 
ATOM   586 C  C   . ALA A 1 78  ? 10.127  7.087   -2.270  1.00 24.57 ? 77  ALA A C   1 
ATOM   587 O  O   . ALA A 1 78  ? 10.011  6.252   -3.167  1.00 22.55 ? 77  ALA A O   1 
ATOM   588 C  CB  . ALA A 1 78  ? 12.215  8.417   -1.924  1.00 26.21 ? 77  ALA A CB  1 
ATOM   589 N  N   . GLU A 1 79  ? 9.651   6.914   -1.042  1.00 22.95 ? 78  GLU A N   1 
ATOM   590 C  CA  . GLU A 1 79  ? 8.950   5.689   -0.658  1.00 22.43 ? 78  GLU A CA  1 
ATOM   591 C  C   . GLU A 1 79  ? 7.668   5.513   -1.459  1.00 23.52 ? 78  GLU A C   1 
ATOM   592 O  O   . GLU A 1 79  ? 7.360   4.410   -1.897  1.00 20.69 ? 78  GLU A O   1 
ATOM   593 C  CB  . GLU A 1 79  ? 8.646   5.687   0.841   1.00 22.27 ? 78  GLU A CB  1 
ATOM   594 C  CG  . GLU A 1 79  ? 9.877   5.627   1.741   1.00 22.22 ? 78  GLU A CG  1 
ATOM   595 C  CD  . GLU A 1 79  ? 10.352  6.997   2.207   1.00 24.33 ? 78  GLU A CD  1 
ATOM   596 O  OE1 . GLU A 1 79  ? 10.178  7.996   1.474   1.00 25.86 ? 78  GLU A OE1 1 
ATOM   597 O  OE2 . GLU A 1 79  ? 10.890  7.071   3.325   1.00 28.22 ? 78  GLU A OE2 1 
ATOM   598 N  N   . PHE A 1 80  ? 6.919   6.594   -1.669  1.00 21.40 ? 79  PHE A N   1 
ATOM   599 C  CA  . PHE A 1 80  ? 5.688   6.473   -2.447  1.00 20.84 ? 79  PHE A CA  1 
ATOM   600 C  C   . PHE A 1 80  ? 5.942   6.253   -3.928  1.00 22.85 ? 79  PHE A C   1 
ATOM   601 O  O   . PHE A 1 80  ? 5.143   5.600   -4.597  1.00 21.39 ? 79  PHE A O   1 
ATOM   602 C  CB  . PHE A 1 80  ? 4.729   7.642   -2.199  1.00 22.14 ? 79  PHE A CB  1 
ATOM   603 C  CG  . PHE A 1 80  ? 3.790   7.400   -1.053  1.00 19.36 ? 79  PHE A CG  1 
ATOM   604 C  CD1 . PHE A 1 80  ? 4.188   7.661   0.247   1.00 22.70 ? 79  PHE A CD1 1 
ATOM   605 C  CD2 . PHE A 1 80  ? 2.526   6.874   -1.272  1.00 21.65 ? 79  PHE A CD2 1 
ATOM   606 C  CE1 . PHE A 1 80  ? 3.339   7.430   1.309   1.00 21.60 ? 79  PHE A CE1 1 
ATOM   607 C  CE2 . PHE A 1 80  ? 1.672   6.631   -0.211  1.00 20.95 ? 79  PHE A CE2 1 
ATOM   608 C  CZ  . PHE A 1 80  ? 2.080   6.909   1.082   1.00 19.99 ? 79  PHE A CZ  1 
ATOM   609 N  N   . HIS A 1 81  ? 7.055   6.761   -4.445  1.00 22.26 ? 80  HIS A N   1 
ATOM   610 C  CA  . HIS A 1 81  ? 7.418   6.404   -5.818  1.00 25.64 ? 80  HIS A CA  1 
ATOM   611 C  C   . HIS A 1 81  ? 7.742   4.917   -5.933  1.00 21.95 ? 80  HIS A C   1 
ATOM   612 O  O   . HIS A 1 81  ? 7.347   4.272   -6.904  1.00 22.25 ? 80  HIS A O   1 
ATOM   613 C  CB  . HIS A 1 81  ? 8.557   7.270   -6.364  1.00 26.58 ? 80  HIS A CB  1 
ATOM   614 C  CG  . HIS A 1 81  ? 8.088   8.559   -6.963  1.00 28.11 ? 80  HIS A CG  1 
ATOM   615 N  ND1 . HIS A 1 81  ? 8.347   9.787   -6.394  1.00 35.06 ? 80  HIS A ND1 1 
ATOM   616 C  CD2 . HIS A 1 81  ? 7.353   8.807   -8.075  1.00 29.60 ? 80  HIS A CD2 1 
ATOM   617 C  CE1 . HIS A 1 81  ? 7.802   10.737  -7.131  1.00 29.05 ? 80  HIS A CE1 1 
ATOM   618 N  NE2 . HIS A 1 81  ? 7.191   10.169  -8.157  1.00 33.69 ? 80  HIS A NE2 1 
ATOM   619 N  N   . ASN A 1 82  ? 8.442   4.361   -4.943  1.00 21.74 ? 81  ASN A N   1 
ATOM   620 C  CA  . ASN A 1 82  ? 8.680   2.916   -4.926  1.00 22.35 ? 81  ASN A CA  1 
ATOM   621 C  C   . ASN A 1 82  ? 7.379   2.123   -4.771  1.00 20.20 ? 81  ASN A C   1 
ATOM   622 O  O   . ASN A 1 82  ? 7.175   1.128   -5.451  1.00 22.35 ? 81  ASN A O   1 
ATOM   623 C  CB  . ASN A 1 82  ? 9.696   2.518   -3.844  1.00 23.15 ? 81  ASN A CB  1 
ATOM   624 C  CG  . ASN A 1 82  ? 11.036  3.211   -4.026  1.00 28.98 ? 81  ASN A CG  1 
ATOM   625 O  OD1 . ASN A 1 82  ? 11.370  3.655   -5.127  1.00 30.14 ? 81  ASN A OD1 1 
ATOM   626 N  ND2 . ASN A 1 82  ? 11.806  3.315   -2.949  1.00 25.36 ? 81  ASN A ND2 1 
ATOM   627 N  N   . ALA A 1 83  ? 6.494   2.574   -3.883  1.00 21.26 ? 82  ALA A N   1 
ATOM   628 C  CA  . ALA A 1 83  ? 5.176   1.939   -3.727  1.00 21.98 ? 82  ALA A CA  1 
ATOM   629 C  C   . ALA A 1 83  ? 4.356   1.948   -5.020  1.00 22.77 ? 82  ALA A C   1 
ATOM   630 O  O   . ALA A 1 83  ? 3.635   0.993   -5.319  1.00 21.90 ? 82  ALA A O   1 
ATOM   631 C  CB  . ALA A 1 83  ? 4.381   2.616   -2.603  1.00 19.00 ? 82  ALA A CB  1 
ATOM   632 N  N   . LYS A 1 84  ? 4.457   3.042   -5.774  1.00 22.35 ? 83  LYS A N   1 
ATOM   633 C  CA  . LYS A 1 84  ? 3.730   3.168   -7.038  1.00 23.59 ? 83  LYS A CA  1 
ATOM   634 C  C   . LYS A 1 84  ? 4.096   2.023   -7.976  1.00 22.66 ? 83  LYS A C   1 
ATOM   635 O  O   . LYS A 1 84  ? 3.229   1.384   -8.561  1.00 21.94 ? 83  LYS A O   1 
ATOM   636 C  CB  . LYS A 1 84  ? 4.020   4.519   -7.697  1.00 24.45 ? 83  LYS A CB  1 
ATOM   637 C  CG  . LYS A 1 84  ? 3.093   4.864   -8.848  1.00 21.84 ? 83  LYS A CG  1 
ATOM   638 C  CD  . LYS A 1 84  ? 3.431   6.233   -9.442  1.00 23.26 ? 83  LYS A CD  1 
ATOM   639 C  CE  . LYS A 1 84  ? 2.659   6.454   -10.735 1.00 27.73 ? 83  LYS A CE  1 
ATOM   640 N  NZ  . LYS A 1 84  ? 2.941   7.785   -11.329 1.00 27.16 ? 83  LYS A NZ  1 
ATOM   641 N  N   . ALA A 1 85  ? 5.389   1.748   -8.097  1.00 22.41 ? 84  ALA A N   1 
ATOM   642 C  CA  . ALA A 1 85  ? 5.863   0.672   -8.959  1.00 23.28 ? 84  ALA A CA  1 
ATOM   643 C  C   . ALA A 1 85  ? 5.404   -0.707  -8.475  1.00 24.41 ? 84  ALA A C   1 
ATOM   644 O  O   . ALA A 1 85  ? 4.979   -1.549  -9.275  1.00 21.65 ? 84  ALA A O   1 
ATOM   645 C  CB  . ALA A 1 85  ? 7.389   0.727   -9.087  1.00 24.00 ? 84  ALA A CB  1 
ATOM   646 N  N   . CYS A 1 86  ? 5.474   -0.935  -7.167  1.00 21.58 ? 85  CYS A N   1 
ATOM   647 C  CA  . CYS A 1 86  ? 5.057   -2.214  -6.603  1.00 21.41 ? 85  CYS A CA  1 
ATOM   648 C  C   . CYS A 1 86  ? 3.562   -2.440  -6.773  1.00 20.43 ? 85  CYS A C   1 
ATOM   649 O  O   . CYS A 1 86  ? 3.125   -3.564  -7.008  1.00 21.02 ? 85  CYS A O   1 
ATOM   650 C  CB  . CYS A 1 86  ? 5.434   -2.299  -5.123  1.00 21.46 ? 85  CYS A CB  1 
ATOM   651 S  SG  . CYS A 1 86  ? 7.213   -2.255  -4.837  1.00 24.56 ? 85  CYS A SG  1 
ATOM   652 N  N   . LEU A 1 87  ? 2.783   -1.367  -6.639  1.00 22.18 ? 86  LEU A N   1 
ATOM   653 C  CA  . LEU A 1 87  ? 1.332   -1.456  -6.767  1.00 18.94 ? 86  LEU A CA  1 
ATOM   654 C  C   . LEU A 1 87  ? 0.927   -1.687  -8.228  1.00 20.04 ? 86  LEU A C   1 
ATOM   655 O  O   . LEU A 1 87  ? -0.050  -2.384  -8.500  1.00 21.87 ? 86  LEU A O   1 
ATOM   656 C  CB  . LEU A 1 87  ? 0.654   -0.204  -6.193  1.00 18.23 ? 86  LEU A CB  1 
ATOM   657 C  CG  . LEU A 1 87  ? -0.875  -0.191  -6.082  1.00 20.35 ? 86  LEU A CG  1 
ATOM   658 C  CD1 . LEU A 1 87  ? -1.399  -1.423  -5.344  1.00 18.77 ? 86  LEU A CD1 1 
ATOM   659 C  CD2 . LEU A 1 87  ? -1.371  1.091   -5.407  1.00 19.05 ? 86  LEU A CD2 1 
ATOM   660 N  N   . ALA A 1 88  ? 1.687   -1.121  -9.164  1.00 23.00 ? 87  ALA A N   1 
ATOM   661 C  CA  . ALA A 1 88  ? 1.421   -1.367  -10.584 1.00 23.52 ? 87  ALA A CA  1 
ATOM   662 C  C   . ALA A 1 88  ? 1.654   -2.839  -10.937 1.00 22.92 ? 87  ALA A C   1 
ATOM   663 O  O   . ALA A 1 88  ? 0.875   -3.431  -11.692 1.00 24.13 ? 87  ALA A O   1 
ATOM   664 C  CB  . ALA A 1 88  ? 2.264   -0.456  -11.469 1.00 22.78 ? 87  ALA A CB  1 
ATOM   665 N  N   . LYS A 1 89  ? 2.715   -3.429  -10.386 1.00 21.61 ? 88  LYS A N   1 
ATOM   666 C  CA  . LYS A 1 89  ? 2.962   -4.864  -10.560 1.00 22.20 ? 88  LYS A CA  1 
ATOM   667 C  C   . LYS A 1 89  ? 1.826   -5.702  -9.984  1.00 25.20 ? 88  LYS A C   1 
ATOM   668 O  O   . LYS A 1 89  ? 1.354   -6.649  -10.620 1.00 26.51 ? 88  LYS A O   1 
ATOM   669 C  CB  . LYS A 1 89  ? 4.269   -5.282  -9.883  1.00 25.74 ? 88  LYS A CB  1 
ATOM   670 C  CG  . LYS A 1 89  ? 5.548   -4.761  -10.520 1.00 27.42 ? 88  LYS A CG  1 
ATOM   671 C  CD  . LYS A 1 89  ? 6.773   -5.458  -9.903  1.00 34.85 ? 88  LYS A CD  1 
ATOM   672 C  CE  . LYS A 1 89  ? 6.706   -6.974  -10.124 1.00 37.12 ? 88  LYS A CE  1 
ATOM   673 N  NZ  . LYS A 1 89  ? 7.927   -7.731  -9.673  1.00 43.35 ? 88  LYS A NZ  1 
ATOM   674 N  N   . ALA A 1 90  ? 1.394   -5.352  -8.776  1.00 21.81 ? 89  ALA A N   1 
ATOM   675 C  CA  . ALA A 1 90  ? 0.357   -6.105  -8.076  1.00 22.52 ? 89  ALA A CA  1 
ATOM   676 C  C   . ALA A 1 90  ? -0.973  -6.017  -8.800  1.00 22.13 ? 89  ALA A C   1 
ATOM   677 O  O   . ALA A 1 90  ? -1.701  -6.998  -8.877  1.00 24.73 ? 89  ALA A O   1 
ATOM   678 C  CB  . ALA A 1 90  ? 0.209   -5.623  -6.634  1.00 21.00 ? 89  ALA A CB  1 
ATOM   679 N  N   . CYS A 1 91  ? -1.296  -4.829  -9.303  1.00 22.47 ? 90  CYS A N   1 
ATOM   680 C  CA  . CYS A 1 91  ? -2.508  -4.644  -10.092 1.00 22.34 ? 90  CYS A CA  1 
ATOM   681 C  C   . CYS A 1 91  ? -2.456  -5.474  -11.370 1.00 25.84 ? 90  CYS A C   1 
ATOM   682 O  O   . CYS A 1 91  ? -3.394  -6.207  -11.679 1.00 22.70 ? 90  CYS A O   1 
ATOM   683 C  CB  . CYS A 1 91  ? -2.702  -3.173  -10.425 1.00 21.84 ? 90  CYS A CB  1 
ATOM   684 S  SG  . CYS A 1 91  ? -3.253  -2.207  -9.011  1.00 20.12 ? 90  CYS A SG  1 
ATOM   685 N  N   . SER A 1 92  ? -1.349  -5.365  -12.096 1.00 25.39 ? 91  SER A N   1 
ATOM   686 C  CA  . SER A 1 92  ? -1.176  -6.113  -13.341 1.00 25.25 ? 91  SER A CA  1 
ATOM   687 C  C   . SER A 1 92  ? -1.330  -7.620  -13.146 1.00 28.14 ? 91  SER A C   1 
ATOM   688 O  O   . SER A 1 92  ? -1.947  -8.300  -13.968 1.00 31.75 ? 91  SER A O   1 
ATOM   689 C  CB  . SER A 1 92  ? 0.187   -5.807  -13.963 1.00 28.52 ? 91  SER A CB  1 
ATOM   690 O  OG  . SER A 1 92  ? 0.287   -4.434  -14.291 1.00 35.96 ? 91  SER A OG  1 
ATOM   691 N  N   . ALA A 1 93  ? -0.765  -8.131  -12.057 1.00 28.66 ? 92  ALA A N   1 
ATOM   692 C  CA  . ALA A 1 93  ? -0.791  -9.560  -11.768 1.00 25.32 ? 92  ALA A CA  1 
ATOM   693 C  C   . ALA A 1 93  ? -2.206  -10.092 -11.550 1.00 30.09 ? 92  ALA A C   1 
ATOM   694 O  O   . ALA A 1 93  ? -2.447  -11.296 -11.647 1.00 31.39 ? 92  ALA A O   1 
ATOM   695 C  CB  . ALA A 1 93  ? 0.084   -9.870  -10.550 1.00 25.94 ? 92  ALA A CB  1 
ATOM   696 N  N   . HIS A 1 94  ? -3.137  -9.194  -11.255 1.00 26.21 ? 93  HIS A N   1 
ATOM   697 C  CA  . HIS A 1 94  ? -4.508  -9.591  -10.963 1.00 27.68 ? 93  HIS A CA  1 
ATOM   698 C  C   . HIS A 1 94  ? -5.526  -9.079  -11.976 1.00 26.75 ? 93  HIS A C   1 
ATOM   699 O  O   . HIS A 1 94  ? -6.735  -9.201  -11.772 1.00 27.46 ? 93  HIS A O   1 
ATOM   700 C  CB  . HIS A 1 94  ? -4.869  -9.152  -9.550  1.00 28.06 ? 93  HIS A CB  1 
ATOM   701 C  CG  . HIS A 1 94  ? -4.125  -9.910  -8.501  1.00 26.76 ? 93  HIS A CG  1 
ATOM   702 N  ND1 . HIS A 1 94  ? -4.608  -11.075 -7.947  1.00 30.16 ? 93  HIS A ND1 1 
ATOM   703 C  CD2 . HIS A 1 94  ? -2.908  -9.703  -7.945  1.00 26.36 ? 93  HIS A CD2 1 
ATOM   704 C  CE1 . HIS A 1 94  ? -3.733  -11.540 -7.075  1.00 26.20 ? 93  HIS A CE1 1 
ATOM   705 N  NE2 . HIS A 1 94  ? -2.693  -10.725 -7.053  1.00 26.82 ? 93  HIS A NE2 1 
ATOM   706 N  N   . GLY A 1 95  ? -5.035  -8.513  -13.071 1.00 26.98 ? 94  GLY A N   1 
ATOM   707 C  CA  . GLY A 1 95  ? -5.916  -7.972  -14.092 1.00 28.34 ? 94  GLY A CA  1 
ATOM   708 C  C   . GLY A 1 95  ? -6.754  -6.841  -13.535 1.00 27.81 ? 94  GLY A C   1 
ATOM   709 O  O   . GLY A 1 95  ? -7.904  -6.644  -13.935 1.00 29.37 ? 94  GLY A O   1 
ATOM   710 N  N   . ALA A 1 96  ? -6.167  -6.096  -12.602 1.00 27.25 ? 95  ALA A N   1 
ATOM   711 C  CA  . ALA A 1 96  ? -6.855  -5.000  -11.930 1.00 24.59 ? 95  ALA A CA  1 
ATOM   712 C  C   . ALA A 1 96  ? -6.470  -3.691  -12.586 1.00 21.10 ? 95  ALA A C   1 
ATOM   713 O  O   . ALA A 1 96  ? -5.375  -3.571  -13.133 1.00 22.23 ? 95  ALA A O   1 
ATOM   714 C  CB  . ALA A 1 96  ? -6.479  -4.969  -10.455 1.00 22.01 ? 95  ALA A CB  1 
ATOM   715 N  N   . PRO A 1 97  ? -7.376  -2.695  -12.538 1.00 21.27 ? 96  PRO A N   1 
ATOM   716 C  CA  . PRO A 1 97  ? -7.026  -1.393  -13.099 1.00 21.47 ? 96  PRO A CA  1 
ATOM   717 C  C   . PRO A 1 97  ? -5.829  -0.808  -12.370 1.00 22.84 ? 96  PRO A C   1 
ATOM   718 O  O   . PRO A 1 97  ? -5.630  -1.093  -11.179 1.00 23.92 ? 96  PRO A O   1 
ATOM   719 C  CB  . PRO A 1 97  ? -8.284  -0.540  -12.854 1.00 25.96 ? 96  PRO A CB  1 
ATOM   720 C  CG  . PRO A 1 97  ? -9.150  -1.331  -11.915 1.00 28.64 ? 96  PRO A CG  1 
ATOM   721 C  CD  . PRO A 1 97  ? -8.780  -2.768  -12.100 1.00 25.55 ? 96  PRO A CD  1 
ATOM   722 N  N   . ASP A 1 98  ? -5.017  -0.047  -13.092 1.00 20.41 ? 97  ASP A N   1 
ATOM   723 C  CA  . ASP A 1 98  ? -3.857  0.622   -12.502 1.00 22.34 ? 97  ASP A CA  1 
ATOM   724 C  C   . ASP A 1 98  ? -4.296  1.740   -11.544 1.00 22.68 ? 97  ASP A C   1 
ATOM   725 O  O   . ASP A 1 98  ? -5.275  2.444   -11.794 1.00 24.17 ? 97  ASP A O   1 
ATOM   726 C  CB  . ASP A 1 98  ? -2.961  1.175   -13.611 1.00 23.06 ? 97  ASP A CB  1 
ATOM   727 C  CG  . ASP A 1 98  ? -1.657  1.739   -13.082 1.00 24.34 ? 97  ASP A CG  1 
ATOM   728 O  OD1 . ASP A 1 98  ? -0.670  0.974   -13.001 1.00 29.54 ? 97  ASP A OD1 1 
ATOM   729 O  OD2 . ASP A 1 98  ? -1.622  2.938   -12.757 1.00 28.03 ? 97  ASP A OD2 1 
ATOM   730 N  N   . LEU A 1 99  ? -3.569  1.891   -10.440 1.00 20.15 ? 98  LEU A N   1 
ATOM   731 C  CA  . LEU A 1 99  ? -3.936  2.860   -9.412  1.00 21.71 ? 98  LEU A CA  1 
ATOM   732 C  C   . LEU A 1 99  ? -2.966  4.042   -9.365  1.00 22.32 ? 98  LEU A C   1 
ATOM   733 O  O   . LEU A 1 99  ? -2.948  4.803   -8.395  1.00 24.19 ? 98  LEU A O   1 
ATOM   734 C  CB  . LEU A 1 99  ? -4.014  2.167   -8.045  1.00 20.23 ? 98  LEU A CB  1 
ATOM   735 C  CG  . LEU A 1 99  ? -5.137  1.128   -7.963  1.00 19.17 ? 98  LEU A CG  1 
ATOM   736 C  CD1 . LEU A 1 99  ? -5.079  0.314   -6.670  1.00 23.22 ? 98  LEU A CD1 1 
ATOM   737 C  CD2 . LEU A 1 99  ? -6.483  1.828   -8.112  1.00 24.43 ? 98  LEU A CD2 1 
ATOM   738 N  N   . GLY A 1 100 ? -2.176  4.194   -10.426 1.00 23.03 ? 99  GLY A N   1 
ATOM   739 C  CA  . GLY A 1 100 ? -1.185  5.251   -10.526 1.00 22.51 ? 99  GLY A CA  1 
ATOM   740 C  C   . GLY A 1 100 ? -1.695  6.646   -10.209 1.00 24.87 ? 99  GLY A C   1 
ATOM   741 O  O   . GLY A 1 100 ? -1.006  7.419   -9.559  1.00 24.42 ? 99  GLY A O   1 
ATOM   742 N  N   . HIS A 1 101 ? -2.909  6.962   -10.649 1.00 25.18 ? 100 HIS A N   1 
ATOM   743 C  CA  . HIS A 1 101 ? -3.492  8.274   -10.386 1.00 27.97 ? 100 HIS A CA  1 
ATOM   744 C  C   . HIS A 1 101 ? -3.770  8.509   -8.902  1.00 25.44 ? 100 HIS A C   1 
ATOM   745 O  O   . HIS A 1 101 ? -3.628  9.628   -8.405  1.00 25.07 ? 100 HIS A O   1 
ATOM   746 C  CB  . HIS A 1 101 ? -4.772  8.474   -11.201 1.00 29.13 ? 100 HIS A CB  1 
ATOM   747 C  CG  . HIS A 1 101 ? -4.535  8.584   -12.675 1.00 34.22 ? 100 HIS A CG  1 
ATOM   748 N  ND1 . HIS A 1 101 ? -4.672  7.514   -13.533 1.00 38.57 ? 100 HIS A ND1 1 
ATOM   749 C  CD2 . HIS A 1 101 ? -4.163  9.637   -13.442 1.00 38.64 ? 100 HIS A CD2 1 
ATOM   750 C  CE1 . HIS A 1 101 ? -4.397  7.902   -14.767 1.00 38.43 ? 100 HIS A CE1 1 
ATOM   751 N  NE2 . HIS A 1 101 ? -4.086  9.186   -14.740 1.00 42.25 ? 100 HIS A NE2 1 
ATOM   752 N  N   . ALA A 1 102 ? -4.183  7.460   -8.200  1.00 25.38 ? 101 ALA A N   1 
ATOM   753 C  CA  . ALA A 1 102 ? -4.402  7.572   -6.760  1.00 23.58 ? 101 ALA A CA  1 
ATOM   754 C  C   . ALA A 1 102 ? -3.097  7.889   -6.044  1.00 22.74 ? 101 ALA A C   1 
ATOM   755 O  O   . ALA A 1 102 ? -3.068  8.706   -5.126  1.00 22.69 ? 101 ALA A O   1 
ATOM   756 C  CB  . ALA A 1 102 ? -5.006  6.293   -6.207  1.00 21.33 ? 101 ALA A CB  1 
ATOM   757 N  N   . ILE A 1 103 ? -2.018  7.229   -6.460  1.00 21.60 ? 102 ILE A N   1 
ATOM   758 C  CA  . ILE A 1 103 ? -0.716  7.445   -5.846  1.00 20.24 ? 102 ILE A CA  1 
ATOM   759 C  C   . ILE A 1 103 ? -0.178  8.819   -6.233  1.00 20.84 ? 102 ILE A C   1 
ATOM   760 O  O   . ILE A 1 103 ? 0.433   9.504   -5.419  1.00 21.13 ? 102 ILE A O   1 
ATOM   761 C  CB  . ILE A 1 103 ? 0.302   6.324   -6.213  1.00 18.99 ? 102 ILE A CB  1 
ATOM   762 C  CG1 . ILE A 1 103 ? -0.287  4.939   -5.929  1.00 22.71 ? 102 ILE A CG1 1 
ATOM   763 C  CG2 . ILE A 1 103 ? 1.607   6.524   -5.472  1.00 24.74 ? 102 ILE A CG2 1 
ATOM   764 C  CD1 . ILE A 1 103 ? -0.925  4.797   -4.555  1.00 23.57 ? 102 ILE A CD1 1 
ATOM   765 N  N   . ASP A 1 104 ? -0.438  9.244   -7.465  1.00 22.55 ? 103 ASP A N   1 
ATOM   766 C  CA  . ASP A 1 104 ? -0.014  10.579  -7.869  1.00 22.11 ? 103 ASP A CA  1 
ATOM   767 C  C   . ASP A 1 104 ? -0.682  11.657  -7.006  1.00 23.62 ? 103 ASP A C   1 
ATOM   768 O  O   . ASP A 1 104 ? -0.064  12.674  -6.679  1.00 24.56 ? 103 ASP A O   1 
ATOM   769 C  CB  . ASP A 1 104 ? -0.297  10.819  -9.356  1.00 23.28 ? 103 ASP A CB  1 
ATOM   770 C  CG  . ASP A 1 104 ? 0.677   10.087  -10.260 1.00 24.84 ? 103 ASP A CG  1 
ATOM   771 O  OD1 . ASP A 1 104 ? 1.759   9.685   -9.779  1.00 28.28 ? 103 ASP A OD1 1 
ATOM   772 O  OD2 . ASP A 1 104 ? 0.362   9.930   -11.460 1.00 30.39 ? 103 ASP A OD2 1 
ATOM   773 N  N   . ASP A 1 105 ? -1.936  11.433  -6.626  1.00 20.68 ? 104 ASP A N   1 
ATOM   774 C  CA  . ASP A 1 105 ? -2.634  12.394  -5.773  1.00 24.80 ? 104 ASP A CA  1 
ATOM   775 C  C   . ASP A 1 105 ? -1.990  12.516  -4.390  1.00 24.11 ? 104 ASP A C   1 
ATOM   776 O  O   . ASP A 1 105 ? -1.873  13.612  -3.837  1.00 25.19 ? 104 ASP A O   1 
ATOM   777 C  CB  . ASP A 1 105 ? -4.112  12.036  -5.639  1.00 26.88 ? 104 ASP A CB  1 
ATOM   778 C  CG  . ASP A 1 105 ? -4.915  12.371  -6.890  1.00 32.56 ? 104 ASP A CG  1 
ATOM   779 O  OD1 . ASP A 1 105 ? -4.343  12.963  -7.832  1.00 30.54 ? 104 ASP A OD1 1 
ATOM   780 O  OD2 . ASP A 1 105 ? -6.124  12.052  -6.923  1.00 32.91 ? 104 ASP A OD2 1 
ATOM   781 N  N   . ILE A 1 106 ? -1.580  11.385  -3.828  1.00 22.87 ? 105 ILE A N   1 
ATOM   782 C  CA  . ILE A 1 106 ? -0.880  11.392  -2.555  1.00 20.54 ? 105 ILE A CA  1 
ATOM   783 C  C   . ILE A 1 106 ? 0.470   12.072  -2.731  1.00 23.23 ? 105 ILE A C   1 
ATOM   784 O  O   . ILE A 1 106 ? 0.871   12.907  -1.924  1.00 23.77 ? 105 ILE A O   1 
ATOM   785 C  CB  . ILE A 1 106 ? -0.669  9.959   -2.029  1.00 21.13 ? 105 ILE A CB  1 
ATOM   786 C  CG1 . ILE A 1 106 ? -2.023  9.301   -1.783  1.00 20.61 ? 105 ILE A CG1 1 
ATOM   787 C  CG2 . ILE A 1 106 ? 0.159   9.983   -0.751  1.00 20.28 ? 105 ILE A CG2 1 
ATOM   788 C  CD1 . ILE A 1 106 ? -1.957  7.771   -1.724  1.00 19.97 ? 105 ILE A CD1 1 
ATOM   789 N  N   . LEU A 1 107 ? 1.164   11.709  -3.805  1.00 23.40 ? 106 LEU A N   1 
ATOM   790 C  CA  . LEU A 1 107 ? 2.464   12.286  -4.121  1.00 27.20 ? 106 LEU A CA  1 
ATOM   791 C  C   . LEU A 1 107 ? 2.429   13.811  -4.251  1.00 28.56 ? 106 LEU A C   1 
ATOM   792 O  O   . LEU A 1 107 ? 3.416   14.487  -3.956  1.00 30.92 ? 106 LEU A O   1 
ATOM   793 C  CB  . LEU A 1 107 ? 3.017   11.650  -5.399  1.00 24.36 ? 106 LEU A CB  1 
ATOM   794 C  CG  . LEU A 1 107 ? 3.803   10.358  -5.207  1.00 23.17 ? 106 LEU A CG  1 
ATOM   795 C  CD1 . LEU A 1 107 ? 4.086   9.702   -6.535  1.00 27.07 ? 106 LEU A CD1 1 
ATOM   796 C  CD2 . LEU A 1 107 ? 5.102   10.659  -4.461  1.00 22.90 ? 106 LEU A CD2 1 
ATOM   797 N  N   . SER A 1 108 ? 1.294   14.356  -4.676  1.00 26.13 ? 107 SER A N   1 
ATOM   798 C  CA  . SER A 1 108 ? 1.189   15.804  -4.879  1.00 29.32 ? 107 SER A CA  1 
ATOM   799 C  C   . SER A 1 108 ? 1.211   16.556  -3.548  1.00 31.22 ? 107 SER A C   1 
ATOM   800 O  O   . SER A 1 108 ? 1.500   17.756  -3.504  1.00 30.28 ? 107 SER A O   1 
ATOM   801 C  CB  . SER A 1 108 ? -0.071  16.161  -5.675  1.00 31.10 ? 107 SER A CB  1 
ATOM   802 O  OG  . SER A 1 108 ? -1.240  16.031  -4.881  1.00 30.09 ? 107 SER A OG  1 
ATOM   803 N  N   . HIS A 1 109 ? 0.919   15.845  -2.463  1.00 27.40 ? 108 HIS A N   1 
ATOM   804 C  CA  . HIS A 1 109 ? 0.927   16.442  -1.128  1.00 27.61 ? 108 HIS A CA  1 
ATOM   805 C  C   . HIS A 1 109 ? 2.207   16.123  -0.355  1.00 34.44 ? 108 HIS A C   1 
ATOM   806 O  O   . HIS A 1 109 ? 2.335   16.486  0.811   1.00 34.91 ? 108 HIS A O   1 
ATOM   807 C  CB  . HIS A 1 109 ? -0.293  15.994  -0.316  1.00 26.95 ? 108 HIS A CB  1 
ATOM   808 C  CG  . HIS A 1 109 ? -1.597  16.485  -0.859  1.00 28.54 ? 108 HIS A CG  1 
ATOM   809 N  ND1 . HIS A 1 109 ? -2.412  15.714  -1.661  1.00 28.88 ? 108 HIS A ND1 1 
ATOM   810 C  CD2 . HIS A 1 109 ? -2.224  17.680  -0.730  1.00 28.98 ? 108 HIS A CD2 1 
ATOM   811 C  CE1 . HIS A 1 109 ? -3.483  16.407  -1.998  1.00 29.40 ? 108 HIS A CE1 1 
ATOM   812 N  NE2 . HIS A 1 109 ? -3.395  17.604  -1.444  1.00 31.37 ? 108 HIS A NE2 1 
ATOM   813 N  N   . LEU A 1 110 ? 3.150   15.450  -1.007  1.00 31.56 ? 109 LEU A N   1 
ATOM   814 C  CA  . LEU A 1 110 ? 4.398   15.073  -0.363  1.00 31.39 ? 109 LEU A CA  1 
ATOM   815 C  C   . LEU A 1 110 ? 5.576   15.906  -0.863  1.00 38.55 ? 109 LEU A C   1 
ATOM   816 O  O   . LEU A 1 110 ? 6.675   15.826  -0.307  1.00 39.46 ? 109 LEU A O   1 
ATOM   817 C  CB  . LEU A 1 110 ? 4.683   13.584  -0.571  1.00 32.72 ? 109 LEU A CB  1 
ATOM   818 C  CG  . LEU A 1 110 ? 3.703   12.608  0.086   1.00 28.96 ? 109 LEU A CG  1 
ATOM   819 C  CD1 . LEU A 1 110 ? 3.935   11.183  -0.409  1.00 27.68 ? 109 LEU A CD1 1 
ATOM   820 C  CD2 . LEU A 1 110 ? 3.818   12.670  1.601   1.00 27.51 ? 109 LEU A CD2 1 
ATOM   821 O  OXT . LEU A 1 110 ? 5.464   16.672  -1.824  1.00 40.61 ? 109 LEU A OXT 1 
HETATM 822 C  C   . CMO B 2 .   ? 0.893   1.332   4.066   0.98 17.28 ? 201 CMO A C   1 
HETATM 823 O  O   . CMO B 2 .   ? 1.067   0.147   4.139   0.98 21.14 ? 201 CMO A O   1 
HETATM 824 C  C1  . GOL C 3 .   ? -9.041  -13.637 -7.141  1.00 40.89 ? 202 GOL A C1  1 
HETATM 825 O  O1  . GOL C 3 .   ? -10.181 -12.859 -7.437  1.00 46.85 ? 202 GOL A O1  1 
HETATM 826 C  C2  . GOL C 3 .   ? -7.898  -13.234 -8.064  1.00 34.76 ? 202 GOL A C2  1 
HETATM 827 O  O2  . GOL C 3 .   ? -6.683  -13.303 -7.355  1.00 43.72 ? 202 GOL A O2  1 
HETATM 828 C  C3  . GOL C 3 .   ? -8.103  -11.805 -8.536  1.00 38.73 ? 202 GOL A C3  1 
HETATM 829 O  O3  . GOL C 3 .   ? -7.133  -11.526 -9.517  1.00 45.21 ? 202 GOL A O3  1 
HETATM 830 C  CHA . HEM D 4 .   ? -0.576  3.226   7.397   1.00 18.93 ? 203 HEM A CHA 1 
HETATM 831 C  CHB . HEM D 4 .   ? -2.054  3.604   2.739   1.00 15.76 ? 203 HEM A CHB 1 
HETATM 832 C  CHC . HEM D 4 .   ? 2.642   3.344   1.157   1.00 19.15 ? 203 HEM A CHC 1 
HETATM 833 C  CHD . HEM D 4 .   ? 4.132   3.275   5.823   1.00 19.41 ? 203 HEM A CHD 1 
HETATM 834 C  C1A . HEM D 4 .   ? -1.367  3.309   6.269   1.00 16.69 ? 203 HEM A C1A 1 
HETATM 835 C  C2A . HEM D 4 .   ? -2.811  3.347   6.255   1.00 19.59 ? 203 HEM A C2A 1 
HETATM 836 C  C3A . HEM D 4 .   ? -3.217  3.443   4.982   1.00 17.38 ? 203 HEM A C3A 1 
HETATM 837 C  C4A . HEM D 4 .   ? -2.046  3.487   4.124   1.00 16.69 ? 203 HEM A C4A 1 
HETATM 838 C  CMA . HEM D 4 .   ? -4.677  3.509   4.469   1.00 16.26 ? 203 HEM A CMA 1 
HETATM 839 C  CAA . HEM D 4 .   ? -3.716  3.247   7.506   1.00 19.64 ? 203 HEM A CAA 1 
HETATM 840 C  CBA . HEM D 4 .   ? -3.582  4.448   8.428   1.00 23.62 ? 203 HEM A CBA 1 
HETATM 841 C  CGA . HEM D 4 .   ? -3.840  5.686   7.635   1.00 25.89 ? 203 HEM A CGA 1 
HETATM 842 O  O1A . HEM D 4 .   ? -2.979  6.607   7.691   1.00 28.27 ? 203 HEM A O1A 1 
HETATM 843 O  O2A . HEM D 4 .   ? -4.901  5.742   6.951   1.00 25.61 ? 203 HEM A O2A 1 
HETATM 844 C  C1B . HEM D 4 .   ? -0.917  3.503   1.934   1.00 16.18 ? 203 HEM A C1B 1 
HETATM 845 C  C2B . HEM D 4 .   ? -0.902  3.430   0.488   1.00 17.18 ? 203 HEM A C2B 1 
HETATM 846 C  C3B . HEM D 4 .   ? 0.380   3.384   0.074   1.00 18.91 ? 203 HEM A C3B 1 
HETATM 847 C  C4B . HEM D 4 .   ? 1.243   3.390   1.221   1.00 17.41 ? 203 HEM A C4B 1 
HETATM 848 C  CMB . HEM D 4 .   ? -2.177  3.464   -0.380  1.00 20.63 ? 203 HEM A CMB 1 
HETATM 849 C  CAB . HEM D 4 .   ? 0.955   3.285   -1.359  1.00 18.82 ? 203 HEM A CAB 1 
HETATM 850 C  CBB . HEM D 4 .   ? 0.385   2.540   -2.306  1.00 23.52 ? 203 HEM A CBB 1 
HETATM 851 C  C1C . HEM D 4 .   ? 3.458   3.271   2.281   1.00 17.46 ? 203 HEM A C1C 1 
HETATM 852 C  C2C . HEM D 4 .   ? 4.901   3.117   2.298   1.00 19.08 ? 203 HEM A C2C 1 
HETATM 853 C  C3C . HEM D 4 .   ? 5.316   3.071   3.575   1.00 20.42 ? 203 HEM A C3C 1 
HETATM 854 C  C4C . HEM D 4 .   ? 4.149   3.216   4.440   1.00 15.50 ? 203 HEM A C4C 1 
HETATM 855 C  CMC . HEM D 4 .   ? 5.804   2.984   1.047   1.00 19.63 ? 203 HEM A CMC 1 
HETATM 856 C  CAC . HEM D 4 .   ? 6.799   2.929   4.001   1.00 18.21 ? 203 HEM A CAC 1 
HETATM 857 C  CBC . HEM D 4 .   ? 7.180   2.483   5.209   1.00 25.00 ? 203 HEM A CBC 1 
HETATM 858 C  C1D . HEM D 4 .   ? 3.004   3.251   6.634   1.00 17.60 ? 203 HEM A C1D 1 
HETATM 859 C  C2D . HEM D 4 .   ? 3.053   3.140   8.069   1.00 18.09 ? 203 HEM A C2D 1 
HETATM 860 C  C3D . HEM D 4 .   ? 1.606   3.128   8.548   1.00 18.26 ? 203 HEM A C3D 1 
HETATM 861 C  C4D . HEM D 4 .   ? 0.805   3.215   7.359   1.00 18.31 ? 203 HEM A C4D 1 
HETATM 862 C  CMD . HEM D 4 .   ? 4.326   3.071   8.931   1.00 18.94 ? 203 HEM A CMD 1 
HETATM 863 C  CAD . HEM D 4 .   ? 1.063   3.037   9.982   1.00 20.19 ? 203 HEM A CAD 1 
HETATM 864 C  CBD . HEM D 4 .   ? 1.207   1.604   10.461  1.00 24.09 ? 203 HEM A CBD 1 
HETATM 865 C  CGD . HEM D 4 .   ? 0.729   1.547   11.888  1.00 24.60 ? 203 HEM A CGD 1 
HETATM 866 O  O1D . HEM D 4 .   ? 1.104   0.591   12.602  1.00 24.88 ? 203 HEM A O1D 1 
HETATM 867 O  O2D . HEM D 4 .   ? -0.034  2.451   12.318  1.00 27.66 ? 203 HEM A O2D 1 
HETATM 868 N  NA  . HEM D 4 .   ? -0.925  3.405   4.957   1.00 17.04 ? 203 HEM A NA  1 
HETATM 869 N  NB  . HEM D 4 .   ? 0.424   3.482   2.353   1.00 16.59 ? 203 HEM A NB  1 
HETATM 870 N  NC  . HEM D 4 .   ? 3.034   3.332   3.606   1.00 17.71 ? 203 HEM A NC  1 
HETATM 871 N  ND  . HEM D 4 .   ? 1.657   3.282   6.247   1.00 18.22 ? 203 HEM A ND  1 
HETATM 872 FE FE  . HEM D 4 .   ? 1.040   3.309   4.295   1.00 18.56 ? 203 HEM A FE  1 
HETATM 873 O  O   . HOH E 5 .   ? 1.386   -9.885  1.645   1.00 20.51 ? 301 HOH A O   1 
HETATM 874 O  O   . HOH E 5 .   ? 2.977   14.826  9.266   1.00 18.02 ? 302 HOH A O   1 
HETATM 875 O  O   . HOH E 5 .   ? -1.315  0.433   -9.818  1.00 21.17 ? 303 HOH A O   1 
HETATM 876 O  O   . HOH E 5 .   ? 0.684   2.269   -9.185  1.00 22.20 ? 304 HOH A O   1 
HETATM 877 O  O   . HOH E 5 .   ? -5.409  8.978   -3.631  1.00 20.21 ? 305 HOH A O   1 
HETATM 878 O  O   . HOH E 5 .   ? -8.735  -3.231  8.782   1.00 25.46 ? 306 HOH A O   1 
HETATM 879 O  O   . HOH E 5 .   ? -9.943  5.023   3.609   1.00 24.24 ? 307 HOH A O   1 
HETATM 880 O  O   . HOH E 5 .   ? -13.522 -2.397  -7.838  1.00 24.12 ? 308 HOH A O   1 
HETATM 881 O  O   . HOH E 5 .   ? 0.959   3.187   -11.753 1.00 24.02 ? 309 HOH A O   1 
HETATM 882 O  O   . HOH E 5 .   ? -5.027  -7.689  1.731   1.00 22.90 ? 310 HOH A O   1 
HETATM 883 O  O   . HOH E 5 .   ? -12.889 4.467   3.539   1.00 26.16 ? 311 HOH A O   1 
HETATM 884 O  O   . HOH E 5 .   ? -8.324  3.356   5.061   1.00 22.53 ? 312 HOH A O   1 
HETATM 885 O  O   . HOH E 5 .   ? 16.029  -3.701  -3.415  1.00 24.58 ? 313 HOH A O   1 
HETATM 886 O  O   . HOH E 5 .   ? -1.339  -2.898  11.964  1.00 21.86 ? 314 HOH A O   1 
HETATM 887 O  O   . HOH E 5 .   ? 10.865  -6.192  9.249   1.00 22.63 ? 315 HOH A O   1 
HETATM 888 O  O   . HOH E 5 .   ? 3.043   -8.464  14.998  1.00 26.17 ? 316 HOH A O   1 
HETATM 889 O  O   . HOH E 5 .   ? -1.156  6.567   9.976   1.00 23.02 ? 317 HOH A O   1 
HETATM 890 O  O   . HOH E 5 .   ? -4.671  5.420   -12.126 1.00 28.10 ? 318 HOH A O   1 
HETATM 891 O  O   . HOH E 5 .   ? 9.357   -15.424 3.633   1.00 27.31 ? 319 HOH A O   1 
HETATM 892 O  O   . HOH E 5 .   ? 14.173  -9.188  -0.360  1.00 24.75 ? 320 HOH A O   1 
HETATM 893 O  O   . HOH E 5 .   ? -9.494  8.478   2.838   1.00 23.35 ? 321 HOH A O   1 
HETATM 894 O  O   . HOH E 5 .   ? 1.391   -1.874  11.202  1.00 23.30 ? 322 HOH A O   1 
HETATM 895 O  O   . HOH E 5 .   ? 3.811   1.099   13.326  1.00 29.18 ? 323 HOH A O   1 
HETATM 896 O  O   . HOH E 5 .   ? -7.082  15.439  -0.903  1.00 31.10 ? 324 HOH A O   1 
HETATM 897 O  O   . HOH E 5 .   ? -14.141 7.055   2.891   1.00 26.50 ? 325 HOH A O   1 
HETATM 898 O  O   . HOH E 5 .   ? -0.149  -11.938 14.784  1.00 26.34 ? 326 HOH A O   1 
HETATM 899 O  O   . HOH E 5 .   ? 10.355  5.198   5.348   1.00 29.92 ? 327 HOH A O   1 
HETATM 900 O  O   . HOH E 5 .   ? -10.462 2.160   6.658   1.00 29.58 ? 328 HOH A O   1 
HETATM 901 O  O   . HOH E 5 .   ? -11.123 -4.238  4.161   1.00 29.75 ? 329 HOH A O   1 
HETATM 902 O  O   . HOH E 5 .   ? -6.908  -8.082  5.778   1.00 27.78 ? 330 HOH A O   1 
HETATM 903 O  O   . HOH E 5 .   ? -3.108  4.700   -14.364 1.00 34.37 ? 331 HOH A O   1 
HETATM 904 O  O   . HOH E 5 .   ? -11.373 9.672   -4.500  1.00 27.28 ? 332 HOH A O   1 
HETATM 905 O  O   . HOH E 5 .   ? 6.851   -16.520 10.330  1.00 26.44 ? 333 HOH A O   1 
HETATM 906 O  O   . HOH E 5 .   ? -6.863  15.527  -2.771  1.00 40.71 ? 334 HOH A O   1 
HETATM 907 O  O   . HOH E 5 .   ? -0.876  -2.072  -13.502 1.00 29.91 ? 335 HOH A O   1 
HETATM 908 O  O   . HOH E 5 .   ? -10.013 -6.364  2.969   1.00 29.48 ? 336 HOH A O   1 
HETATM 909 O  O   . HOH E 5 .   ? 11.842  6.455   -5.263  1.00 29.01 ? 337 HOH A O   1 
HETATM 910 O  O   . HOH E 5 .   ? -6.224  -8.195  13.107  1.00 27.77 ? 338 HOH A O   1 
HETATM 911 O  O   . HOH E 5 .   ? -12.279 -5.329  -1.541  1.00 31.15 ? 339 HOH A O   1 
HETATM 912 O  O   . HOH E 5 .   ? -7.094  10.939  -4.501  1.00 24.74 ? 340 HOH A O   1 
HETATM 913 O  O   . HOH E 5 .   ? -1.117  16.863  3.061   1.00 26.75 ? 341 HOH A O   1 
HETATM 914 O  O   . HOH E 5 .   ? 5.825   3.790   12.157  1.00 29.87 ? 342 HOH A O   1 
HETATM 915 O  O   . HOH E 5 .   ? -18.339 9.138   -2.562  1.00 34.05 ? 343 HOH A O   1 
HETATM 916 O  O   . HOH E 5 .   ? 1.955   -14.066 3.496   1.00 31.85 ? 344 HOH A O   1 
HETATM 917 O  O   . HOH E 5 .   ? -10.247 -5.028  -14.363 1.00 31.66 ? 345 HOH A O   1 
HETATM 918 O  O   . HOH E 5 .   ? -8.019  12.727  -2.574  1.00 28.51 ? 346 HOH A O   1 
HETATM 919 O  O   . HOH E 5 .   ? 13.666  4.286   0.254   1.00 31.27 ? 347 HOH A O   1 
HETATM 920 O  O   . HOH E 5 .   ? -10.824 -2.505  7.346   1.00 32.68 ? 348 HOH A O   1 
HETATM 921 O  O   . HOH E 5 .   ? 14.920  0.155   9.553   1.00 32.65 ? 349 HOH A O   1 
HETATM 922 O  O   . HOH E 5 .   ? -7.320  -7.309  3.354   1.00 24.38 ? 350 HOH A O   1 
HETATM 923 O  O   . HOH E 5 .   ? 0.012   6.362   8.288   1.00 27.80 ? 351 HOH A O   1 
HETATM 924 O  O   . HOH E 5 .   ? 2.831   -13.063 13.695  1.00 27.40 ? 352 HOH A O   1 
HETATM 925 O  O   . HOH E 5 .   ? -7.264  9.414   4.100   1.00 32.08 ? 353 HOH A O   1 
HETATM 926 O  O   . HOH E 5 .   ? -3.082  -0.540  11.579  1.00 33.36 ? 354 HOH A O   1 
HETATM 927 O  O   . HOH E 5 .   ? -5.286  12.711  9.089   1.00 32.94 ? 355 HOH A O   1 
HETATM 928 O  O   . HOH E 5 .   ? -11.833 -6.665  0.886   1.00 34.56 ? 356 HOH A O   1 
HETATM 929 O  O   . HOH E 5 .   ? 1.275   16.713  4.229   1.00 31.01 ? 357 HOH A O   1 
HETATM 930 O  O   . HOH E 5 .   ? 12.369  1.742   7.895   1.00 29.90 ? 358 HOH A O   1 
HETATM 931 O  O   . HOH E 5 .   ? 10.836  -12.976 4.791   1.00 31.66 ? 359 HOH A O   1 
HETATM 932 O  O   . HOH E 5 .   ? -14.290 -0.528  -5.578  1.00 28.94 ? 360 HOH A O   1 
HETATM 933 O  O   . HOH E 5 .   ? -11.241 -7.550  -1.876  1.00 36.46 ? 361 HOH A O   1 
HETATM 934 O  O   . HOH E 5 .   ? -0.851  -4.345  -17.118 1.00 41.41 ? 362 HOH A O   1 
HETATM 935 O  O   . HOH E 5 .   ? -7.212  4.547   7.009   1.00 29.64 ? 363 HOH A O   1 
HETATM 936 O  O   . HOH E 5 .   ? 11.518  11.602  -0.251  1.00 34.84 ? 364 HOH A O   1 
HETATM 937 O  O   . HOH E 5 .   ? -14.886 -4.054  -9.815  1.00 37.84 ? 365 HOH A O   1 
HETATM 938 O  O   . HOH E 5 .   ? -16.117 7.593   -8.149  1.00 33.49 ? 366 HOH A O   1 
HETATM 939 O  O   . HOH E 5 .   ? 3.295   -8.995  -8.325  1.00 39.19 ? 367 HOH A O   1 
HETATM 940 O  O   . HOH E 5 .   ? 12.664  3.723   5.402   1.00 37.05 ? 368 HOH A O   1 
HETATM 941 O  O   . HOH E 5 .   ? -16.329 -3.598  -8.124  1.00 43.59 ? 369 HOH A O   1 
HETATM 942 O  O   . HOH E 5 .   ? 3.583   2.945   -12.652 1.00 35.97 ? 370 HOH A O   1 
HETATM 943 O  O   . HOH E 5 .   ? -2.401  14.235  -9.328  1.00 40.75 ? 371 HOH A O   1 
HETATM 944 O  O   . HOH E 5 .   ? 6.164   -1.304  -12.067 1.00 34.78 ? 372 HOH A O   1 
HETATM 945 O  O   . HOH E 5 .   ? -14.024 8.924   -8.797  1.00 39.60 ? 373 HOH A O   1 
HETATM 946 O  O   . HOH E 5 .   ? -7.881  16.197  4.940   1.00 35.86 ? 374 HOH A O   1 
HETATM 947 O  O   . HOH E 5 .   ? -2.476  -12.429 -3.471  1.00 33.12 ? 375 HOH A O   1 
HETATM 948 O  O   . HOH E 5 .   ? 11.937  8.952   4.812   1.00 37.86 ? 376 HOH A O   1 
HETATM 949 O  O   . HOH E 5 .   ? 11.445  9.185   -6.111  1.00 34.65 ? 377 HOH A O   1 
HETATM 950 O  O   . HOH E 5 .   ? 8.356   -14.658 11.536  1.00 31.06 ? 378 HOH A O   1 
HETATM 951 O  O   . HOH E 5 .   ? -12.242 9.065   3.456   1.00 36.10 ? 379 HOH A O   1 
HETATM 952 O  O   . HOH E 5 .   ? -7.323  10.488  -8.795  1.00 34.66 ? 380 HOH A O   1 
HETATM 953 O  O   . HOH E 5 .   ? 11.794  -8.875  2.889   1.00 32.54 ? 381 HOH A O   1 
HETATM 954 O  O   . HOH E 5 .   ? -4.329  -13.439 12.547  1.00 36.56 ? 382 HOH A O   1 
HETATM 955 O  O   . HOH E 5 .   ? 2.018   13.976  -8.226  1.00 36.44 ? 383 HOH A O   1 
HETATM 956 O  O   . HOH E 5 .   ? 1.190   19.272  1.795   1.00 41.02 ? 384 HOH A O   1 
HETATM 957 O  O   . HOH E 5 .   ? 11.980  10.262  1.932   1.00 38.81 ? 385 HOH A O   1 
HETATM 958 O  O   . HOH E 5 .   ? -9.245  -5.688  10.148  1.00 38.21 ? 386 HOH A O   1 
HETATM 959 O  O   . HOH E 5 .   ? -3.024  -2.953  -14.330 1.00 33.57 ? 387 HOH A O   1 
HETATM 960 O  O   . HOH E 5 .   ? 0.084   -12.557 -1.878  1.00 35.93 ? 388 HOH A O   1 
HETATM 961 O  O   . HOH E 5 .   ? 0.583   -12.617 0.912   1.00 31.35 ? 389 HOH A O   1 
HETATM 962 O  O   . HOH E 5 .   ? -11.792 7.664   -8.642  1.00 30.32 ? 390 HOH A O   1 
HETATM 963 O  O   . HOH E 5 .   ? -12.246 13.037  -2.231  1.00 36.18 ? 391 HOH A O   1 
HETATM 964 O  O   . HOH E 5 .   ? -2.723  -11.475 -14.958 1.00 38.08 ? 392 HOH A O   1 
HETATM 965 O  O   . HOH E 5 .   ? -6.662  11.598  10.507  1.00 34.50 ? 393 HOH A O   1 
HETATM 966 O  O   . HOH E 5 .   ? -11.470 -6.452  -16.743 1.00 40.69 ? 394 HOH A O   1 
HETATM 967 O  O   . HOH E 5 .   ? 9.370   -5.931  -5.669  1.00 34.12 ? 395 HOH A O   1 
HETATM 968 O  O   . HOH E 5 .   ? -4.941  -10.092 4.869   1.00 36.47 ? 396 HOH A O   1 
HETATM 969 O  O   . HOH E 5 .   ? 7.852   -13.262 13.893  1.00 37.64 ? 397 HOH A O   1 
HETATM 970 O  O   . HOH E 5 .   ? 0.790   -0.322  14.876  1.00 32.67 ? 398 HOH A O   1 
HETATM 971 O  O   . HOH E 5 .   ? 10.483  -0.521  -5.804  1.00 36.93 ? 399 HOH A O   1 
HETATM 972 O  O   . HOH E 5 .   ? 11.405  13.735  -0.601  1.00 44.49 ? 400 HOH A O   1 
HETATM 973 O  O   . HOH E 5 .   ? -3.838  -12.874 -1.084  1.00 37.56 ? 401 HOH A O   1 
HETATM 974 O  O   . HOH E 5 .   ? 5.843   1.272   -12.754 1.00 41.80 ? 402 HOH A O   1 
HETATM 975 O  O   . HOH E 5 .   ? 11.724  -5.784  -7.177  1.00 41.04 ? 403 HOH A O   1 
HETATM 976 O  O   . HOH E 5 .   ? 3.935   -9.375  17.114  1.00 41.96 ? 404 HOH A O   1 
HETATM 977 O  O   . HOH E 5 .   ? 8.044   12.796  4.678   1.00 37.00 ? 405 HOH A O   1 
HETATM 978 O  O   . HOH E 5 .   ? 6.218   14.157  -4.167  1.00 37.05 ? 406 HOH A O   1 
HETATM 979 O  O   . HOH E 5 .   ? -6.423  -11.202 13.529  1.00 36.65 ? 407 HOH A O   1 
HETATM 980 O  O   . HOH E 5 .   ? 1.038   -15.888 5.122   1.00 35.96 ? 408 HOH A O   1 
HETATM 981 O  O   . HOH E 5 .   ? 12.265  -14.103 6.211   1.00 39.73 ? 409 HOH A O   1 
HETATM 982 O  O   . HOH E 5 .   ? 8.545   -10.420 14.625  1.00 38.08 ? 410 HOH A O   1 
HETATM 983 O  O   . HOH E 5 .   ? -5.151  -10.644 -16.413 1.00 42.25 ? 411 HOH A O   1 
HETATM 984 O  O   . HOH E 5 .   ? 10.465  11.976  4.688   1.00 40.21 ? 412 HOH A O   1 
HETATM 985 O  O   . HOH E 5 .   ? 10.066  -2.466  -7.419  1.00 46.35 ? 413 HOH A O   1 
HETATM 986 O  O   . HOH E 5 .   ? 13.761  -6.044  11.753  1.00 43.02 ? 414 HOH A O   1 
HETATM 987 O  O   . HOH E 5 .   ? -4.980  -12.424 5.460   1.00 42.93 ? 415 HOH A O   1 
HETATM 988 O  O   . HOH E 5 .   ? 10.854  -7.410  5.113   1.00 36.27 ? 416 HOH A O   1 
HETATM 989 O  O   . HOH E 5 .   ? 10.726  -10.053 6.720   1.00 35.77 ? 417 HOH A O   1 
HETATM 990 O  O   . HOH E 5 .   ? -10.235 17.020  5.447   1.00 40.83 ? 418 HOH A O   1 
HETATM 991 O  O   . HOH E 5 .   ? -8.962  -8.292  -11.185 1.00 32.47 ? 419 HOH A O   1 
HETATM 992 O  O   . HOH E 5 .   ? -11.712 -11.498 -8.680  1.00 42.34 ? 420 HOH A O   1 
HETATM 993 O  O   . HOH E 5 .   ? 11.818  -0.163  13.837  1.00 44.14 ? 421 HOH A O   1 
HETATM 994 O  O   . HOH E 5 .   ? 8.438   13.454  7.555   1.00 37.82 ? 422 HOH A O   1 
HETATM 995 O  O   . HOH E 5 .   ? -10.359 9.587   -10.426 1.00 45.34 ? 423 HOH A O   1 
HETATM 996 O  O   . HOH E 5 .   ? 12.545  -12.380 12.329  1.00 45.22 ? 424 HOH A O   1 
HETATM 997 O  O   . HOH E 5 .   ? -2.013  4.135   11.085  1.00 37.06 ? 425 HOH A O   1 
# 
